data_7LOC
# 
_entry.id   7LOC 
# 
_audit_conform.dict_name       mmcif_pdbx.dic 
_audit_conform.dict_version    5.380 
_audit_conform.dict_location   http://mmcif.pdb.org/dictionaries/ascii/mmcif_pdbx.dic 
# 
loop_
_database_2.database_id 
_database_2.database_code 
_database_2.pdbx_database_accession 
_database_2.pdbx_DOI 
PDB   7LOC         pdb_00007loc 10.2210/pdb7loc/pdb 
WWPDB D_1000254730 ?            ?                   
# 
_pdbx_database_status.status_code                     REL 
_pdbx_database_status.status_code_sf                  REL 
_pdbx_database_status.status_code_mr                  ? 
_pdbx_database_status.entry_id                        7LOC 
_pdbx_database_status.recvd_initial_deposition_date   2021-02-09 
_pdbx_database_status.SG_entry                        N 
_pdbx_database_status.deposit_site                    RCSB 
_pdbx_database_status.process_site                    RCSB 
_pdbx_database_status.status_code_cs                  ? 
_pdbx_database_status.status_code_nmr_data            ? 
_pdbx_database_status.methods_development_category    ? 
_pdbx_database_status.pdb_format_compatible           Y 
# 
loop_
_audit_author.name 
_audit_author.pdbx_ordinal 
_audit_author.identifier_ORCID 
'Kamenik, A.S.'  1 ? 
'Singh, I.'      2 ? 
'Lak, P.'        3 ? 
'Balius, T.E.'   4 ? 
'Liedl, K.R.'    5 ? 
'Shoichet, B.K.' 6 ? 
# 
_citation.abstract                  ? 
_citation.abstract_id_CAS           ? 
_citation.book_id_ISBN              ? 
_citation.book_publisher            ? 
_citation.book_publisher_city       ? 
_citation.book_title                ? 
_citation.coordinate_linkage        ? 
_citation.country                   US 
_citation.database_id_Medline       ? 
_citation.details                   ? 
_citation.id                        primary 
_citation.journal_abbrev            Proc.Natl.Acad.Sci.USA 
_citation.journal_id_ASTM           PNASA6 
_citation.journal_id_CSD            0040 
_citation.journal_id_ISSN           1091-6490 
_citation.journal_full              ? 
_citation.journal_issue             ? 
_citation.journal_volume            118 
_citation.language                  ? 
_citation.page_first                ? 
_citation.page_last                 ? 
_citation.title                     'Energy penalties enhance flexible receptor docking in a model cavity.' 
_citation.year                      2021 
_citation.database_id_CSD           ? 
_citation.pdbx_database_id_DOI      10.1073/pnas.2106195118 
_citation.pdbx_database_id_PubMed   34475217 
_citation.pdbx_database_id_patent   ? 
_citation.unpublished_flag          ? 
# 
loop_
_citation_author.citation_id 
_citation_author.name 
_citation_author.ordinal 
_citation_author.identifier_ORCID 
primary 'Kamenik, A.S.'  1 0000-0001-8657-0036 
primary 'Singh, I.'      2 ?                   
primary 'Lak, P.'        3 ?                   
primary 'Balius, T.E.'   4 0000-0002-6811-4667 
primary 'Liedl, K.R.'    5 ?                   
primary 'Shoichet, B.K.' 6 0000-0002-6098-7367 
# 
_cell.angle_alpha                  90.000 
_cell.angle_alpha_esd              ? 
_cell.angle_beta                   90.000 
_cell.angle_beta_esd               ? 
_cell.angle_gamma                  120.000 
_cell.angle_gamma_esd              ? 
_cell.entry_id                     7LOC 
_cell.details                      ? 
_cell.formula_units_Z              ? 
_cell.length_a                     60.266 
_cell.length_a_esd                 ? 
_cell.length_b                     60.266 
_cell.length_b_esd                 ? 
_cell.length_c                     96.411 
_cell.length_c_esd                 ? 
_cell.volume                       ? 
_cell.volume_esd                   ? 
_cell.Z_PDB                        6 
_cell.reciprocal_angle_alpha       ? 
_cell.reciprocal_angle_beta        ? 
_cell.reciprocal_angle_gamma       ? 
_cell.reciprocal_angle_alpha_esd   ? 
_cell.reciprocal_angle_beta_esd    ? 
_cell.reciprocal_angle_gamma_esd   ? 
_cell.reciprocal_length_a          ? 
_cell.reciprocal_length_b          ? 
_cell.reciprocal_length_c          ? 
_cell.reciprocal_length_a_esd      ? 
_cell.reciprocal_length_b_esd      ? 
_cell.reciprocal_length_c_esd      ? 
_cell.pdbx_unique_axis             ? 
# 
_symmetry.entry_id                         7LOC 
_symmetry.cell_setting                     ? 
_symmetry.Int_Tables_number                154 
_symmetry.space_group_name_Hall            ? 
_symmetry.space_group_name_H-M             'P 32 2 1' 
_symmetry.pdbx_full_space_group_name_H-M   ? 
# 
loop_
_entity.id 
_entity.type 
_entity.src_method 
_entity.pdbx_description 
_entity.formula_weight 
_entity.pdbx_number_of_molecules 
_entity.pdbx_ec 
_entity.pdbx_mutation 
_entity.pdbx_fragment 
_entity.details 
1 polymer     man Lysozyme                                 19691.541 1   3.2.1.17 L99A ? ? 
2 non-polymer syn BETA-MERCAPTOETHANOL                     78.133    2   ?        ?    ? ? 
3 non-polymer syn 2-AMINO-2-HYDROXYMETHYL-PROPANE-1,3-DIOL 122.143   1   ?        ?    ? ? 
4 non-polymer syn 1-bromanyl-4-fluoranyl-benzene           174.998   1   ?        ?    ? ? 
5 water       nat water                                    18.015    124 ?        ?    ? ? 
# 
_entity_name_com.entity_id   1 
_entity_name_com.name        'Endolysin,Lysis protein,Muramidase' 
# 
_entity_poly.entity_id                      1 
_entity_poly.type                           'polypeptide(L)' 
_entity_poly.nstd_linkage                   no 
_entity_poly.nstd_monomer                   no 
_entity_poly.pdbx_seq_one_letter_code       
;MNIFEMLRIDEGLRLKIYKDTEGYYTIGIGHLLTKSPSLNAAKSELDKAIGRNCNGVITKDEAEKLFNQDVDAAVRGILR
NAKLKPVYDSLDAVRRCAAINMVFQMGETGVAGFTNSLRMLQQKRWDEAAVNLAKSRWYNQTPNRAKRVITTFRTGTWDA
YKNLLEHHHHHH
;
_entity_poly.pdbx_seq_one_letter_code_can   
;MNIFEMLRIDEGLRLKIYKDTEGYYTIGIGHLLTKSPSLNAAKSELDKAIGRNCNGVITKDEAEKLFNQDVDAAVRGILR
NAKLKPVYDSLDAVRRCAAINMVFQMGETGVAGFTNSLRMLQQKRWDEAAVNLAKSRWYNQTPNRAKRVITTFRTGTWDA
YKNLLEHHHHHH
;
_entity_poly.pdbx_strand_id                 A 
_entity_poly.pdbx_target_identifier         ? 
# 
loop_
_entity_poly_seq.entity_id 
_entity_poly_seq.num 
_entity_poly_seq.mon_id 
_entity_poly_seq.hetero 
1 1   MET n 
1 2   ASN n 
1 3   ILE n 
1 4   PHE n 
1 5   GLU n 
1 6   MET n 
1 7   LEU n 
1 8   ARG n 
1 9   ILE n 
1 10  ASP n 
1 11  GLU n 
1 12  GLY n 
1 13  LEU n 
1 14  ARG n 
1 15  LEU n 
1 16  LYS n 
1 17  ILE n 
1 18  TYR n 
1 19  LYS n 
1 20  ASP n 
1 21  THR n 
1 22  GLU n 
1 23  GLY n 
1 24  TYR n 
1 25  TYR n 
1 26  THR n 
1 27  ILE n 
1 28  GLY n 
1 29  ILE n 
1 30  GLY n 
1 31  HIS n 
1 32  LEU n 
1 33  LEU n 
1 34  THR n 
1 35  LYS n 
1 36  SER n 
1 37  PRO n 
1 38  SER n 
1 39  LEU n 
1 40  ASN n 
1 41  ALA n 
1 42  ALA n 
1 43  LYS n 
1 44  SER n 
1 45  GLU n 
1 46  LEU n 
1 47  ASP n 
1 48  LYS n 
1 49  ALA n 
1 50  ILE n 
1 51  GLY n 
1 52  ARG n 
1 53  ASN n 
1 54  CYS n 
1 55  ASN n 
1 56  GLY n 
1 57  VAL n 
1 58  ILE n 
1 59  THR n 
1 60  LYS n 
1 61  ASP n 
1 62  GLU n 
1 63  ALA n 
1 64  GLU n 
1 65  LYS n 
1 66  LEU n 
1 67  PHE n 
1 68  ASN n 
1 69  GLN n 
1 70  ASP n 
1 71  VAL n 
1 72  ASP n 
1 73  ALA n 
1 74  ALA n 
1 75  VAL n 
1 76  ARG n 
1 77  GLY n 
1 78  ILE n 
1 79  LEU n 
1 80  ARG n 
1 81  ASN n 
1 82  ALA n 
1 83  LYS n 
1 84  LEU n 
1 85  LYS n 
1 86  PRO n 
1 87  VAL n 
1 88  TYR n 
1 89  ASP n 
1 90  SER n 
1 91  LEU n 
1 92  ASP n 
1 93  ALA n 
1 94  VAL n 
1 95  ARG n 
1 96  ARG n 
1 97  CYS n 
1 98  ALA n 
1 99  ALA n 
1 100 ILE n 
1 101 ASN n 
1 102 MET n 
1 103 VAL n 
1 104 PHE n 
1 105 GLN n 
1 106 MET n 
1 107 GLY n 
1 108 GLU n 
1 109 THR n 
1 110 GLY n 
1 111 VAL n 
1 112 ALA n 
1 113 GLY n 
1 114 PHE n 
1 115 THR n 
1 116 ASN n 
1 117 SER n 
1 118 LEU n 
1 119 ARG n 
1 120 MET n 
1 121 LEU n 
1 122 GLN n 
1 123 GLN n 
1 124 LYS n 
1 125 ARG n 
1 126 TRP n 
1 127 ASP n 
1 128 GLU n 
1 129 ALA n 
1 130 ALA n 
1 131 VAL n 
1 132 ASN n 
1 133 LEU n 
1 134 ALA n 
1 135 LYS n 
1 136 SER n 
1 137 ARG n 
1 138 TRP n 
1 139 TYR n 
1 140 ASN n 
1 141 GLN n 
1 142 THR n 
1 143 PRO n 
1 144 ASN n 
1 145 ARG n 
1 146 ALA n 
1 147 LYS n 
1 148 ARG n 
1 149 VAL n 
1 150 ILE n 
1 151 THR n 
1 152 THR n 
1 153 PHE n 
1 154 ARG n 
1 155 THR n 
1 156 GLY n 
1 157 THR n 
1 158 TRP n 
1 159 ASP n 
1 160 ALA n 
1 161 TYR n 
1 162 LYS n 
1 163 ASN n 
1 164 LEU n 
1 165 LEU n 
1 166 GLU n 
1 167 HIS n 
1 168 HIS n 
1 169 HIS n 
1 170 HIS n 
1 171 HIS n 
1 172 HIS n 
# 
_entity_src_gen.entity_id                          1 
_entity_src_gen.pdbx_src_id                        1 
_entity_src_gen.pdbx_alt_source_flag               sample 
_entity_src_gen.pdbx_seq_type                      'Biological sequence' 
_entity_src_gen.pdbx_beg_seq_num                   1 
_entity_src_gen.pdbx_end_seq_num                   172 
_entity_src_gen.gene_src_common_name               'Bacteriophage T4' 
_entity_src_gen.gene_src_genus                     ? 
_entity_src_gen.pdbx_gene_src_gene                 'e, T4Tp126' 
_entity_src_gen.gene_src_species                   ? 
_entity_src_gen.gene_src_strain                    ? 
_entity_src_gen.gene_src_tissue                    ? 
_entity_src_gen.gene_src_tissue_fraction           ? 
_entity_src_gen.gene_src_details                   ? 
_entity_src_gen.pdbx_gene_src_fragment             ? 
_entity_src_gen.pdbx_gene_src_scientific_name      'Enterobacteria phage T4' 
_entity_src_gen.pdbx_gene_src_ncbi_taxonomy_id     10665 
_entity_src_gen.pdbx_gene_src_variant              ? 
_entity_src_gen.pdbx_gene_src_cell_line            ? 
_entity_src_gen.pdbx_gene_src_atcc                 ? 
_entity_src_gen.pdbx_gene_src_organ                ? 
_entity_src_gen.pdbx_gene_src_organelle            ? 
_entity_src_gen.pdbx_gene_src_cell                 ? 
_entity_src_gen.pdbx_gene_src_cellular_location    ? 
_entity_src_gen.host_org_common_name               ? 
_entity_src_gen.pdbx_host_org_scientific_name      
;Escherichia coli 'BL21-Gold(DE3)pLysS AG'
;
_entity_src_gen.pdbx_host_org_ncbi_taxonomy_id     866768 
_entity_src_gen.host_org_genus                     ? 
_entity_src_gen.pdbx_host_org_gene                 ? 
_entity_src_gen.pdbx_host_org_organ                ? 
_entity_src_gen.host_org_species                   ? 
_entity_src_gen.pdbx_host_org_tissue               ? 
_entity_src_gen.pdbx_host_org_tissue_fraction      ? 
_entity_src_gen.pdbx_host_org_strain               ? 
_entity_src_gen.pdbx_host_org_variant              ? 
_entity_src_gen.pdbx_host_org_cell_line            ? 
_entity_src_gen.pdbx_host_org_atcc                 ? 
_entity_src_gen.pdbx_host_org_culture_collection   ? 
_entity_src_gen.pdbx_host_org_cell                 ? 
_entity_src_gen.pdbx_host_org_organelle            ? 
_entity_src_gen.pdbx_host_org_cellular_location    ? 
_entity_src_gen.pdbx_host_org_vector_type          ? 
_entity_src_gen.pdbx_host_org_vector               ? 
_entity_src_gen.host_org_details                   ? 
_entity_src_gen.expression_system_id               ? 
_entity_src_gen.plasmid_name                       ? 
_entity_src_gen.plasmid_details                    ? 
_entity_src_gen.pdbx_description                   ? 
# 
_struct_ref.id                         1 
_struct_ref.db_name                    UNP 
_struct_ref.db_code                    D9IEF7_BPT4 
_struct_ref.pdbx_db_accession          D9IEF7 
_struct_ref.pdbx_db_isoform            ? 
_struct_ref.entity_id                  1 
_struct_ref.pdbx_seq_one_letter_code   
;MNIFEMLRIDEGLRLKIYKDTEGYYTIGIGHLLTKSPSLNAAKSELDKAIGRNCNGVITKDEAEKLFNQDVDAAVRGILR
NAKLKPVYDSLDAVRRCALINMVFQMGETGVAGFTNSLRMLQQKRWDEAAVNLAKSRWYNQTPNRAKRVITTFRTGTWDA
YKNL
;
_struct_ref.pdbx_align_begin           1 
# 
_struct_ref_seq.align_id                      1 
_struct_ref_seq.ref_id                        1 
_struct_ref_seq.pdbx_PDB_id_code              7LOC 
_struct_ref_seq.pdbx_strand_id                A 
_struct_ref_seq.seq_align_beg                 1 
_struct_ref_seq.pdbx_seq_align_beg_ins_code   ? 
_struct_ref_seq.seq_align_end                 164 
_struct_ref_seq.pdbx_seq_align_end_ins_code   ? 
_struct_ref_seq.pdbx_db_accession             D9IEF7 
_struct_ref_seq.db_align_beg                  1 
_struct_ref_seq.pdbx_db_align_beg_ins_code    ? 
_struct_ref_seq.db_align_end                  164 
_struct_ref_seq.pdbx_db_align_end_ins_code    ? 
_struct_ref_seq.pdbx_auth_seq_align_beg       1 
_struct_ref_seq.pdbx_auth_seq_align_end       164 
# 
loop_
_struct_ref_seq_dif.align_id 
_struct_ref_seq_dif.pdbx_pdb_id_code 
_struct_ref_seq_dif.mon_id 
_struct_ref_seq_dif.pdbx_pdb_strand_id 
_struct_ref_seq_dif.seq_num 
_struct_ref_seq_dif.pdbx_pdb_ins_code 
_struct_ref_seq_dif.pdbx_seq_db_name 
_struct_ref_seq_dif.pdbx_seq_db_accession_code 
_struct_ref_seq_dif.db_mon_id 
_struct_ref_seq_dif.pdbx_seq_db_seq_num 
_struct_ref_seq_dif.details 
_struct_ref_seq_dif.pdbx_auth_seq_num 
_struct_ref_seq_dif.pdbx_ordinal 
1 7LOC ALA A 99  ? UNP D9IEF7 LEU 99 'engineered mutation' 99  1 
1 7LOC LEU A 165 ? UNP D9IEF7 ?   ?  'expression tag'      165 2 
1 7LOC GLU A 166 ? UNP D9IEF7 ?   ?  'expression tag'      166 3 
1 7LOC HIS A 167 ? UNP D9IEF7 ?   ?  'expression tag'      167 4 
1 7LOC HIS A 168 ? UNP D9IEF7 ?   ?  'expression tag'      168 5 
1 7LOC HIS A 169 ? UNP D9IEF7 ?   ?  'expression tag'      169 6 
1 7LOC HIS A 170 ? UNP D9IEF7 ?   ?  'expression tag'      170 7 
1 7LOC HIS A 171 ? UNP D9IEF7 ?   ?  'expression tag'      171 8 
1 7LOC HIS A 172 ? UNP D9IEF7 ?   ?  'expression tag'      172 9 
# 
loop_
_chem_comp.id 
_chem_comp.type 
_chem_comp.mon_nstd_flag 
_chem_comp.name 
_chem_comp.pdbx_synonyms 
_chem_comp.formula 
_chem_comp.formula_weight 
ALA 'L-peptide linking' y ALANINE                                  ?             'C3 H7 N O2'     89.093  
ARG 'L-peptide linking' y ARGININE                                 ?             'C6 H15 N4 O2 1' 175.209 
ASN 'L-peptide linking' y ASPARAGINE                               ?             'C4 H8 N2 O3'    132.118 
ASP 'L-peptide linking' y 'ASPARTIC ACID'                          ?             'C4 H7 N O4'     133.103 
BME non-polymer         . BETA-MERCAPTOETHANOL                     ?             'C2 H6 O S'      78.133  
CYS 'L-peptide linking' y CYSTEINE                                 ?             'C3 H7 N O2 S'   121.158 
GLN 'L-peptide linking' y GLUTAMINE                                ?             'C5 H10 N2 O3'   146.144 
GLU 'L-peptide linking' y 'GLUTAMIC ACID'                          ?             'C5 H9 N O4'     147.129 
GLY 'peptide linking'   y GLYCINE                                  ?             'C2 H5 N O2'     75.067  
HIS 'L-peptide linking' y HISTIDINE                                ?             'C6 H10 N3 O2 1' 156.162 
HOH non-polymer         . WATER                                    ?             'H2 O'           18.015  
ILE 'L-peptide linking' y ISOLEUCINE                               ?             'C6 H13 N O2'    131.173 
LEU 'L-peptide linking' y LEUCINE                                  ?             'C6 H13 N O2'    131.173 
LYS 'L-peptide linking' y LYSINE                                   ?             'C6 H15 N2 O2 1' 147.195 
MET 'L-peptide linking' y METHIONINE                               ?             'C5 H11 N O2 S'  149.211 
PHE 'L-peptide linking' y PHENYLALANINE                            ?             'C9 H11 N O2'    165.189 
PRO 'L-peptide linking' y PROLINE                                  ?             'C5 H9 N O2'     115.130 
SER 'L-peptide linking' y SERINE                                   ?             'C3 H7 N O3'     105.093 
THR 'L-peptide linking' y THREONINE                                ?             'C4 H9 N O3'     119.119 
TRP 'L-peptide linking' y TRYPTOPHAN                               ?             'C11 H12 N2 O2'  204.225 
TRS non-polymer         . 2-AMINO-2-HYDROXYMETHYL-PROPANE-1,3-DIOL 'TRIS BUFFER' 'C4 H12 N O3 1'  122.143 
TYR 'L-peptide linking' y TYROSINE                                 ?             'C9 H11 N O3'    181.189 
VAL 'L-peptide linking' y VALINE                                   ?             'C5 H11 N O2'    117.146 
Y87 non-polymer         . 1-bromanyl-4-fluoranyl-benzene           ?             'C6 H4 Br F'     174.998 
# 
_exptl.absorpt_coefficient_mu     ? 
_exptl.absorpt_correction_T_max   ? 
_exptl.absorpt_correction_T_min   ? 
_exptl.absorpt_correction_type    ? 
_exptl.absorpt_process_details    ? 
_exptl.entry_id                   7LOC 
_exptl.crystals_number            1 
_exptl.details                    ? 
_exptl.method                     'X-RAY DIFFRACTION' 
_exptl.method_details             ? 
# 
_exptl_crystal.colour                      ? 
_exptl_crystal.density_diffrn              ? 
_exptl_crystal.density_Matthews            2.57 
_exptl_crystal.density_method              ? 
_exptl_crystal.density_percent_sol         52.08 
_exptl_crystal.description                 ? 
_exptl_crystal.F_000                       ? 
_exptl_crystal.id                          1 
_exptl_crystal.preparation                 ? 
_exptl_crystal.size_max                    ? 
_exptl_crystal.size_mid                    ? 
_exptl_crystal.size_min                    ? 
_exptl_crystal.size_rad                    ? 
_exptl_crystal.colour_lustre               ? 
_exptl_crystal.colour_modifier             ? 
_exptl_crystal.colour_primary              ? 
_exptl_crystal.density_meas                ? 
_exptl_crystal.density_meas_esd            ? 
_exptl_crystal.density_meas_gt             ? 
_exptl_crystal.density_meas_lt             ? 
_exptl_crystal.density_meas_temp           ? 
_exptl_crystal.density_meas_temp_esd       ? 
_exptl_crystal.density_meas_temp_gt        ? 
_exptl_crystal.density_meas_temp_lt        ? 
_exptl_crystal.pdbx_crystal_image_url      ? 
_exptl_crystal.pdbx_crystal_image_format   ? 
_exptl_crystal.pdbx_mosaicity              ? 
_exptl_crystal.pdbx_mosaicity_esd          ? 
# 
_exptl_crystal_grow.apparatus       ? 
_exptl_crystal_grow.atmosphere      ? 
_exptl_crystal_grow.crystal_id      1 
_exptl_crystal_grow.details         ? 
_exptl_crystal_grow.method          'VAPOR DIFFUSION, HANGING DROP' 
_exptl_crystal_grow.method_ref      ? 
_exptl_crystal_grow.pH              8.0 
_exptl_crystal_grow.pressure        ? 
_exptl_crystal_grow.pressure_esd    ? 
_exptl_crystal_grow.seeding         ? 
_exptl_crystal_grow.seeding_ref     ? 
_exptl_crystal_grow.temp            294 
_exptl_crystal_grow.temp_details    ? 
_exptl_crystal_grow.temp_esd        ? 
_exptl_crystal_grow.time            ? 
_exptl_crystal_grow.pdbx_details    'Isopropanol, PEG 4000, Tris-Cl pH 8.0, Beta-mercaptoethanol,  2-hyrdoxyethyl disulfide' 
_exptl_crystal_grow.pdbx_pH_range   ? 
# 
_diffrn.ambient_environment              ? 
_diffrn.ambient_temp                     100 
_diffrn.ambient_temp_details             ? 
_diffrn.ambient_temp_esd                 ? 
_diffrn.crystal_id                       1 
_diffrn.crystal_support                  ? 
_diffrn.crystal_treatment                ? 
_diffrn.details                          ? 
_diffrn.id                               1 
_diffrn.ambient_pressure                 ? 
_diffrn.ambient_pressure_esd             ? 
_diffrn.ambient_pressure_gt              ? 
_diffrn.ambient_pressure_lt              ? 
_diffrn.ambient_temp_gt                  ? 
_diffrn.ambient_temp_lt                  ? 
_diffrn.pdbx_serial_crystal_experiment   N 
# 
_diffrn_detector.details                      ? 
_diffrn_detector.detector                     PIXEL 
_diffrn_detector.diffrn_id                    1 
_diffrn_detector.type                         'DECTRIS PILATUS3 S 6M' 
_diffrn_detector.area_resol_mean              ? 
_diffrn_detector.dtime                        ? 
_diffrn_detector.pdbx_frames_total            ? 
_diffrn_detector.pdbx_collection_time_total   ? 
_diffrn_detector.pdbx_collection_date         2020-11-24 
_diffrn_detector.pdbx_frequency               ? 
# 
_diffrn_radiation.collimation                      ? 
_diffrn_radiation.diffrn_id                        1 
_diffrn_radiation.filter_edge                      ? 
_diffrn_radiation.inhomogeneity                    ? 
_diffrn_radiation.monochromator                    ? 
_diffrn_radiation.polarisn_norm                    ? 
_diffrn_radiation.polarisn_ratio                   ? 
_diffrn_radiation.probe                            ? 
_diffrn_radiation.type                             ? 
_diffrn_radiation.xray_symbol                      ? 
_diffrn_radiation.wavelength_id                    1 
_diffrn_radiation.pdbx_monochromatic_or_laue_m_l   M 
_diffrn_radiation.pdbx_wavelength_list             ? 
_diffrn_radiation.pdbx_wavelength                  ? 
_diffrn_radiation.pdbx_diffrn_protocol             'SINGLE WAVELENGTH' 
_diffrn_radiation.pdbx_analyzer                    ? 
_diffrn_radiation.pdbx_scattering_type             x-ray 
# 
_diffrn_radiation_wavelength.id           1 
_diffrn_radiation_wavelength.wavelength   0.95386 
_diffrn_radiation_wavelength.wt           1.0 
# 
_diffrn_source.current                     ? 
_diffrn_source.details                     ? 
_diffrn_source.diffrn_id                   1 
_diffrn_source.power                       ? 
_diffrn_source.size                        ? 
_diffrn_source.source                      SYNCHROTRON 
_diffrn_source.target                      ? 
_diffrn_source.type                        'ALS BEAMLINE 8.3.1' 
_diffrn_source.voltage                     ? 
_diffrn_source.take-off_angle              ? 
_diffrn_source.pdbx_wavelength_list        0.95386 
_diffrn_source.pdbx_wavelength             ? 
_diffrn_source.pdbx_synchrotron_beamline   8.3.1 
_diffrn_source.pdbx_synchrotron_site       ALS 
# 
_reflns.B_iso_Wilson_estimate            12.990 
_reflns.entry_id                         7LOC 
_reflns.data_reduction_details           ? 
_reflns.data_reduction_method            ? 
_reflns.d_resolution_high                1.160 
_reflns.d_resolution_low                 52.1920 
_reflns.details                          ? 
_reflns.limit_h_max                      ? 
_reflns.limit_h_min                      ? 
_reflns.limit_k_max                      ? 
_reflns.limit_k_min                      ? 
_reflns.limit_l_max                      ? 
_reflns.limit_l_min                      ? 
_reflns.number_all                       ? 
_reflns.number_obs                       70492 
_reflns.observed_criterion               ? 
_reflns.observed_criterion_F_max         ? 
_reflns.observed_criterion_F_min         ? 
_reflns.observed_criterion_I_max         ? 
_reflns.observed_criterion_I_min         ? 
_reflns.observed_criterion_sigma_F       ? 
_reflns.observed_criterion_sigma_I       ? 
_reflns.percent_possible_obs             99.700 
_reflns.R_free_details                   ? 
_reflns.Rmerge_F_all                     ? 
_reflns.Rmerge_F_obs                     ? 
_reflns.Friedel_coverage                 ? 
_reflns.number_gt                        ? 
_reflns.threshold_expression             ? 
_reflns.pdbx_redundancy                  19.300 
_reflns.pdbx_Rmerge_I_obs                0.070 
_reflns.pdbx_Rmerge_I_all                ? 
_reflns.pdbx_Rsym_value                  ? 
_reflns.pdbx_netI_over_av_sigmaI         ? 
_reflns.pdbx_netI_over_sigmaI            24.200 
_reflns.pdbx_res_netI_over_av_sigmaI_2   ? 
_reflns.pdbx_res_netI_over_sigmaI_2      ? 
_reflns.pdbx_chi_squared                 ? 
_reflns.pdbx_scaling_rejects             ? 
_reflns.pdbx_d_res_high_opt              ? 
_reflns.pdbx_d_res_low_opt               ? 
_reflns.pdbx_d_res_opt_method            ? 
_reflns.phase_calculation_details        ? 
_reflns.pdbx_Rrim_I_all                  0.072 
_reflns.pdbx_Rpim_I_all                  0.016 
_reflns.pdbx_d_opt                       ? 
_reflns.pdbx_number_measured_all         ? 
_reflns.pdbx_diffrn_id                   1 
_reflns.pdbx_ordinal                     1 
_reflns.pdbx_CC_half                     1.000 
_reflns.pdbx_CC_star                     ? 
_reflns.pdbx_R_split                     ? 
# 
loop_
_reflns_shell.d_res_high 
_reflns_shell.d_res_low 
_reflns_shell.meanI_over_sigI_all 
_reflns_shell.meanI_over_sigI_obs 
_reflns_shell.number_measured_all 
_reflns_shell.number_measured_obs 
_reflns_shell.number_possible 
_reflns_shell.number_unique_all 
_reflns_shell.number_unique_obs 
_reflns_shell.percent_possible_all 
_reflns_shell.percent_possible_obs 
_reflns_shell.Rmerge_F_all 
_reflns_shell.Rmerge_F_obs 
_reflns_shell.Rmerge_I_all 
_reflns_shell.Rmerge_I_obs 
_reflns_shell.meanI_over_sigI_gt 
_reflns_shell.meanI_over_uI_all 
_reflns_shell.meanI_over_uI_gt 
_reflns_shell.number_measured_gt 
_reflns_shell.number_unique_gt 
_reflns_shell.percent_possible_gt 
_reflns_shell.Rmerge_F_gt 
_reflns_shell.Rmerge_I_gt 
_reflns_shell.pdbx_redundancy 
_reflns_shell.pdbx_Rsym_value 
_reflns_shell.pdbx_chi_squared 
_reflns_shell.pdbx_netI_over_sigmaI_all 
_reflns_shell.pdbx_netI_over_sigmaI_obs 
_reflns_shell.pdbx_Rrim_I_all 
_reflns_shell.pdbx_Rpim_I_all 
_reflns_shell.pdbx_rejects 
_reflns_shell.pdbx_ordinal 
_reflns_shell.pdbx_diffrn_id 
_reflns_shell.pdbx_CC_half 
_reflns_shell.pdbx_CC_star 
_reflns_shell.pdbx_R_split 
1.160 1.180  ? ? 57077 ? ? ? 3236 94.000  ? ? ? ? 1.976 ? ? ? ? ? ? ? ? 17.600 ? ? ? 1.700   2.034 0.472 ? 1 1 0.671 ? ? 
6.360 52.190 ? ? 9184  ? ? ? 519  100.000 ? ? ? ? 0.021 ? ? ? ? ? ? ? ? 17.700 ? ? ? 112.800 0.022 0.005 ? 2 1 1.000 ? ? 
# 
_refine.aniso_B[1][1]                            ? 
_refine.aniso_B[1][2]                            ? 
_refine.aniso_B[1][3]                            ? 
_refine.aniso_B[2][2]                            ? 
_refine.aniso_B[2][3]                            ? 
_refine.aniso_B[3][3]                            ? 
_refine.B_iso_max                                76.510 
_refine.B_iso_mean                               16.0186 
_refine.B_iso_min                                8.100 
_refine.correlation_coeff_Fo_to_Fc               ? 
_refine.correlation_coeff_Fo_to_Fc_free          ? 
_refine.details                                  ? 
_refine.diff_density_max                         ? 
_refine.diff_density_max_esd                     ? 
_refine.diff_density_min                         ? 
_refine.diff_density_min_esd                     ? 
_refine.diff_density_rms                         ? 
_refine.diff_density_rms_esd                     ? 
_refine.entry_id                                 7LOC 
_refine.pdbx_refine_id                           'X-RAY DIFFRACTION' 
_refine.ls_abs_structure_details                 ? 
_refine.ls_abs_structure_Flack                   ? 
_refine.ls_abs_structure_Flack_esd               ? 
_refine.ls_abs_structure_Rogers                  ? 
_refine.ls_abs_structure_Rogers_esd              ? 
_refine.ls_d_res_high                            1.1600 
_refine.ls_d_res_low                             52.1920 
_refine.ls_extinction_coef                       ? 
_refine.ls_extinction_coef_esd                   ? 
_refine.ls_extinction_expression                 ? 
_refine.ls_extinction_method                     ? 
_refine.ls_goodness_of_fit_all                   ? 
_refine.ls_goodness_of_fit_all_esd               ? 
_refine.ls_goodness_of_fit_obs                   ? 
_refine.ls_goodness_of_fit_obs_esd               ? 
_refine.ls_hydrogen_treatment                    ? 
_refine.ls_matrix_type                           ? 
_refine.ls_number_constraints                    ? 
_refine.ls_number_parameters                     ? 
_refine.ls_number_reflns_all                     ? 
_refine.ls_number_reflns_obs                     70424 
_refine.ls_number_reflns_R_free                  3528 
_refine.ls_number_reflns_R_work                  66896 
_refine.ls_number_restraints                     ? 
_refine.ls_percent_reflns_obs                    99.6900 
_refine.ls_percent_reflns_R_free                 5.0100 
_refine.ls_R_factor_all                          ? 
_refine.ls_R_factor_obs                          0.1981 
_refine.ls_R_factor_R_free                       0.2079 
_refine.ls_R_factor_R_free_error                 ? 
_refine.ls_R_factor_R_free_error_details         ? 
_refine.ls_R_factor_R_work                       0.1976 
_refine.ls_R_Fsqd_factor_obs                     ? 
_refine.ls_R_I_factor_obs                        ? 
_refine.ls_redundancy_reflns_all                 ? 
_refine.ls_redundancy_reflns_obs                 ? 
_refine.ls_restrained_S_all                      ? 
_refine.ls_restrained_S_obs                      ? 
_refine.ls_shift_over_esd_max                    ? 
_refine.ls_shift_over_esd_mean                   ? 
_refine.ls_structure_factor_coef                 ? 
_refine.ls_weighting_details                     ? 
_refine.ls_weighting_scheme                      ? 
_refine.ls_wR_factor_all                         ? 
_refine.ls_wR_factor_obs                         ? 
_refine.ls_wR_factor_R_free                      ? 
_refine.ls_wR_factor_R_work                      ? 
_refine.occupancy_max                            ? 
_refine.occupancy_min                            ? 
_refine.solvent_model_details                    'FLAT BULK SOLVENT MODEL' 
_refine.solvent_model_param_bsol                 ? 
_refine.solvent_model_param_ksol                 ? 
_refine.pdbx_R_complete                          ? 
_refine.ls_R_factor_gt                           ? 
_refine.ls_goodness_of_fit_gt                    ? 
_refine.ls_goodness_of_fit_ref                   ? 
_refine.ls_shift_over_su_max                     ? 
_refine.ls_shift_over_su_max_lt                  ? 
_refine.ls_shift_over_su_mean                    ? 
_refine.ls_shift_over_su_mean_lt                 ? 
_refine.pdbx_ls_sigma_I                          ? 
_refine.pdbx_ls_sigma_F                          1.330 
_refine.pdbx_ls_sigma_Fsqd                       ? 
_refine.pdbx_data_cutoff_high_absF               ? 
_refine.pdbx_data_cutoff_high_rms_absF           ? 
_refine.pdbx_data_cutoff_low_absF                ? 
_refine.pdbx_isotropic_thermal_model             ? 
_refine.pdbx_ls_cross_valid_method               THROUGHOUT 
_refine.pdbx_method_to_determine_struct          'MOLECULAR REPLACEMENT' 
_refine.pdbx_starting_model                      4W57 
_refine.pdbx_stereochemistry_target_values       ML 
_refine.pdbx_R_Free_selection_details            ? 
_refine.pdbx_stereochem_target_val_spec_case     ? 
_refine.pdbx_overall_ESU_R                       ? 
_refine.pdbx_overall_ESU_R_Free                  ? 
_refine.pdbx_solvent_vdw_probe_radii             1.1100 
_refine.pdbx_solvent_ion_probe_radii             ? 
_refine.pdbx_solvent_shrinkage_radii             0.9000 
_refine.pdbx_real_space_R                        ? 
_refine.pdbx_density_correlation                 ? 
_refine.pdbx_pd_number_of_powder_patterns        ? 
_refine.pdbx_pd_number_of_points                 ? 
_refine.pdbx_pd_meas_number_of_points            ? 
_refine.pdbx_pd_proc_ls_prof_R_factor            ? 
_refine.pdbx_pd_proc_ls_prof_wR_factor           ? 
_refine.pdbx_pd_Marquardt_correlation_coeff      ? 
_refine.pdbx_pd_Fsqrd_R_factor                   ? 
_refine.pdbx_pd_ls_matrix_band_width             ? 
_refine.pdbx_overall_phase_error                 20.6100 
_refine.pdbx_overall_SU_R_free_Cruickshank_DPI   ? 
_refine.pdbx_overall_SU_R_free_Blow_DPI          ? 
_refine.pdbx_overall_SU_R_Blow_DPI               ? 
_refine.pdbx_TLS_residual_ADP_flag               ? 
_refine.pdbx_diffrn_id                           1 
_refine.overall_SU_B                             ? 
_refine.overall_SU_ML                            0.1200 
_refine.overall_SU_R_Cruickshank_DPI             ? 
_refine.overall_SU_R_free                        ? 
_refine.overall_FOM_free_R_set                   ? 
_refine.overall_FOM_work_R_set                   ? 
_refine.pdbx_average_fsc_overall                 ? 
_refine.pdbx_average_fsc_work                    ? 
_refine.pdbx_average_fsc_free                    ? 
# 
_refine_hist.pdbx_refine_id                   'X-RAY DIFFRACTION' 
_refine_hist.cycle_id                         final 
_refine_hist.details                          ? 
_refine_hist.d_res_high                       1.1600 
_refine_hist.d_res_low                        52.1920 
_refine_hist.number_atoms_solvent             124 
_refine_hist.number_atoms_total               1438 
_refine_hist.number_reflns_all                ? 
_refine_hist.number_reflns_obs                ? 
_refine_hist.number_reflns_R_free             ? 
_refine_hist.number_reflns_R_work             ? 
_refine_hist.R_factor_all                     ? 
_refine_hist.R_factor_obs                     ? 
_refine_hist.R_factor_R_free                  ? 
_refine_hist.R_factor_R_work                  ? 
_refine_hist.pdbx_number_residues_total       163 
_refine_hist.pdbx_B_iso_mean_ligand           24.03 
_refine_hist.pdbx_B_iso_mean_solvent          22.91 
_refine_hist.pdbx_number_atoms_protein        1290 
_refine_hist.pdbx_number_atoms_nucleic_acid   0 
_refine_hist.pdbx_number_atoms_ligand         24 
_refine_hist.pdbx_number_atoms_lipid          ? 
_refine_hist.pdbx_number_atoms_carb           ? 
_refine_hist.pdbx_pseudo_atom_details         ? 
# 
loop_
_refine_ls_restr.pdbx_refine_id 
_refine_ls_restr.criterion 
_refine_ls_restr.dev_ideal 
_refine_ls_restr.dev_ideal_target 
_refine_ls_restr.number 
_refine_ls_restr.rejects 
_refine_ls_restr.type 
_refine_ls_restr.weight 
_refine_ls_restr.pdbx_restraint_function 
'X-RAY DIFFRACTION' ? 0.004 ? 1390 ? f_bond_d           ? ? 
'X-RAY DIFFRACTION' ? 0.765 ? 1867 ? f_angle_d          ? ? 
'X-RAY DIFFRACTION' ? 0.063 ? 204  ? f_chiral_restr     ? ? 
'X-RAY DIFFRACTION' ? 0.005 ? 236  ? f_plane_restr      ? ? 
'X-RAY DIFFRACTION' ? 2.040 ? 1442 ? f_dihedral_angle_d ? ? 
# 
loop_
_refine_ls_shell.pdbx_refine_id 
_refine_ls_shell.d_res_high 
_refine_ls_shell.d_res_low 
_refine_ls_shell.number_reflns_all 
_refine_ls_shell.number_reflns_obs 
_refine_ls_shell.number_reflns_R_free 
_refine_ls_shell.number_reflns_R_work 
_refine_ls_shell.percent_reflns_obs 
_refine_ls_shell.percent_reflns_R_free 
_refine_ls_shell.R_factor_all 
_refine_ls_shell.R_factor_obs 
_refine_ls_shell.R_factor_R_free 
_refine_ls_shell.R_factor_R_free_error 
_refine_ls_shell.R_factor_R_work 
_refine_ls_shell.redundancy_reflns_all 
_refine_ls_shell.redundancy_reflns_obs 
_refine_ls_shell.wR_factor_all 
_refine_ls_shell.wR_factor_obs 
_refine_ls_shell.wR_factor_R_free 
_refine_ls_shell.wR_factor_R_work 
_refine_ls_shell.pdbx_R_complete 
_refine_ls_shell.pdbx_total_number_of_bins_used 
_refine_ls_shell.pdbx_phase_error 
_refine_ls_shell.pdbx_fsc_work 
_refine_ls_shell.pdbx_fsc_free 
'X-RAY DIFFRACTION' 1.1604 1.1763  . . 109 2420 92.0000  . . . 0.2879 0.0000 0.2844 . . . . . . . . . . . 
'X-RAY DIFFRACTION' 1.1763 1.1931  . . 152 2638 100.0000 . . . 0.2859 0.0000 0.2774 . . . . . . . . . . . 
'X-RAY DIFFRACTION' 1.1931 1.2109  . . 149 2671 100.0000 . . . 0.2700 0.0000 0.2599 . . . . . . . . . . . 
'X-RAY DIFFRACTION' 1.2109 1.2298  . . 135 2668 100.0000 . . . 0.2482 0.0000 0.2494 . . . . . . . . . . . 
'X-RAY DIFFRACTION' 1.2298 1.2500  . . 144 2625 100.0000 . . . 0.3105 0.0000 0.2406 . . . . . . . . . . . 
'X-RAY DIFFRACTION' 1.2500 1.2715  . . 147 2646 100.0000 . . . 0.2335 0.0000 0.2347 . . . . . . . . . . . 
'X-RAY DIFFRACTION' 1.2715 1.2946  . . 122 2676 100.0000 . . . 0.1979 0.0000 0.2263 . . . . . . . . . . . 
'X-RAY DIFFRACTION' 1.2946 1.3195  . . 107 2682 100.0000 . . . 0.2796 0.0000 0.2181 . . . . . . . . . . . 
'X-RAY DIFFRACTION' 1.3195 1.3465  . . 127 2653 100.0000 . . . 0.2291 0.0000 0.2105 . . . . . . . . . . . 
'X-RAY DIFFRACTION' 1.3465 1.3758  . . 131 2698 100.0000 . . . 0.2385 0.0000 0.2090 . . . . . . . . . . . 
'X-RAY DIFFRACTION' 1.3758 1.4078  . . 125 2668 100.0000 . . . 0.2203 0.0000 0.2092 . . . . . . . . . . . 
'X-RAY DIFFRACTION' 1.4078 1.4430  . . 161 2665 100.0000 . . . 0.2092 0.0000 0.2013 . . . . . . . . . . . 
'X-RAY DIFFRACTION' 1.4430 1.4820  . . 152 2637 100.0000 . . . 0.2020 0.0000 0.1955 . . . . . . . . . . . 
'X-RAY DIFFRACTION' 1.4820 1.5256  . . 165 2647 100.0000 . . . 0.1860 0.0000 0.1863 . . . . . . . . . . . 
'X-RAY DIFFRACTION' 1.5256 1.5748  . . 137 2693 100.0000 . . . 0.2225 0.0000 0.1869 . . . . . . . . . . . 
'X-RAY DIFFRACTION' 1.5748 1.6311  . . 147 2673 100.0000 . . . 0.1962 0.0000 0.1773 . . . . . . . . . . . 
'X-RAY DIFFRACTION' 1.6311 1.6964  . . 143 2669 100.0000 . . . 0.1999 0.0000 0.1861 . . . . . . . . . . . 
'X-RAY DIFFRACTION' 1.6964 1.7737  . . 139 2720 100.0000 . . . 0.1838 0.0000 0.1855 . . . . . . . . . . . 
'X-RAY DIFFRACTION' 1.7737 1.8672  . . 154 2652 100.0000 . . . 0.2023 0.0000 0.1849 . . . . . . . . . . . 
'X-RAY DIFFRACTION' 1.8672 1.9842  . . 136 2688 100.0000 . . . 0.1961 0.0000 0.1914 . . . . . . . . . . . 
'X-RAY DIFFRACTION' 1.9842 2.1374  . . 155 2700 100.0000 . . . 0.1870 0.0000 0.1843 . . . . . . . . . . . 
'X-RAY DIFFRACTION' 2.1374 2.3525  . . 132 2719 100.0000 . . . 0.2006 0.0000 0.1846 . . . . . . . . . . . 
'X-RAY DIFFRACTION' 2.3525 2.6928  . . 145 2740 100.0000 . . . 0.2105 0.0000 0.2010 . . . . . . . . . . . 
'X-RAY DIFFRACTION' 2.6928 3.3926  . . 150 2763 100.0000 . . . 0.2363 0.0000 0.2030 . . . . . . . . . . . 
'X-RAY DIFFRACTION' 3.3926 52.1920 . . 164 2885 100.0000 . . . 0.1869 0.0000 0.1869 . . . . . . . . . . . 
# 
_struct.entry_id                     7LOC 
_struct.title                        'T4 lysozyme mutant L99A in complex with 1-bromanyl-4-fluoranyl-benzene' 
_struct.pdbx_model_details           ? 
_struct.pdbx_formula_weight          ? 
_struct.pdbx_formula_weight_method   ? 
_struct.pdbx_model_type_details      ? 
_struct.pdbx_CASP_flag               N 
# 
_struct_keywords.entry_id        7LOC 
_struct_keywords.text            'mutant, lysozyme, small molecule, L99A, complex, PROTEIN BINDING, HYDROLASE' 
_struct_keywords.pdbx_keywords   'PROTEIN BINDING,HYDROLASE' 
# 
loop_
_struct_asym.id 
_struct_asym.pdbx_blank_PDB_chainid_flag 
_struct_asym.pdbx_modified 
_struct_asym.entity_id 
_struct_asym.details 
A N N 1 ? 
B N N 2 ? 
C N N 2 ? 
D N N 3 ? 
E N N 4 ? 
F N N 5 ? 
# 
loop_
_struct_conf.conf_type_id 
_struct_conf.id 
_struct_conf.pdbx_PDB_helix_id 
_struct_conf.beg_label_comp_id 
_struct_conf.beg_label_asym_id 
_struct_conf.beg_label_seq_id 
_struct_conf.pdbx_beg_PDB_ins_code 
_struct_conf.end_label_comp_id 
_struct_conf.end_label_asym_id 
_struct_conf.end_label_seq_id 
_struct_conf.pdbx_end_PDB_ins_code 
_struct_conf.beg_auth_comp_id 
_struct_conf.beg_auth_asym_id 
_struct_conf.beg_auth_seq_id 
_struct_conf.end_auth_comp_id 
_struct_conf.end_auth_asym_id 
_struct_conf.end_auth_seq_id 
_struct_conf.pdbx_PDB_helix_class 
_struct_conf.details 
_struct_conf.pdbx_PDB_helix_length 
HELX_P HELX_P1  AA1 ASN A 2   ? GLY A 12  ? ASN A 2   GLY A 12  1 ? 11 
HELX_P HELX_P2  AA2 SER A 38  ? GLY A 51  ? SER A 38  GLY A 51  1 ? 14 
HELX_P HELX_P3  AA3 THR A 59  ? ASN A 81  ? THR A 59  ASN A 81  1 ? 23 
HELX_P HELX_P4  AA4 LYS A 83  ? LEU A 91  ? LYS A 83  LEU A 91  1 ? 9  
HELX_P HELX_P5  AA5 ASP A 92  ? GLY A 107 ? ASP A 92  GLY A 107 1 ? 16 
HELX_P HELX_P6  AA6 GLU A 108 ? GLU A 108 ? GLU A 108 GLU A 108 5 ? 1  
HELX_P HELX_P7  AA7 GLY A 110 ? ALA A 112 ? GLY A 110 ALA A 112 5 ? 3  
HELX_P HELX_P8  AA8 PHE A 114 ? GLN A 123 ? PHE A 114 GLN A 123 1 ? 10 
HELX_P HELX_P9  AA9 ARG A 125 ? LYS A 135 ? ARG A 125 LYS A 135 1 ? 11 
HELX_P HELX_P10 AB1 SER A 136 ? THR A 142 ? SER A 136 THR A 142 1 ? 7  
HELX_P HELX_P11 AB2 THR A 142 ? GLY A 156 ? THR A 142 GLY A 156 1 ? 15 
HELX_P HELX_P12 AB3 TRP A 158 ? ASN A 163 ? TRP A 158 ASN A 163 1 ? 6  
# 
_struct_conf_type.id          HELX_P 
_struct_conf_type.criteria    ? 
_struct_conf_type.reference   ? 
# 
_struct_sheet.id               AA1 
_struct_sheet.type             ? 
_struct_sheet.number_strands   3 
_struct_sheet.details          ? 
# 
loop_
_struct_sheet_order.sheet_id 
_struct_sheet_order.range_id_1 
_struct_sheet_order.range_id_2 
_struct_sheet_order.offset 
_struct_sheet_order.sense 
AA1 1 2 ? anti-parallel 
AA1 2 3 ? anti-parallel 
# 
loop_
_struct_sheet_range.sheet_id 
_struct_sheet_range.id 
_struct_sheet_range.beg_label_comp_id 
_struct_sheet_range.beg_label_asym_id 
_struct_sheet_range.beg_label_seq_id 
_struct_sheet_range.pdbx_beg_PDB_ins_code 
_struct_sheet_range.end_label_comp_id 
_struct_sheet_range.end_label_asym_id 
_struct_sheet_range.end_label_seq_id 
_struct_sheet_range.pdbx_end_PDB_ins_code 
_struct_sheet_range.beg_auth_comp_id 
_struct_sheet_range.beg_auth_asym_id 
_struct_sheet_range.beg_auth_seq_id 
_struct_sheet_range.end_auth_comp_id 
_struct_sheet_range.end_auth_asym_id 
_struct_sheet_range.end_auth_seq_id 
AA1 1 ARG A 14 ? LYS A 19 ? ARG A 14 LYS A 19 
AA1 2 TYR A 25 ? GLY A 28 ? TYR A 25 GLY A 28 
AA1 3 HIS A 31 ? THR A 34 ? HIS A 31 THR A 34 
# 
loop_
_pdbx_struct_sheet_hbond.sheet_id 
_pdbx_struct_sheet_hbond.range_id_1 
_pdbx_struct_sheet_hbond.range_id_2 
_pdbx_struct_sheet_hbond.range_1_label_atom_id 
_pdbx_struct_sheet_hbond.range_1_label_comp_id 
_pdbx_struct_sheet_hbond.range_1_label_asym_id 
_pdbx_struct_sheet_hbond.range_1_label_seq_id 
_pdbx_struct_sheet_hbond.range_1_PDB_ins_code 
_pdbx_struct_sheet_hbond.range_1_auth_atom_id 
_pdbx_struct_sheet_hbond.range_1_auth_comp_id 
_pdbx_struct_sheet_hbond.range_1_auth_asym_id 
_pdbx_struct_sheet_hbond.range_1_auth_seq_id 
_pdbx_struct_sheet_hbond.range_2_label_atom_id 
_pdbx_struct_sheet_hbond.range_2_label_comp_id 
_pdbx_struct_sheet_hbond.range_2_label_asym_id 
_pdbx_struct_sheet_hbond.range_2_label_seq_id 
_pdbx_struct_sheet_hbond.range_2_PDB_ins_code 
_pdbx_struct_sheet_hbond.range_2_auth_atom_id 
_pdbx_struct_sheet_hbond.range_2_auth_comp_id 
_pdbx_struct_sheet_hbond.range_2_auth_asym_id 
_pdbx_struct_sheet_hbond.range_2_auth_seq_id 
AA1 1 2 N TYR A 18 ? N TYR A 18 O THR A 26 ? O THR A 26 
AA1 2 3 N TYR A 25 ? N TYR A 25 O LEU A 33 ? O LEU A 33 
# 
loop_
_struct_site.id 
_struct_site.pdbx_evidence_code 
_struct_site.pdbx_auth_asym_id 
_struct_site.pdbx_auth_comp_id 
_struct_site.pdbx_auth_seq_id 
_struct_site.pdbx_auth_ins_code 
_struct_site.pdbx_num_residues 
_struct_site.details 
AC1 Software A BME 201 ? 7 'binding site for residue BME A 201' 
AC2 Software A BME 202 ? 7 'binding site for residue BME A 202' 
AC3 Software A TRS 203 ? 5 'binding site for residue TRS A 203' 
AC4 Software A Y87 204 ? 8 'binding site for residue Y87 A 204' 
# 
loop_
_struct_site_gen.id 
_struct_site_gen.site_id 
_struct_site_gen.pdbx_num_res 
_struct_site_gen.label_comp_id 
_struct_site_gen.label_asym_id 
_struct_site_gen.label_seq_id 
_struct_site_gen.pdbx_auth_ins_code 
_struct_site_gen.auth_comp_id 
_struct_site_gen.auth_asym_id 
_struct_site_gen.auth_seq_id 
_struct_site_gen.label_atom_id 
_struct_site_gen.label_alt_id 
_struct_site_gen.symmetry 
_struct_site_gen.details 
1  AC1 7 GLY A 30  ? GLY A 30  . ? 1_555 ? 
2  AC1 7 LEU A 32  ? LEU A 32  . ? 1_555 ? 
3  AC1 7 ASP A 70  ? ASP A 70  . ? 1_555 ? 
4  AC1 7 PHE A 104 ? PHE A 104 . ? 1_555 ? 
5  AC1 7 TRS D .   ? TRS A 203 . ? 1_555 ? 
6  AC1 7 HOH F .   ? HOH A 363 . ? 1_555 ? 
7  AC1 7 HOH F .   ? HOH A 380 . ? 1_555 ? 
8  AC2 7 ASN A 68  ? ASN A 68  . ? 1_555 ? 
9  AC2 7 ASP A 72  ? ASP A 72  . ? 1_555 ? 
10 AC2 7 TYR A 88  ? TYR A 88  . ? 6_554 ? 
11 AC2 7 ALA A 93  ? ALA A 93  . ? 6_554 ? 
12 AC2 7 ARG A 96  ? ARG A 96  . ? 6_554 ? 
13 AC2 7 ILE A 100 ? ILE A 100 . ? 6_554 ? 
14 AC2 7 HOH F .   ? HOH A 346 . ? 6_554 ? 
15 AC3 5 GLU A 11  ? GLU A 11  . ? 1_555 ? 
16 AC3 5 GLY A 30  ? GLY A 30  . ? 1_555 ? 
17 AC3 5 GLN A 105 ? GLN A 105 . ? 1_555 ? 
18 AC3 5 BME B .   ? BME A 201 . ? 1_555 ? 
19 AC3 5 HOH F .   ? HOH A 307 . ? 1_555 ? 
20 AC4 8 ILE A 78  ? ILE A 78  . ? 1_555 ? 
21 AC4 8 LEU A 84  ? LEU A 84  . ? 1_555 ? 
22 AC4 8 TYR A 88  ? TYR A 88  . ? 1_555 ? 
23 AC4 8 ALA A 99  ? ALA A 99  . ? 1_555 ? 
24 AC4 8 MET A 102 ? MET A 102 . ? 1_555 ? 
25 AC4 8 VAL A 111 ? VAL A 111 . ? 1_555 ? 
26 AC4 8 LEU A 118 ? LEU A 118 . ? 1_555 ? 
27 AC4 8 PHE A 153 ? PHE A 153 . ? 1_555 ? 
# 
_atom_sites.entry_id                    7LOC 
_atom_sites.Cartn_transf_matrix[1][1]   ? 
_atom_sites.Cartn_transf_matrix[1][2]   ? 
_atom_sites.Cartn_transf_matrix[1][3]   ? 
_atom_sites.Cartn_transf_matrix[2][1]   ? 
_atom_sites.Cartn_transf_matrix[2][2]   ? 
_atom_sites.Cartn_transf_matrix[2][3]   ? 
_atom_sites.Cartn_transf_matrix[3][1]   ? 
_atom_sites.Cartn_transf_matrix[3][2]   ? 
_atom_sites.Cartn_transf_matrix[3][3]   ? 
_atom_sites.Cartn_transf_vector[1]      ? 
_atom_sites.Cartn_transf_vector[2]      ? 
_atom_sites.Cartn_transf_vector[3]      ? 
_atom_sites.fract_transf_matrix[1][1]   0.01727628 
_atom_sites.fract_transf_matrix[1][2]   0.00347807 
_atom_sites.fract_transf_matrix[1][3]   -0.00751912 
_atom_sites.fract_transf_matrix[2][1]   0.01499389 
_atom_sites.fract_transf_matrix[2][2]   0.00316193 
_atom_sites.fract_transf_matrix[2][3]   0.01150179 
_atom_sites.fract_transf_matrix[3][1]   0.00208075 
_atom_sites.fract_transf_matrix[3][2]   -0.01016082 
_atom_sites.fract_transf_matrix[3][3]   0.00008080 
_atom_sites.fract_transf_vector[1]      0.223698 
_atom_sites.fract_transf_vector[2]      -0.316882 
_atom_sites.fract_transf_vector[3]      -0.099121 
_atom_sites.solution_primary            ? 
_atom_sites.solution_secondary          ? 
_atom_sites.solution_hydrogens          ? 
_atom_sites.special_details             ? 
# 
loop_
_atom_type.symbol 
BR 
C  
F  
N  
O  
S  
# 
loop_
_atom_site.group_PDB 
_atom_site.id 
_atom_site.type_symbol 
_atom_site.label_atom_id 
_atom_site.label_alt_id 
_atom_site.label_comp_id 
_atom_site.label_asym_id 
_atom_site.label_entity_id 
_atom_site.label_seq_id 
_atom_site.pdbx_PDB_ins_code 
_atom_site.Cartn_x 
_atom_site.Cartn_y 
_atom_site.Cartn_z 
_atom_site.occupancy 
_atom_site.B_iso_or_equiv 
_atom_site.pdbx_formal_charge 
_atom_site.auth_seq_id 
_atom_site.auth_comp_id 
_atom_site.auth_asym_id 
_atom_site.auth_atom_id 
_atom_site.pdbx_PDB_model_num 
ATOM   1    N  N    A MET A 1 1   ? -9.817  -2.484  13.999  0.50 16.05 ? 1   MET A N    1 
ATOM   2    N  N    B MET A 1 1   ? -9.913  -1.707  14.122  0.50 19.10 ? 1   MET A N    1 
ATOM   3    C  CA   A MET A 1 1   ? -8.875  -2.262  12.910  0.50 16.45 ? 1   MET A CA   1 
ATOM   4    C  CA   B MET A 1 1   ? -9.047  -2.069  13.006  0.50 17.70 ? 1   MET A CA   1 
ATOM   5    C  C    A MET A 1 1   ? -9.582  -1.890  11.601  0.50 14.68 ? 1   MET A C    1 
ATOM   6    C  C    B MET A 1 1   ? -9.683  -1.742  11.663  0.50 14.81 ? 1   MET A C    1 
ATOM   7    O  O    A MET A 1 1   ? -10.686 -2.353  11.313  0.50 15.09 ? 1   MET A O    1 
ATOM   8    O  O    B MET A 1 1   ? -10.821 -2.127  11.387  0.50 14.67 ? 1   MET A O    1 
ATOM   9    C  CB   A MET A 1 1   ? -7.945  -3.465  12.734  0.50 16.82 ? 1   MET A CB   1 
ATOM   10   C  CB   B MET A 1 1   ? -8.673  -3.543  13.080  0.50 18.78 ? 1   MET A CB   1 
ATOM   11   C  CG   A MET A 1 1   ? -6.560  -3.078  12.246  0.50 11.70 ? 1   MET A CG   1 
ATOM   12   C  CG   B MET A 1 1   ? -7.622  -3.811  14.125  0.50 19.52 ? 1   MET A CG   1 
ATOM   13   S  SD   A MET A 1 1   ? -5.402  -2.714  13.588  0.50 23.95 ? 1   MET A SD   1 
ATOM   14   S  SD   B MET A 1 1   ? -6.013  -4.170  13.415  0.50 13.97 ? 1   MET A SD   1 
ATOM   15   C  CE   A MET A 1 1   ? -5.873  -3.956  14.788  0.50 19.88 ? 1   MET A CE   1 
ATOM   16   C  CE   B MET A 1 1   ? -5.576  -2.665  12.521  0.50 15.52 ? 1   MET A CE   1 
ATOM   17   N  N    . ASN A 1 2   ? -8.937  -1.013  10.837  1.00 12.66 ? 2   ASN A N    1 
ATOM   18   C  CA   . ASN A 1 2   ? -9.433  -0.541  9.552   1.00 11.93 ? 2   ASN A CA   1 
ATOM   19   C  C    . ASN A 1 2   ? -8.206  -0.245  8.696   1.00 10.28 ? 2   ASN A C    1 
ATOM   20   O  O    . ASN A 1 2   ? -7.073  -0.351  9.167   1.00 10.57 ? 2   ASN A O    1 
ATOM   21   C  CB   . ASN A 1 2   ? -10.326 0.698   9.732   1.00 12.13 ? 2   ASN A CB   1 
ATOM   22   C  CG   . ASN A 1 2   ? -9.596  1.850   10.413  1.00 12.95 ? 2   ASN A CG   1 
ATOM   23   O  OD1  . ASN A 1 2   ? -8.549  2.302   9.935   1.00 12.35 ? 2   ASN A OD1  1 
ATOM   24   N  ND2  . ASN A 1 2   ? -10.145 2.339   11.532  1.00 13.13 ? 2   ASN A ND2  1 
ATOM   25   N  N    . ILE A 1 3   ? -8.436  0.140   7.439   1.00 10.92 ? 3   ILE A N    1 
ATOM   26   C  CA   . ILE A 1 3   ? -7.328  0.310   6.500   1.00 10.55 ? 3   ILE A CA   1 
ATOM   27   C  C    . ILE A 1 3   ? -6.360  1.392   6.968   1.00 10.32 ? 3   ILE A C    1 
ATOM   28   O  O    . ILE A 1 3   ? -5.144  1.290   6.750   1.00 10.62 ? 3   ILE A O    1 
ATOM   29   C  CB   . ILE A 1 3   ? -7.849  0.563   5.071   1.00 10.26 ? 3   ILE A CB   1 
ATOM   30   C  CG1  . ILE A 1 3   ? -6.696  0.696   4.073   1.00 11.05 ? 3   ILE A CG1  1 
ATOM   31   C  CG2  . ILE A 1 3   ? -8.713  1.814   5.006   1.00 11.85 ? 3   ILE A CG2  1 
ATOM   32   C  CD1  . ILE A 1 3   ? -5.767  -0.506  4.012   1.00 10.76 ? 3   ILE A CD1  1 
ATOM   33   N  N    . PHE A 1 4   ? -6.879  2.461   7.589   1.00 10.15 ? 4   PHE A N    1 
ATOM   34   C  CA   . PHE A 1 4   ? -6.001  3.529   8.059   1.00 10.90 ? 4   PHE A CA   1 
ATOM   35   C  C    . PHE A 1 4   ? -5.075  3.038   9.162   1.00 10.95 ? 4   PHE A C    1 
ATOM   36   O  O    . PHE A 1 4   ? -3.868  3.296   9.125   1.00 11.05 ? 4   PHE A O    1 
ATOM   37   C  CB   . PHE A 1 4   ? -6.821  4.747   8.495   1.00 11.84 ? 4   PHE A CB   1 
ATOM   38   C  CG   . PHE A 1 4   ? -7.590  5.363   7.372   1.00 11.48 ? 4   PHE A CG   1 
ATOM   39   C  CD1  . PHE A 1 4   ? -6.990  6.266   6.516   1.00 15.19 ? 4   PHE A CD1  1 
ATOM   40   C  CD2  . PHE A 1 4   ? -8.907  5.010   7.143   1.00 13.36 ? 4   PHE A CD2  1 
ATOM   41   C  CE1  . PHE A 1 4   ? -7.703  6.823   5.460   1.00 16.15 ? 4   PHE A CE1  1 
ATOM   42   C  CE2  . PHE A 1 4   ? -9.617  5.559   6.089   1.00 15.75 ? 4   PHE A CE2  1 
ATOM   43   C  CZ   . PHE A 1 4   ? -9.012  6.464   5.251   1.00 16.20 ? 4   PHE A CZ   1 
ATOM   44   N  N    . GLU A 1 5   ? -5.619  2.328   10.156  1.00 11.25 ? 5   GLU A N    1 
ATOM   45   C  CA   . GLU A 1 5   ? -4.773  1.804   11.229  1.00 12.11 ? 5   GLU A CA   1 
ATOM   46   C  C    . GLU A 1 5   ? -3.767  0.791   10.695  1.00 11.47 ? 5   GLU A C    1 
ATOM   47   O  O    . GLU A 1 5   ? -2.611  0.760   11.132  1.00 11.54 ? 5   GLU A O    1 
ATOM   48   C  CB   . GLU A 1 5   ? -5.627  1.162   12.328  1.00 13.05 ? 5   GLU A CB   1 
ATOM   49   C  CG   . GLU A 1 5   ? -6.515  2.124   13.095  1.00 15.69 ? 5   GLU A CG   1 
ATOM   50   C  CD   . GLU A 1 5   ? -7.280  1.448   14.221  1.00 22.65 ? 5   GLU A CD   1 
ATOM   51   O  OE1  . GLU A 1 5   ? -6.977  0.277   14.542  1.00 26.15 ? 5   GLU A OE1  1 
ATOM   52   O  OE2  . GLU A 1 5   ? -8.181  2.095   14.798  1.00 27.90 ? 5   GLU A OE2  1 
ATOM   53   N  N    . MET A 1 6   ? -4.200  -0.046  9.752   1.00 11.02 ? 6   MET A N    1 
ATOM   54   C  CA   . MET A 1 6   ? -3.336  -1.077  9.188   1.00 10.13 ? 6   MET A CA   1 
ATOM   55   C  C    . MET A 1 6   ? -2.145  -0.450  8.476   1.00 9.94  ? 6   MET A C    1 
ATOM   56   O  O    . MET A 1 6   ? -0.985  -0.793  8.740   1.00 9.87  ? 6   MET A O    1 
ATOM   57   C  CB   . MET A 1 6   ? -4.158  -1.927  8.225   1.00 10.19 ? 6   MET A CB   1 
ATOM   58   C  CG   . MET A 1 6   ? -3.396  -3.052  7.578   1.00 10.13 ? 6   MET A CG   1 
ATOM   59   S  SD   . MET A 1 6   ? -4.295  -3.623  6.129   1.00 10.32 ? 6   MET A SD   1 
ATOM   60   C  CE   . MET A 1 6   ? -3.754  -5.328  6.015   1.00 11.83 ? 6   MET A CE   1 
ATOM   61   N  N    . LEU A 1 7   ? -2.413  0.501   7.580   1.00 10.10 ? 7   LEU A N    1 
ATOM   62   C  CA   . LEU A 1 7   ? -1.320  1.135   6.855   1.00 10.30 ? 7   LEU A CA   1 
ATOM   63   C  C    . LEU A 1 7   ? -0.472  2.032   7.753   1.00 10.61 ? 7   LEU A C    1 
ATOM   64   O  O    . LEU A 1 7   ? 0.733   2.180   7.513   1.00 11.37 ? 7   LEU A O    1 
ATOM   65   C  CB   . LEU A 1 7   ? -1.856  1.895   5.639   1.00 10.43 ? 7   LEU A CB   1 
ATOM   66   C  CG   . LEU A 1 7   ? -2.092  1.018   4.407   1.00 11.00 ? 7   LEU A CG   1 
ATOM   67   C  CD1  . LEU A 1 7   ? -2.925  1.768   3.374   1.00 11.25 ? 7   LEU A CD1  1 
ATOM   68   C  CD2  . LEU A 1 7   ? -0.761  0.564   3.810   1.00 10.75 ? 7   LEU A CD2  1 
ATOM   69   N  N    . ARG A 1 8   ? -1.068  2.648   8.776   1.00 11.27 ? 8   ARG A N    1 
ATOM   70   C  CA   . ARG A 1 8   ? -0.270  3.435   9.713   1.00 12.08 ? 8   ARG A CA   1 
ATOM   71   C  C    . ARG A 1 8   ? 0.744   2.553   10.433  1.00 12.36 ? 8   ARG A C    1 
ATOM   72   O  O    . ARG A 1 8   ? 1.891   2.960   10.655  1.00 13.04 ? 8   ARG A O    1 
ATOM   73   C  CB   . ARG A 1 8   ? -1.196  4.152   10.697  1.00 13.63 ? 8   ARG A CB   1 
ATOM   74   C  CG   . ARG A 1 8   ? -0.502  4.848   11.855  1.00 16.06 ? 8   ARG A CG   1 
ATOM   75   C  CD   . ARG A 1 8   ? 0.410   5.984   11.414  1.00 16.77 ? 8   ARG A CD   1 
ATOM   76   N  NE   . ARG A 1 8   ? 1.067   6.586   12.573  1.00 19.78 ? 8   ARG A NE   1 
ATOM   77   C  CZ   . ARG A 1 8   ? 2.127   6.066   13.185  1.00 20.68 ? 8   ARG A CZ   1 
ATOM   78   N  NH1  . ARG A 1 8   ? 2.665   4.939   12.749  1.00 21.17 ? 8   ARG A NH1  1 
ATOM   79   N  NH2  . ARG A 1 8   ? 2.651   6.680   14.240  1.00 26.24 ? 8   ARG A NH2  1 
ATOM   80   N  N    . ILE A 1 9   ? 0.344   1.331   10.788  1.00 12.07 ? 9   ILE A N    1 
ATOM   81   C  CA   . ILE A 1 9   ? 1.287   0.372   11.361  1.00 13.04 ? 9   ILE A CA   1 
ATOM   82   C  C    . ILE A 1 9   ? 2.384   0.028   10.361  1.00 11.97 ? 9   ILE A C    1 
ATOM   83   O  O    . ILE A 1 9   ? 3.575   0.029   10.694  1.00 13.46 ? 9   ILE A O    1 
ATOM   84   C  CB   . ILE A 1 9   ? 0.541   -0.885  11.843  1.00 12.30 ? 9   ILE A CB   1 
ATOM   85   C  CG1  . ILE A 1 9   ? -0.272  -0.575  13.102  1.00 14.41 ? 9   ILE A CG1  1 
ATOM   86   C  CG2  . ILE A 1 9   ? 1.508   -2.049  12.071  1.00 14.87 ? 9   ILE A CG2  1 
ATOM   87   C  CD1  . ILE A 1 9   ? -1.346  -1.624  13.416  1.00 15.84 ? 9   ILE A CD1  1 
ATOM   88   N  N    . ASP A 1 10  ? 2.000   -0.291  9.124   1.00 10.89 ? 10  ASP A N    1 
ATOM   89   C  CA   . ASP A 1 10  ? 2.972   -0.759  8.139   1.00 10.52 ? 10  ASP A CA   1 
ATOM   90   C  C    . ASP A 1 10  ? 3.899   0.348   7.654   1.00 10.16 ? 10  ASP A C    1 
ATOM   91   O  O    . ASP A 1 10  ? 5.055   0.075   7.309   1.00 12.00 ? 10  ASP A O    1 
ATOM   92   C  CB   . ASP A 1 10  ? 2.255   -1.380  6.944   1.00 10.59 ? 10  ASP A CB   1 
ATOM   93   C  CG   . ASP A 1 10  ? 1.695   -2.758  7.249   1.00 10.65 ? 10  ASP A CG   1 
ATOM   94   O  OD1  . ASP A 1 10  ? 2.255   -3.458  8.127   1.00 10.78 ? 10  ASP A OD1  1 
ATOM   95   O  OD2  . ASP A 1 10  ? 0.700   -3.149  6.594   1.00 11.25 ? 10  ASP A OD2  1 
ATOM   96   N  N    . GLU A 1 11  ? 3.427   1.594   7.615   1.00 10.31 ? 11  GLU A N    1 
ATOM   97   C  CA   . GLU A 1 11  ? 4.212   2.682   7.044   1.00 10.38 ? 11  GLU A CA   1 
ATOM   98   C  C    . GLU A 1 11  ? 4.887   3.573   8.076   1.00 11.55 ? 11  GLU A C    1 
ATOM   99   O  O    . GLU A 1 11  ? 5.855   4.259   7.729   1.00 13.64 ? 11  GLU A O    1 
ATOM   100  C  CB   . GLU A 1 11  ? 3.341   3.568   6.141   1.00 11.38 ? 11  GLU A CB   1 
ATOM   101  C  CG   . GLU A 1 11  ? 2.694   2.816   4.988   1.00 11.87 ? 11  GLU A CG   1 
ATOM   102  C  CD   . GLU A 1 11  ? 3.680   2.409   3.909   1.00 11.89 ? 11  GLU A CD   1 
ATOM   103  O  OE1  . GLU A 1 11  ? 4.812   2.954   3.866   1.00 13.21 ? 11  GLU A OE1  1 
ATOM   104  O  OE2  . GLU A 1 11  ? 3.323   1.526   3.100   1.00 13.72 ? 11  GLU A OE2  1 
ATOM   105  N  N    . GLY A 1 12  ? 4.401   3.605   9.307   1.00 11.66 ? 12  GLY A N    1 
ATOM   106  C  CA   . GLY A 1 12  ? 4.938   4.534   10.290  1.00 13.37 ? 12  GLY A CA   1 
ATOM   107  C  C    . GLY A 1 12  ? 4.516   5.971   9.997   1.00 12.51 ? 12  GLY A C    1 
ATOM   108  O  O    . GLY A 1 12  ? 3.674   6.250   9.142   1.00 12.78 ? 12  GLY A O    1 
ATOM   109  N  N    . LEU A 1 13  ? 5.130   6.897   10.733  1.00 13.35 ? 13  LEU A N    1 
ATOM   110  C  CA   . LEU A 1 13  ? 4.883   8.326   10.555  1.00 13.43 ? 13  LEU A CA   1 
ATOM   111  C  C    . LEU A 1 13  ? 6.192   9.076   10.728  1.00 15.72 ? 13  LEU A C    1 
ATOM   112  O  O    . LEU A 1 13  ? 6.805   9.011   11.798  1.00 16.46 ? 13  LEU A O    1 
ATOM   113  C  CB   . LEU A 1 13  ? 3.858   8.830   11.571  1.00 15.34 ? 13  LEU A CB   1 
ATOM   114  C  CG   . LEU A 1 13  ? 3.689   10.349  11.636  1.00 17.39 ? 13  LEU A CG   1 
ATOM   115  C  CD1  . LEU A 1 13  ? 3.114   10.885  10.334  1.00 16.58 ? 13  LEU A CD1  1 
ATOM   116  C  CD2  . LEU A 1 13  ? 2.820   10.753  12.817  1.00 19.50 ? 13  LEU A CD2  1 
ATOM   117  N  N    . ARG A 1 14  ? 6.617   9.784   9.683   1.00 14.19 ? 14  ARG A N    1 
ATOM   118  C  CA   . ARG A 1 14  ? 7.803   10.631  9.735   1.00 15.40 ? 14  ARG A CA   1 
ATOM   119  C  C    . ARG A 1 14  ? 7.468   11.989  9.129   1.00 14.62 ? 14  ARG A C    1 
ATOM   120  O  O    . ARG A 1 14  ? 6.863   12.063  8.054   1.00 14.59 ? 14  ARG A O    1 
ATOM   121  C  CB   . ARG A 1 14  ? 8.982   9.974   9.012   1.00 16.98 ? 14  ARG A CB   1 
ATOM   122  C  CG   . ARG A 1 14  ? 9.418   8.668   9.673   1.00 20.04 ? 14  ARG A CG   1 
ATOM   123  C  CD   . ARG A 1 14  ? 10.514  7.947   8.897   1.00 24.35 ? 14  ARG A CD   1 
ATOM   124  N  NE   . ARG A 1 14  ? 11.846  8.434   9.251   1.00 30.43 ? 14  ARG A NE   1 
ATOM   125  C  CZ   . ARG A 1 14  ? 12.982  7.917   8.789   1.00 31.23 ? 14  ARG A CZ   1 
ATOM   126  N  NH1  . ARG A 1 14  ? 12.955  6.888   7.954   1.00 28.13 ? 14  ARG A NH1  1 
ATOM   127  N  NH2  . ARG A 1 14  ? 14.146  8.428   9.164   1.00 35.41 ? 14  ARG A NH2  1 
ATOM   128  N  N    . LEU A 1 15  ? 7.839   13.066  9.825   1.00 12.43 ? 15  LEU A N    1 
ATOM   129  C  CA   . LEU A 1 15  ? 7.439   14.405  9.411   1.00 14.23 ? 15  LEU A CA   1 
ATOM   130  C  C    . LEU A 1 15  ? 8.467   15.105  8.532   1.00 14.13 ? 15  LEU A C    1 
ATOM   131  O  O    . LEU A 1 15  ? 8.185   16.201  8.038   1.00 15.09 ? 15  LEU A O    1 
ATOM   132  C  CB   . LEU A 1 15  ? 7.093   15.261  10.635  1.00 15.70 ? 15  LEU A CB   1 
ATOM   133  C  CG   . LEU A 1 15  ? 5.943   14.718  11.487  1.00 16.76 ? 15  LEU A CG   1 
ATOM   134  C  CD1  . LEU A 1 15  ? 5.594   15.720  12.576  1.00 19.24 ? 15  LEU A CD1  1 
ATOM   135  C  CD2  . LEU A 1 15  ? 4.712   14.387  10.640  1.00 17.97 ? 15  LEU A CD2  1 
ATOM   136  N  N    . LYS A 1 16  ? 9.638   14.519  8.327   1.00 14.22 ? 16  LYS A N    1 
ATOM   137  C  CA   . LYS A 1 16  ? 10.653  15.052  7.431   1.00 14.12 ? 16  LYS A CA   1 
ATOM   138  C  C    . LYS A 1 16  ? 10.907  14.040  6.321   1.00 11.73 ? 16  LYS A C    1 
ATOM   139  O  O    . LYS A 1 16  ? 10.745  12.828  6.518   1.00 13.32 ? 16  LYS A O    1 
ATOM   140  C  CB   . LYS A 1 16  ? 11.954  15.381  8.210   1.00 16.85 ? 16  LYS A CB   1 
ATOM   141  C  CG   . LYS A 1 16  ? 13.073  16.069  7.411   1.00 23.17 ? 16  LYS A CG   1 
ATOM   142  C  CD   . LYS A 1 16  ? 14.010  15.061  6.815   1.00 25.69 ? 16  LYS A CD   1 
ATOM   143  C  CE   . LYS A 1 16  ? 15.112  15.662  5.987   1.00 29.52 ? 16  LYS A CE   1 
ATOM   144  N  NZ   . LYS A 1 16  ? 15.272  14.843  4.759   1.00 29.06 ? 16  LYS A NZ   1 
ATOM   145  N  N    . ILE A 1 17  ? 11.325  14.537  5.155   1.00 12.49 ? 17  ILE A N    1 
ATOM   146  C  CA   . ILE A 1 17  ? 11.603  13.672  4.014   1.00 12.35 ? 17  ILE A CA   1 
ATOM   147  C  C    . ILE A 1 17  ? 12.544  12.555  4.430   1.00 12.77 ? 17  ILE A C    1 
ATOM   148  O  O    . ILE A 1 17  ? 13.568  12.785  5.083   1.00 14.26 ? 17  ILE A O    1 
ATOM   149  C  CB   . ILE A 1 17  ? 12.181  14.491  2.847   1.00 13.09 ? 17  ILE A CB   1 
ATOM   150  C  CG1  . ILE A 1 17  ? 11.110  15.427  2.268   1.00 13.82 ? 17  ILE A CG1  1 
ATOM   151  C  CG2  . ILE A 1 17  ? 12.715  13.568  1.765   1.00 14.68 ? 17  ILE A CG2  1 
ATOM   152  C  CD1  . ILE A 1 17  ? 11.618  16.323  1.138   1.00 14.94 ? 17  ILE A CD1  1 
ATOM   153  N  N    . TYR A 1 18  ? 12.191  11.331  4.056   1.00 11.60 ? 18  TYR A N    1 
ATOM   154  C  CA   . TYR A 1 18  ? 12.983  10.140  4.323   1.00 13.32 ? 18  TYR A CA   1 
ATOM   155  C  C    . TYR A 1 18  ? 13.046  9.314   3.049   1.00 12.11 ? 18  TYR A C    1 
ATOM   156  O  O    . TYR A 1 18  ? 12.427  9.647   2.037   1.00 13.37 ? 18  TYR A O    1 
ATOM   157  C  CB   . TYR A 1 18  ? 12.433  9.337   5.513   1.00 14.79 ? 18  TYR A CB   1 
ATOM   158  C  CG   . TYR A 1 18  ? 11.038  8.731   5.352   1.00 13.33 ? 18  TYR A CG   1 
ATOM   159  C  CD1  . TYR A 1 18  ? 9.894   9.486   5.578   1.00 14.83 ? 18  TYR A CD1  1 
ATOM   160  C  CD2  . TYR A 1 18  ? 10.873  7.388   5.019   1.00 14.27 ? 18  TYR A CD2  1 
ATOM   161  C  CE1  . TYR A 1 18  ? 8.622   8.927   5.464   1.00 12.37 ? 18  TYR A CE1  1 
ATOM   162  C  CE2  . TYR A 1 18  ? 9.599   6.827   4.897   1.00 14.04 ? 18  TYR A CE2  1 
ATOM   163  C  CZ   . TYR A 1 18  ? 8.480   7.599   5.123   1.00 14.30 ? 18  TYR A CZ   1 
ATOM   164  O  OH   . TYR A 1 18  ? 7.216   7.055   5.010   1.00 13.89 ? 18  TYR A OH   1 
ATOM   165  N  N    . LYS A 1 19  ? 13.802  8.225   3.084   1.00 13.88 ? 19  LYS A N    1 
ATOM   166  C  CA   . LYS A 1 19  ? 13.850  7.294   1.965   1.00 14.70 ? 19  LYS A CA   1 
ATOM   167  C  C    . LYS A 1 19  ? 13.105  6.018   2.328   1.00 14.21 ? 19  LYS A C    1 
ATOM   168  O  O    . LYS A 1 19  ? 13.244  5.501   3.442   1.00 15.65 ? 19  LYS A O    1 
ATOM   169  C  CB   . LYS A 1 19  ? 15.285  6.956   1.572   1.00 14.92 ? 19  LYS A CB   1 
ATOM   170  C  CG   . LYS A 1 19  ? 16.019  8.083   0.877   1.00 15.32 ? 19  LYS A CG   1 
ATOM   171  C  CD   . LYS A 1 19  ? 17.409  7.648   0.480   1.00 17.16 ? 19  LYS A CD   1 
ATOM   172  C  CE   . LYS A 1 19  ? 18.118  8.721   -0.310  1.00 18.70 ? 19  LYS A CE   1 
ATOM   173  N  NZ   . LYS A 1 19  ? 19.483  8.259   -0.674  1.00 19.11 ? 19  LYS A NZ   1 
ATOM   174  N  N    . ASP A 1 20  ? 12.296  5.531   1.394   1.00 13.01 ? 20  ASP A N    1 
ATOM   175  C  CA   . ASP A 1 20  ? 11.562  4.288   1.605   1.00 13.22 ? 20  ASP A CA   1 
ATOM   176  C  C    . ASP A 1 20  ? 12.500  3.090   1.462   1.00 12.78 ? 20  ASP A C    1 
ATOM   177  O  O    . ASP A 1 20  ? 13.712  3.241   1.285   1.00 12.93 ? 20  ASP A O    1 
ATOM   178  C  CB   . ASP A 1 20  ? 10.306  4.236   0.729   1.00 13.87 ? 20  ASP A CB   1 
ATOM   179  C  CG   . ASP A 1 20  ? 10.598  3.976   -0.746  1.00 12.86 ? 20  ASP A CG   1 
ATOM   180  O  OD1  . ASP A 1 20  ? 11.764  3.768   -1.145  1.00 12.90 ? 20  ASP A OD1  1 
ATOM   181  O  OD2  . ASP A 1 20  ? 9.626   3.997   -1.532  1.00 16.10 ? 20  ASP A OD2  1 
ATOM   182  N  N    . THR A 1 21  ? 11.935  1.881   1.516   1.00 12.24 ? 21  THR A N    1 
ATOM   183  C  CA   . THR A 1 21  ? 12.754  0.674   1.445   1.00 13.07 ? 21  THR A CA   1 
ATOM   184  C  C    . THR A 1 21  ? 13.443  0.507   0.099   1.00 13.91 ? 21  THR A C    1 
ATOM   185  O  O    . THR A 1 21  ? 14.404  -0.265  0.011   1.00 15.03 ? 21  THR A O    1 
ATOM   186  C  CB   . THR A 1 21  ? 11.929  -0.575  1.789   1.00 15.69 ? 21  THR A CB   1 
ATOM   187  O  OG1  . THR A 1 21  ? 10.974  -0.827  0.754   1.00 19.29 ? 21  THR A OG1  1 
ATOM   188  C  CG2  . THR A 1 21  ? 11.194  -0.401  3.113   1.00 19.38 ? 21  THR A CG2  1 
ATOM   189  N  N    . GLU A 1 22  ? 12.963  1.178   -0.949  1.00 13.24 ? 22  GLU A N    1 
ATOM   190  C  CA   . GLU A 1 22  ? 13.581  1.145   -2.266  1.00 13.73 ? 22  GLU A CA   1 
ATOM   191  C  C    . GLU A 1 22  ? 14.563  2.288   -2.480  1.00 14.15 ? 22  GLU A C    1 
ATOM   192  O  O    . GLU A 1 22  ? 15.174  2.366   -3.552  1.00 16.52 ? 22  GLU A O    1 
ATOM   193  C  CB   . GLU A 1 22  ? 12.512  1.167   -3.369  1.00 14.87 ? 22  GLU A CB   1 
ATOM   194  C  CG   . GLU A 1 22  ? 11.487  0.033   -3.264  1.00 19.04 ? 22  GLU A CG   1 
ATOM   195  C  CD   . GLU A 1 22  ? 12.013  -1.322  -3.721  1.00 21.59 ? 22  GLU A CD   1 
ATOM   196  O  OE1  . GLU A 1 22  ? 13.109  -1.391  -4.314  1.00 20.05 ? 22  GLU A OE1  1 
ATOM   197  O  OE2  . GLU A 1 22  ? 11.321  -2.333  -3.472  1.00 26.48 ? 22  GLU A OE2  1 
ATOM   198  N  N    . GLY A 1 23  ? 14.730  3.164   -1.494  1.00 13.18 ? 23  GLY A N    1 
ATOM   199  C  CA   . GLY A 1 23  ? 15.616  4.303   -1.617  1.00 15.41 ? 23  GLY A CA   1 
ATOM   200  C  C    . GLY A 1 23  ? 14.985  5.565   -2.167  1.00 13.15 ? 23  GLY A C    1 
ATOM   201  O  O    . GLY A 1 23  ? 15.719  6.508   -2.485  1.00 15.39 ? 23  GLY A O    1 
ATOM   202  N  N    . TYR A 1 24  ? 13.657  5.630   -2.262  1.00 12.36 ? 24  TYR A N    1 
ATOM   203  C  CA   . TYR A 1 24  ? 12.971  6.756   -2.888  1.00 12.69 ? 24  TYR A CA   1 
ATOM   204  C  C    . TYR A 1 24  ? 12.484  7.752   -1.844  1.00 10.72 ? 24  TYR A C    1 
ATOM   205  O  O    . TYR A 1 24  ? 11.980  7.369   -0.787  1.00 11.10 ? 24  TYR A O    1 
ATOM   206  C  CB   . TYR A 1 24  ? 11.768  6.275   -3.693  1.00 12.82 ? 24  TYR A CB   1 
ATOM   207  C  CG   . TYR A 1 24  ? 12.117  5.392   -4.865  1.00 15.54 ? 24  TYR A CG   1 
ATOM   208  C  CD1  . TYR A 1 24  ? 13.161  5.725   -5.716  1.00 17.66 ? 24  TYR A CD1  1 
ATOM   209  C  CD2  . TYR A 1 24  ? 11.396  4.229   -5.126  1.00 16.98 ? 24  TYR A CD2  1 
ATOM   210  C  CE1  . TYR A 1 24  ? 13.481  4.923   -6.799  1.00 20.56 ? 24  TYR A CE1  1 
ATOM   211  C  CE2  . TYR A 1 24  ? 11.706  3.423   -6.210  1.00 18.30 ? 24  TYR A CE2  1 
ATOM   212  C  CZ   . TYR A 1 24  ? 12.751  3.777   -7.037  1.00 18.97 ? 24  TYR A CZ   1 
ATOM   213  O  OH   . TYR A 1 24  ? 13.073  2.981   -8.115  1.00 24.44 ? 24  TYR A OH   1 
ATOM   214  N  N    . TYR A 1 25  ? 12.592  9.042   -2.167  1.00 11.61 ? 25  TYR A N    1 
ATOM   215  C  CA   . TYR A 1 25  ? 12.157  10.098  -1.253  1.00 10.56 ? 25  TYR A CA   1 
ATOM   216  C  C    . TYR A 1 25  ? 10.658  10.017  -0.978  1.00 10.14 ? 25  TYR A C    1 
ATOM   217  O  O    . TYR A 1 25  ? 9.848   9.937   -1.907  1.00 11.65 ? 25  TYR A O    1 
ATOM   218  C  CB   . TYR A 1 25  ? 12.518  11.470  -1.821  1.00 12.12 ? 25  TYR A CB   1 
ATOM   219  C  CG   . TYR A 1 25  ? 14.003  11.741  -1.828  1.00 12.55 ? 25  TYR A CG   1 
ATOM   220  C  CD1  . TYR A 1 25  ? 14.741  11.708  -0.650  1.00 13.09 ? 25  TYR A CD1  1 
ATOM   221  C  CD2  . TYR A 1 25  ? 14.669  12.022  -3.010  1.00 13.74 ? 25  TYR A CD2  1 
ATOM   222  C  CE1  . TYR A 1 25  ? 16.105  11.956  -0.653  1.00 16.53 ? 25  TYR A CE1  1 
ATOM   223  C  CE2  . TYR A 1 25  ? 16.033  12.278  -3.019  1.00 16.65 ? 25  TYR A CE2  1 
ATOM   224  C  CZ   . TYR A 1 25  ? 16.739  12.233  -1.840  1.00 15.33 ? 25  TYR A CZ   1 
ATOM   225  O  OH   . TYR A 1 25  ? 18.099  12.485  -1.840  1.00 21.28 ? 25  TYR A OH   1 
ATOM   226  N  N    . THR A 1 26  ? 10.310  10.083  0.303   1.00 9.65  ? 26  THR A N    1 
ATOM   227  C  CA   . THR A 1 26  ? 8.991   9.801   0.849   1.00 10.39 ? 26  THR A CA   1 
ATOM   228  C  C    . THR A 1 26  ? 8.800   10.729  2.041   1.00 9.95  ? 26  THR A C    1 
ATOM   229  O  O    . THR A 1 26  ? 9.773   11.258  2.586   1.00 10.69 ? 26  THR A O    1 
ATOM   230  C  CB   . THR A 1 26  ? 8.958   8.315   1.271   1.00 10.40 ? 26  THR A CB   1 
ATOM   231  O  OG1  . THR A 1 26  ? 9.309   7.505   0.146   1.00 11.25 ? 26  THR A OG1  1 
ATOM   232  C  CG2  . THR A 1 26  ? 7.598   7.859   1.787   1.00 11.64 ? 26  THR A CG2  1 
ATOM   233  N  N    . ILE A 1 27  ? 7.556   10.913  2.471   1.00 10.53 ? 27  ILE A N    1 
ATOM   234  C  CA   . ILE A 1 27  ? 7.281   11.676  3.684   1.00 10.73 ? 27  ILE A CA   1 
ATOM   235  C  C    . ILE A 1 27  ? 5.980   11.184  4.307   1.00 9.69  ? 27  ILE A C    1 
ATOM   236  O  O    . ILE A 1 27  ? 5.168   10.515  3.660   1.00 10.15 ? 27  ILE A O    1 
ATOM   237  C  CB   . ILE A 1 27  ? 7.225   13.197  3.409   1.00 11.76 ? 27  ILE A CB   1 
ATOM   238  C  CG1  . ILE A 1 27  ? 7.423   14.017  4.705   1.00 12.15 ? 27  ILE A CG1  1 
ATOM   239  C  CG2  . ILE A 1 27  ? 5.931   13.547  2.702   1.00 13.14 ? 27  ILE A CG2  1 
ATOM   240  C  CD1  . ILE A 1 27  ? 7.715   15.486  4.477   1.00 13.39 ? 27  ILE A CD1  1 
ATOM   241  N  N    . GLY A 1 28  ? 5.792   11.507  5.579   1.00 10.58 ? 28  GLY A N    1 
ATOM   242  C  CA   . GLY A 1 28  ? 4.505   11.269  6.221   1.00 10.28 ? 28  GLY A CA   1 
ATOM   243  C  C    . GLY A 1 28  ? 4.281   9.793   6.514   1.00 10.08 ? 28  GLY A C    1 
ATOM   244  O  O    . GLY A 1 28  ? 5.154   9.102   7.060   1.00 11.51 ? 28  GLY A O    1 
ATOM   245  N  N    . ILE A 1 29  ? 3.088   9.310   6.160   1.00 10.38 ? 29  ILE A N    1 
ATOM   246  C  CA   . ILE A 1 29  ? 2.707   7.913   6.312   1.00 10.14 ? 29  ILE A CA   1 
ATOM   247  C  C    . ILE A 1 29  ? 2.900   7.238   4.957   1.00 9.64  ? 29  ILE A C    1 
ATOM   248  O  O    . ILE A 1 29  ? 1.941   6.914   4.247   1.00 10.34 ? 29  ILE A O    1 
ATOM   249  C  CB   . ILE A 1 29  ? 1.271   7.799   6.860   1.00 10.46 ? 29  ILE A CB   1 
ATOM   250  C  CG1  . ILE A 1 29  ? 1.144   8.614   8.152   1.00 12.20 ? 29  ILE A CG1  1 
ATOM   251  C  CG2  . ILE A 1 29  ? 0.894   6.337   7.113   1.00 11.04 ? 29  ILE A CG2  1 
ATOM   252  C  CD1  . ILE A 1 29  ? -0.286  8.852   8.610   1.00 13.50 ? 29  ILE A CD1  1 
ATOM   253  N  N    . GLY A 1 30  ? 4.160   7.068   4.569   1.00 10.05 ? 30  GLY A N    1 
ATOM   254  C  CA   . GLY A 1 30  ? 4.480   6.391   3.329   1.00 10.97 ? 30  GLY A CA   1 
ATOM   255  C  C    . GLY A 1 30  ? 4.072   7.106   2.054   1.00 10.30 ? 30  GLY A C    1 
ATOM   256  O  O    . GLY A 1 30  ? 3.781   6.445   1.053   1.00 11.10 ? 30  GLY A O    1 
ATOM   257  N  N    . HIS A 1 31  ? 4.060   8.440   2.039   1.00 10.31 ? 31  HIS A N    1 
ATOM   258  C  CA   . HIS A 1 31  ? 3.707   9.169   0.821   1.00 10.70 ? 31  HIS A CA   1 
ATOM   259  C  C    . HIS A 1 31  ? 4.935   9.299   -0.078  1.00 10.26 ? 31  HIS A C    1 
ATOM   260  O  O    . HIS A 1 31  ? 5.842   10.084  0.216   1.00 10.59 ? 31  HIS A O    1 
ATOM   261  C  CB   . HIS A 1 31  ? 3.156   10.550  1.149   1.00 11.60 ? 31  HIS A CB   1 
ATOM   262  C  CG   . HIS A 1 31  ? 2.774   11.317  -0.071  1.00 12.01 ? 31  HIS A CG   1 
ATOM   263  N  ND1  . HIS A 1 31  ? 1.551   11.158  -0.687  1.00 13.23 ? 31  HIS A ND1  1 
ATOM   264  C  CD2  . HIS A 1 31  ? 3.475   12.187  -0.836  1.00 14.55 ? 31  HIS A CD2  1 
ATOM   265  C  CE1  . HIS A 1 31  ? 1.505   11.920  -1.766  1.00 13.44 ? 31  HIS A CE1  1 
ATOM   266  N  NE2  . HIS A 1 31  ? 2.659   12.555  -1.877  1.00 13.81 ? 31  HIS A NE2  1 
ATOM   267  N  N    . LEU A 1 32  ? 4.958   8.561   -1.189  1.00 11.36 ? 32  LEU A N    1 
ATOM   268  C  CA   . LEU A 1 32  ? 6.054   8.678   -2.148  1.00 10.84 ? 32  LEU A CA   1 
ATOM   269  C  C    . LEU A 1 32  ? 6.062   10.068  -2.767  1.00 12.66 ? 32  LEU A C    1 
ATOM   270  O  O    . LEU A 1 32  ? 5.033   10.549  -3.255  1.00 13.60 ? 32  LEU A O    1 
ATOM   271  C  CB   . LEU A 1 32  ? 5.899   7.635   -3.256  1.00 13.92 ? 32  LEU A CB   1 
ATOM   272  C  CG   . LEU A 1 32  ? 6.883   7.747   -4.435  1.00 14.66 ? 32  LEU A CG   1 
ATOM   273  C  CD1  . LEU A 1 32  ? 8.317   7.441   -4.006  1.00 16.02 ? 32  LEU A CD1  1 
ATOM   274  C  CD2  . LEU A 1 32  ? 6.460   6.861   -5.605  1.00 19.47 ? 32  LEU A CD2  1 
ATOM   275  N  N    . LEU A 1 33  ? 7.229   10.710  -2.769  1.00 11.50 ? 33  LEU A N    1 
ATOM   276  C  CA   . LEU A 1 33  ? 7.370   12.009  -3.415  1.00 11.71 ? 33  LEU A CA   1 
ATOM   277  C  C    . LEU A 1 33  ? 7.902   11.900  -4.837  1.00 12.94 ? 33  LEU A C    1 
ATOM   278  O  O    . LEU A 1 33  ? 7.344   12.516  -5.752  1.00 15.16 ? 33  LEU A O    1 
ATOM   279  C  CB   . LEU A 1 33  ? 8.267   12.920  -2.569  1.00 12.83 ? 33  LEU A CB   1 
ATOM   280  C  CG   . LEU A 1 33  ? 7.638   13.372  -1.253  1.00 11.62 ? 33  LEU A CG   1 
ATOM   281  C  CD1  . LEU A 1 33  ? 8.674   13.979  -0.318  1.00 12.79 ? 33  LEU A CD1  1 
ATOM   282  C  CD2  . LEU A 1 33  ? 6.511   14.371  -1.522  1.00 12.53 ? 33  LEU A CD2  1 
ATOM   283  N  N    . THR A 1 34  ? 8.964   11.127  -5.048  1.00 12.93 ? 34  THR A N    1 
ATOM   284  C  CA   . THR A 1 34  ? 9.550   11.009  -6.374  1.00 14.48 ? 34  THR A CA   1 
ATOM   285  C  C    . THR A 1 34  ? 10.503  9.829   -6.384  1.00 14.88 ? 34  THR A C    1 
ATOM   286  O  O    . THR A 1 34  ? 11.065  9.465   -5.350  1.00 14.47 ? 34  THR A O    1 
ATOM   287  C  CB   . THR A 1 34  ? 10.309  12.282  -6.784  1.00 14.78 ? 34  THR A CB   1 
ATOM   288  O  OG1  . THR A 1 34  ? 10.814  12.119  -8.115  1.00 17.32 ? 34  THR A OG1  1 
ATOM   289  C  CG2  . THR A 1 34  ? 11.479  12.555  -5.841  1.00 15.34 ? 34  THR A CG2  1 
ATOM   290  N  N    . LYS A 1 35  ? 10.679  9.242   -7.563  1.00 15.62 ? 35  LYS A N    1 
ATOM   291  C  CA   . LYS A 1 35  ? 11.737  8.269   -7.772  1.00 16.90 ? 35  LYS A CA   1 
ATOM   292  C  C    . LYS A 1 35  ? 13.028  8.908   -8.259  1.00 17.51 ? 35  LYS A C    1 
ATOM   293  O  O    . LYS A 1 35  ? 14.031  8.206   -8.419  1.00 18.68 ? 35  LYS A O    1 
ATOM   294  C  CB   . LYS A 1 35  ? 11.273  7.162   -8.723  1.00 19.50 ? 35  LYS A CB   1 
ATOM   295  C  CG   . LYS A 1 35  ? 10.117  6.362   -8.150  1.00 17.25 ? 35  LYS A CG   1 
ATOM   296  C  CD   . LYS A 1 35  ? 9.730   5.175   -9.019  1.00 21.35 ? 35  LYS A CD   1 
ATOM   297  C  CE   . LYS A 1 35  ? 8.527   4.461   -8.421  1.00 24.18 ? 35  LYS A CE   1 
ATOM   298  N  NZ   . LYS A 1 35  ? 8.107   3.281   -9.227  1.00 27.22 ? 35  LYS A NZ   1 
ATOM   299  N  N    . SER A 1 36  ? 13.028  10.223  -8.465  1.00 18.27 ? 36  SER A N    1 
ATOM   300  C  CA   . SER A 1 36  ? 14.235  10.915  -8.889  1.00 19.56 ? 36  SER A CA   1 
ATOM   301  C  C    . SER A 1 36  ? 15.250  10.948  -7.750  1.00 17.73 ? 36  SER A C    1 
ATOM   302  O  O    . SER A 1 36  ? 14.874  11.081  -6.581  1.00 16.94 ? 36  SER A O    1 
ATOM   303  C  CB   . SER A 1 36  ? 13.892  12.350  -9.286  1.00 19.79 ? 36  SER A CB   1 
ATOM   304  O  OG   . SER A 1 36  ? 15.054  13.166  -9.348  1.00 20.93 ? 36  SER A OG   1 
ATOM   305  N  N    . PRO A 1 37  ? 16.547  10.847  -8.055  1.00 18.47 ? 37  PRO A N    1 
ATOM   306  C  CA   . PRO A 1 37  ? 17.565  10.984  -7.004  1.00 18.41 ? 37  PRO A CA   1 
ATOM   307  C  C    . PRO A 1 37  ? 17.749  12.408  -6.501  1.00 17.62 ? 37  PRO A C    1 
ATOM   308  O  O    . PRO A 1 37  ? 18.531  12.620  -5.566  1.00 20.99 ? 37  PRO A O    1 
ATOM   309  C  CB   . PRO A 1 37  ? 18.843  10.469  -7.686  1.00 22.91 ? 37  PRO A CB   1 
ATOM   310  C  CG   . PRO A 1 37  ? 18.607  10.704  -9.134  1.00 22.65 ? 37  PRO A CG   1 
ATOM   311  C  CD   . PRO A 1 37  ? 17.137  10.468  -9.351  1.00 21.02 ? 37  PRO A CD   1 
ATOM   312  N  N    . SER A 1 38  ? 17.038  13.384  -7.060  1.00 17.80 ? 38  SER A N    1 
ATOM   313  C  CA   . SER A 1 38  ? 17.214  14.783  -6.693  1.00 18.12 ? 38  SER A CA   1 
ATOM   314  C  C    . SER A 1 38  ? 16.341  15.122  -5.490  1.00 15.60 ? 38  SER A C    1 
ATOM   315  O  O    . SER A 1 38  ? 15.107  15.058  -5.569  1.00 15.61 ? 38  SER A O    1 
ATOM   316  C  CB   . SER A 1 38  ? 16.852  15.679  -7.873  1.00 19.85 ? 38  SER A CB   1 
ATOM   317  O  OG   . SER A 1 38  ? 16.662  17.018  -7.454  1.00 18.93 ? 38  SER A OG   1 
ATOM   318  N  N    . LEU A 1 39  ? 16.980  15.485  -4.375  1.00 15.98 ? 39  LEU A N    1 
ATOM   319  C  CA   . LEU A 1 39  ? 16.227  15.959  -3.217  1.00 15.96 ? 39  LEU A CA   1 
ATOM   320  C  C    . LEU A 1 39  ? 15.435  17.221  -3.537  1.00 14.46 ? 39  LEU A C    1 
ATOM   321  O  O    . LEU A 1 39  ? 14.338  17.418  -3.001  1.00 14.52 ? 39  LEU A O    1 
ATOM   322  C  CB   . LEU A 1 39  ? 17.172  16.198  -2.038  1.00 16.28 ? 39  LEU A CB   1 
ATOM   323  C  CG   . LEU A 1 39  ? 16.531  16.741  -0.758  1.00 15.75 ? 39  LEU A CG   1 
ATOM   324  C  CD1  . LEU A 1 39  ? 15.459  15.787  -0.230  1.00 16.42 ? 39  LEU A CD1  1 
ATOM   325  C  CD2  . LEU A 1 39  ? 17.592  17.002  0.305   1.00 20.16 ? 39  LEU A CD2  1 
ATOM   326  N  N    . ASN A 1 40  ? 15.971  18.091  -4.398  1.00 15.41 ? 40  ASN A N    1 
ATOM   327  C  CA   . ASN A 1 40  ? 15.216  19.276  -4.793  1.00 14.60 ? 40  ASN A CA   1 
ATOM   328  C  C    . ASN A 1 40  ? 13.930  18.891  -5.516  1.00 14.62 ? 40  ASN A C    1 
ATOM   329  O  O    . ASN A 1 40  ? 12.880  19.510  -5.302  1.00 13.76 ? 40  ASN A O    1 
ATOM   330  C  CB   . ASN A 1 40  ? 16.072  20.192  -5.670  1.00 17.81 ? 40  ASN A CB   1 
ATOM   331  C  CG   . ASN A 1 40  ? 17.081  20.993  -4.872  1.00 19.72 ? 40  ASN A CG   1 
ATOM   332  O  OD1  . ASN A 1 40  ? 16.906  21.221  -3.676  1.00 22.66 ? 40  ASN A OD1  1 
ATOM   333  N  ND2  . ASN A 1 40  ? 18.141  21.433  -5.539  1.00 26.50 ? 40  ASN A ND2  1 
ATOM   334  N  N    . ALA A 1 41  ? 13.993  17.878  -6.384  1.00 15.14 ? 41  ALA A N    1 
ATOM   335  C  CA   . ALA A 1 41  ? 12.782  17.396  -7.043  1.00 14.80 ? 41  ALA A CA   1 
ATOM   336  C  C    . ALA A 1 41  ? 11.766  16.894  -6.025  1.00 13.39 ? 41  ALA A C    1 
ATOM   337  O  O    . ALA A 1 41  ? 10.564  17.155  -6.158  1.00 13.40 ? 41  ALA A O    1 
ATOM   338  C  CB   . ALA A 1 41  ? 13.125  16.301  -8.056  1.00 16.43 ? 41  ALA A CB   1 
ATOM   339  N  N    . ALA A 1 42  ? 12.231  16.175  -4.996  1.00 12.91 ? 42  ALA A N    1 
ATOM   340  C  CA   . ALA A 1 42  ? 11.334  15.706  -3.942  1.00 12.44 ? 42  ALA A CA   1 
ATOM   341  C  C    . ALA A 1 42  ? 10.702  16.869  -3.190  1.00 12.10 ? 42  ALA A C    1 
ATOM   342  O  O    . ALA A 1 42  ? 9.503   16.842  -2.878  1.00 11.99 ? 42  ALA A O    1 
ATOM   343  C  CB   . ALA A 1 42  ? 12.098  14.806  -2.972  1.00 12.97 ? 42  ALA A CB   1 
ATOM   344  N  N    . LYS A 1 43  ? 11.501  17.891  -2.870  1.00 12.63 ? 43  LYS A N    1 
ATOM   345  C  CA   . LYS A 1 43  ? 10.979  19.053  -2.156  1.00 13.06 ? 43  LYS A CA   1 
ATOM   346  C  C    . LYS A 1 43  ? 9.939   19.793  -2.985  1.00 11.68 ? 43  LYS A C    1 
ATOM   347  O  O    . LYS A 1 43  ? 8.941   20.288  -2.447  1.00 12.51 ? 43  LYS A O    1 
ATOM   348  C  CB   . LYS A 1 43  ? 12.128  19.986  -1.775  1.00 13.17 ? 43  LYS A CB   1 
ATOM   349  C  CG   . LYS A 1 43  ? 12.946  19.478  -0.588  1.00 13.97 ? 43  LYS A CG   1 
ATOM   350  C  CD   . LYS A 1 43  ? 14.184  20.334  -0.364  1.00 16.46 ? 43  LYS A CD   1 
ATOM   351  C  CE   . LYS A 1 43  ? 14.915  19.899  0.893   1.00 17.27 ? 43  LYS A CE   1 
ATOM   352  N  NZ   . LYS A 1 43  ? 16.029  20.834  1.224   1.00 22.18 ? 43  LYS A NZ   1 
ATOM   353  N  N    . SER A 1 44  ? 10.152  19.870  -4.300  1.00 12.46 ? 44  SER A N    1 
ATOM   354  C  CA   . SER A 1 44  ? 9.157   20.493  -5.166  1.00 13.18 ? 44  SER A CA   1 
ATOM   355  C  C    . SER A 1 44  ? 7.854   19.705  -5.154  1.00 12.45 ? 44  SER A C    1 
ATOM   356  O  O    . SER A 1 44  ? 6.769   20.289  -5.029  1.00 13.11 ? 44  SER A O    1 
ATOM   357  C  CB   . SER A 1 44  ? 9.695   20.632  -6.590  1.00 15.65 ? 44  SER A CB   1 
ATOM   358  O  OG   . SER A 1 44  ? 10.736  21.592  -6.659  1.00 21.11 ? 44  SER A OG   1 
ATOM   359  N  N    . GLU A 1 45  ? 7.939   18.375  -5.259  1.00 12.36 ? 45  GLU A N    1 
ATOM   360  C  CA   . GLU A 1 45  ? 6.727   17.566  -5.174  1.00 13.45 ? 45  GLU A CA   1 
ATOM   361  C  C    . GLU A 1 45  ? 6.017   17.780  -3.845  1.00 11.83 ? 45  GLU A C    1 
ATOM   362  O  O    . GLU A 1 45  ? 4.783   17.859  -3.792  1.00 13.02 ? 45  GLU A O    1 
ATOM   363  C  CB   . GLU A 1 45  ? 7.064   16.087  -5.354  1.00 12.97 ? 45  GLU A CB   1 
ATOM   364  C  CG   . GLU A 1 45  ? 7.469   15.710  -6.767  1.00 13.23 ? 45  GLU A CG   1 
ATOM   365  C  CD   . GLU A 1 45  ? 6.393   16.061  -7.784  1.00 14.22 ? 45  GLU A CD   1 
ATOM   366  O  OE1  . GLU A 1 45  ? 5.257   15.555  -7.669  1.00 15.81 ? 45  GLU A OE1  1 
ATOM   367  O  OE2  . GLU A 1 45  ? 6.676   16.869  -8.695  1.00 17.02 ? 45  GLU A OE2  1 
ATOM   368  N  N    . LEU A 1 46  ? 6.777   17.886  -2.754  1.00 11.36 ? 46  LEU A N    1 
ATOM   369  C  CA   . LEU A 1 46  ? 6.160   18.079  -1.446  1.00 11.63 ? 46  LEU A CA   1 
ATOM   370  C  C    . LEU A 1 46  ? 5.398   19.397  -1.387  1.00 10.81 ? 46  LEU A C    1 
ATOM   371  O  O    . LEU A 1 46  ? 4.254   19.450  -0.924  1.00 11.56 ? 46  LEU A O    1 
ATOM   372  C  CB   . LEU A 1 46  ? 7.231   18.028  -0.359  1.00 11.90 ? 46  LEU A CB   1 
ATOM   373  C  CG   . LEU A 1 46  ? 6.719   18.275  1.057   1.00 11.22 ? 46  LEU A CG   1 
ATOM   374  C  CD1  . LEU A 1 46  ? 5.692   17.210  1.433   1.00 13.25 ? 46  LEU A CD1  1 
ATOM   375  C  CD2  . LEU A 1 46  ? 7.855   18.301  2.075   1.00 13.25 ? 46  LEU A CD2  1 
ATOM   376  N  N    . ASP A 1 47  ? 6.031   20.484  -1.839  1.00 12.07 ? 47  ASP A N    1 
ATOM   377  C  CA   . ASP A 1 47  ? 5.382   21.793  -1.792  1.00 12.46 ? 47  ASP A CA   1 
ATOM   378  C  C    . ASP A 1 47  ? 4.105   21.798  -2.620  1.00 11.75 ? 47  ASP A C    1 
ATOM   379  O  O    . ASP A 1 47  ? 3.090   22.373  -2.208  1.00 12.95 ? 47  ASP A O    1 
ATOM   380  C  CB   . ASP A 1 47  ? 6.350   22.868  -2.280  1.00 13.89 ? 47  ASP A CB   1 
ATOM   381  C  CG   . ASP A 1 47  ? 7.514   23.087  -1.327  1.00 14.95 ? 47  ASP A CG   1 
ATOM   382  O  OD1  . ASP A 1 47  ? 7.506   22.533  -0.210  1.00 15.01 ? 47  ASP A OD1  1 
ATOM   383  O  OD2  . ASP A 1 47  ? 8.449   23.830  -1.700  1.00 18.65 ? 47  ASP A OD2  1 
ATOM   384  N  N    . LYS A 1 48  ? 4.143   21.167  -3.790  1.00 11.56 ? 48  LYS A N    1 
ATOM   385  C  CA   . LYS A 1 48  ? 2.956   21.036  -4.633  1.00 12.93 ? 48  LYS A CA   1 
ATOM   386  C  C    . LYS A 1 48  ? 1.854   20.242  -3.929  1.00 11.98 ? 48  LYS A C    1 
ATOM   387  O  O    . LYS A 1 48  ? 0.672   20.601  -4.002  1.00 12.11 ? 48  LYS A O    1 
ATOM   388  C  CB   . LYS A 1 48  ? 3.373   20.378  -5.955  1.00 15.04 ? 48  LYS A CB   1 
ATOM   389  C  CG   . LYS A 1 48  ? 2.247   19.985  -6.888  1.00 15.12 ? 48  LYS A CG   1 
ATOM   390  C  CD   . LYS A 1 48  ? 2.761   19.654  -8.290  1.00 16.08 ? 48  LYS A CD   1 
ATOM   391  C  CE   . LYS A 1 48  ? 3.794   18.537  -8.297  1.00 15.20 ? 48  LYS A CE   1 
ATOM   392  N  NZ   . LYS A 1 48  ? 3.159   17.196  -8.348  1.00 14.83 ? 48  LYS A NZ   1 
ATOM   393  N  N    . ALA A 1 49  ? 2.227   19.175  -3.217  1.00 11.41 ? 49  ALA A N    1 
ATOM   394  C  CA   . ALA A 1 49  ? 1.233   18.332  -2.551  1.00 11.26 ? 49  ALA A CA   1 
ATOM   395  C  C    . ALA A 1 49  ? 0.585   19.042  -1.369  1.00 11.66 ? 49  ALA A C    1 
ATOM   396  O  O    . ALA A 1 49  ? -0.608  18.851  -1.104  1.00 11.55 ? 49  ALA A O    1 
ATOM   397  C  CB   . ALA A 1 49  ? 1.887   17.037  -2.080  1.00 11.80 ? 49  ALA A CB   1 
ATOM   398  N  N    . ILE A 1 50  ? 1.357   19.835  -0.628  1.00 11.59 ? 50  ILE A N    1 
ATOM   399  C  CA   . ILE A 1 50  ? 0.865   20.477  0.588   1.00 12.40 ? 50  ILE A CA   1 
ATOM   400  C  C    . ILE A 1 50  ? 0.251   21.849  0.300   1.00 12.99 ? 50  ILE A C    1 
ATOM   401  O  O    . ILE A 1 50  ? -0.658  22.286  1.017   1.00 14.12 ? 50  ILE A O    1 
ATOM   402  C  CB   . ILE A 1 50  ? 2.004   20.588  1.622   1.00 12.37 ? 50  ILE A CB   1 
ATOM   403  C  CG1  . ILE A 1 50  ? 2.618   19.217  1.910   1.00 15.07 ? 50  ILE A CG1  1 
ATOM   404  C  CG2  . ILE A 1 50  ? 1.518   21.233  2.923   1.00 14.67 ? 50  ILE A CG2  1 
ATOM   405  C  CD1  . ILE A 1 50  ? 1.646   18.234  2.515   1.00 17.97 ? 50  ILE A CD1  1 
ATOM   406  N  N    . GLY A 1 51  ? 0.731   22.537  -0.728  1.00 12.66 ? 51  GLY A N    1 
ATOM   407  C  CA   . GLY A 1 51  ? 0.258   23.877  -1.027  1.00 13.74 ? 51  GLY A CA   1 
ATOM   408  C  C    . GLY A 1 51  ? 0.978   24.989  -0.304  1.00 14.97 ? 51  GLY A C    1 
ATOM   409  O  O    . GLY A 1 51  ? 0.419   26.089  -0.170  1.00 16.00 ? 51  GLY A O    1 
ATOM   410  N  N    . ARG A 1 52  ? 2.196   24.747  0.170   1.00 14.69 ? 52  ARG A N    1 
ATOM   411  C  CA   . ARG A 1 52  ? 3.015   25.789  0.772   1.00 15.75 ? 52  ARG A CA   1 
ATOM   412  C  C    . ARG A 1 52  ? 4.467   25.363  0.641   1.00 15.20 ? 52  ARG A C    1 
ATOM   413  O  O    . ARG A 1 52  ? 4.773   24.225  0.275   1.00 14.62 ? 52  ARG A O    1 
ATOM   414  C  CB   . ARG A 1 52  ? 2.644   26.020  2.239   1.00 15.99 ? 52  ARG A CB   1 
ATOM   415  C  CG   . ARG A 1 52  ? 3.011   24.855  3.141   1.00 15.16 ? 52  ARG A CG   1 
ATOM   416  C  CD   . ARG A 1 52  ? 2.582   25.052  4.593   1.00 15.73 ? 52  ARG A CD   1 
ATOM   417  N  NE   . ARG A 1 52  ? 2.926   23.868  5.380   1.00 15.18 ? 52  ARG A NE   1 
ATOM   418  C  CZ   . ARG A 1 52  ? 4.122   23.636  5.917   1.00 15.14 ? 52  ARG A CZ   1 
ATOM   419  N  NH1  . ARG A 1 52  ? 5.108   24.516  5.780   1.00 16.86 ? 52  ARG A NH1  1 
ATOM   420  N  NH2  . ARG A 1 52  ? 4.338   22.509  6.587   1.00 16.11 ? 52  ARG A NH2  1 
ATOM   421  N  N    . ASN A 1 53  ? 5.362   26.298  0.949   1.00 14.96 ? 53  ASN A N    1 
ATOM   422  C  CA   . ASN A 1 53  ? 6.799   26.058  0.899   1.00 15.46 ? 53  ASN A CA   1 
ATOM   423  C  C    . ASN A 1 53  ? 7.207   25.359  2.189   1.00 14.73 ? 53  ASN A C    1 
ATOM   424  O  O    . ASN A 1 53  ? 7.240   25.977  3.255   1.00 15.87 ? 53  ASN A O    1 
ATOM   425  C  CB   . ASN A 1 53  ? 7.500   27.407  0.759   1.00 17.00 ? 53  ASN A CB   1 
ATOM   426  C  CG   . ASN A 1 53  ? 8.931   27.286  0.297   1.00 22.61 ? 53  ASN A CG   1 
ATOM   427  O  OD1  . ASN A 1 53  ? 9.667   26.408  0.737   1.00 23.73 ? 53  ASN A OD1  1 
ATOM   428  N  ND2  . ASN A 1 53  ? 9.338   28.180  -0.598  1.00 30.77 ? 53  ASN A ND2  1 
ATOM   429  N  N    . CYS A 1 54  ? 7.501   24.057  2.100   1.00 14.50 ? 54  CYS A N    1 
ATOM   430  C  CA   . CYS A 1 54  ? 7.651   23.210  3.278   1.00 14.81 ? 54  CYS A CA   1 
ATOM   431  C  C    . CYS A 1 54  ? 9.089   23.001  3.720   1.00 13.97 ? 54  CYS A C    1 
ATOM   432  O  O    . CYS A 1 54  ? 9.307   22.617  4.877   1.00 16.19 ? 54  CYS A O    1 
ATOM   433  C  CB   . CYS A 1 54  ? 7.048   21.823  3.013   1.00 13.86 ? 54  CYS A CB   1 
ATOM   434  S  SG   . CYS A 1 54  ? 5.262   21.810  2.900   1.00 14.25 ? 54  CYS A SG   1 
ATOM   435  N  N    . ASN A 1 55  ? 10.064  23.173  2.833   1.00 16.14 ? 55  ASN A N    1 
ATOM   436  C  CA   . ASN A 1 55  ? 11.458  22.940  3.209   1.00 19.46 ? 55  ASN A CA   1 
ATOM   437  C  C    . ASN A 1 55  ? 11.693  21.487  3.639   1.00 17.71 ? 55  ASN A C    1 
ATOM   438  O  O    . ASN A 1 55  ? 12.570  21.208  4.454   1.00 20.75 ? 55  ASN A O    1 
ATOM   439  C  CB   . ASN A 1 55  ? 11.885  23.941  4.299   1.00 23.35 ? 55  ASN A CB   1 
ATOM   440  C  CG   . ASN A 1 55  ? 13.387  23.982  4.545   1.00 24.30 ? 55  ASN A CG   1 
ATOM   441  O  OD1  . ASN A 1 55  ? 14.194  23.764  3.641   1.00 26.49 ? 55  ASN A OD1  1 
ATOM   442  N  ND2  . ASN A 1 55  ? 13.765  24.290  5.787   1.00 23.20 ? 55  ASN A ND2  1 
ATOM   443  N  N    . GLY A 1 56  ? 10.893  20.547  3.122   1.00 14.83 ? 56  GLY A N    1 
ATOM   444  C  CA   . GLY A 1 56  ? 11.058  19.142  3.451   1.00 14.30 ? 56  GLY A CA   1 
ATOM   445  C  C    . GLY A 1 56  ? 10.465  18.694  4.769   1.00 13.62 ? 56  GLY A C    1 
ATOM   446  O  O    . GLY A 1 56  ? 10.757  17.567  5.197   1.00 13.50 ? 56  GLY A O    1 
ATOM   447  N  N    . VAL A 1 57  ? 9.626   19.506  5.412   1.00 13.24 ? 57  VAL A N    1 
ATOM   448  C  CA   . VAL A 1 57  ? 9.056   19.186  6.716   1.00 13.16 ? 57  VAL A CA   1 
ATOM   449  C  C    . VAL A 1 57  ? 7.567   19.502  6.699   1.00 12.99 ? 57  VAL A C    1 
ATOM   450  O  O    . VAL A 1 57  ? 7.158   20.562  6.210   1.00 13.42 ? 57  VAL A O    1 
ATOM   451  C  CB   . VAL A 1 57  ? 9.749   19.997  7.834   1.00 15.13 ? 57  VAL A CB   1 
ATOM   452  C  CG1  . VAL A 1 57  ? 9.130   19.693  9.179   1.00 19.17 ? 57  VAL A CG1  1 
ATOM   453  C  CG2  . VAL A 1 57  ? 11.247  19.730  7.858   1.00 18.18 ? 57  VAL A CG2  1 
ATOM   454  N  N    . ILE A 1 58  ? 6.758   18.610  7.283   1.00 12.83 ? 58  ILE A N    1 
ATOM   455  C  CA   . ILE A 1 58  ? 5.314   18.802  7.377   1.00 13.19 ? 58  ILE A CA   1 
ATOM   456  C  C    . ILE A 1 58  ? 4.850   18.586  8.815   1.00 13.32 ? 58  ILE A C    1 
ATOM   457  O  O    . ILE A 1 58  ? 5.593   18.104  9.667   1.00 14.10 ? 58  ILE A O    1 
ATOM   458  C  CB   . ILE A 1 58  ? 4.516   17.909  6.397   1.00 11.92 ? 58  ILE A CB   1 
ATOM   459  C  CG1  . ILE A 1 58  ? 4.743   16.414  6.677   1.00 11.46 ? 58  ILE A CG1  1 
ATOM   460  C  CG2  . ILE A 1 58  ? 4.872   18.258  4.953   1.00 13.93 ? 58  ILE A CG2  1 
ATOM   461  C  CD1  . ILE A 1 58  ? 3.899   15.492  5.786   1.00 13.00 ? 58  ILE A CD1  1 
ATOM   462  N  N    . THR A 1 59  ? 3.594   18.951  9.073   1.00 14.74 ? 59  THR A N    1 
ATOM   463  C  CA   . THR A 1 59  ? 2.955   18.690  10.354  1.00 15.43 ? 59  THR A CA   1 
ATOM   464  C  C    . THR A 1 59  ? 2.228   17.344  10.340  1.00 15.22 ? 59  THR A C    1 
ATOM   465  O  O    . THR A 1 59  ? 1.971   16.749  9.289   1.00 14.17 ? 59  THR A O    1 
ATOM   466  C  CB   . THR A 1 59  ? 1.948   19.788  10.688  1.00 15.71 ? 59  THR A CB   1 
ATOM   467  O  OG1  . THR A 1 59  ? 0.833   19.688  9.795   1.00 15.87 ? 59  THR A OG1  1 
ATOM   468  C  CG2  . THR A 1 59  ? 2.586   21.176  10.575  1.00 19.55 ? 59  THR A CG2  1 
ATOM   469  N  N    . LYS A 1 60  ? 1.862   16.875  11.537  1.00 15.71 ? 60  LYS A N    1 
ATOM   470  C  CA   . LYS A 1 60  ? 1.109   15.629  11.634  1.00 15.62 ? 60  LYS A CA   1 
ATOM   471  C  C    . LYS A 1 60  ? -0.236  15.732  10.922  1.00 14.89 ? 60  LYS A C    1 
ATOM   472  O  O    . LYS A 1 60  ? -0.653  14.794  10.227  1.00 14.07 ? 60  LYS A O    1 
ATOM   473  C  CB   . LYS A 1 60  ? 0.935   15.230  13.100  1.00 17.04 ? 60  LYS A CB   1 
ATOM   474  C  CG   . LYS A 1 60  ? 0.222   13.902  13.312  1.00 18.62 ? 60  LYS A CG   1 
ATOM   475  C  CD   . LYS A 1 60  ? 0.354   13.455  14.763  1.00 21.72 ? 60  LYS A CD   1 
ATOM   476  C  CE   . LYS A 1 60  ? -0.374  12.146  15.028  1.00 27.10 ? 60  LYS A CE   1 
ATOM   477  N  NZ   . LYS A 1 60  ? -1.854  12.325  15.078  1.00 30.09 ? 60  LYS A NZ   1 
ATOM   478  N  N    . ASP A 1 61  ? -0.921  16.871  11.070  1.00 15.50 ? 61  ASP A N    1 
ATOM   479  C  CA   . ASP A 1 61  ? -2.184  17.081  10.365  1.00 14.31 ? 61  ASP A CA   1 
ATOM   480  C  C    . ASP A 1 61  ? -2.002  16.951  8.857   1.00 12.97 ? 61  ASP A C    1 
ATOM   481  O  O    . ASP A 1 61  ? -2.821  16.326  8.171   1.00 13.43 ? 61  ASP A O    1 
ATOM   482  C  CB   . ASP A 1 61  ? -2.734  18.469  10.692  1.00 16.18 ? 61  ASP A CB   1 
ATOM   483  C  CG   . ASP A 1 61  ? -3.453  18.529  12.026  1.00 21.08 ? 61  ASP A CG   1 
ATOM   484  O  OD1  . ASP A 1 61  ? -3.519  17.508  12.743  1.00 23.62 ? 61  ASP A OD1  1 
ATOM   485  O  OD2  . ASP A 1 61  ? -3.938  19.629  12.365  1.00 24.41 ? 61  ASP A OD2  1 
ATOM   486  N  N    . GLU A 1 62  ? -0.942  17.564  8.319   1.00 13.45 ? 62  GLU A N    1 
ATOM   487  C  CA   . GLU A 1 62  ? -0.674  17.473  6.887   1.00 12.92 ? 62  GLU A CA   1 
ATOM   488  C  C    . GLU A 1 62  ? -0.367  16.041  6.470   1.00 11.28 ? 62  GLU A C    1 
ATOM   489  O  O    . GLU A 1 62  ? -0.847  15.577  5.429   1.00 11.46 ? 62  GLU A O    1 
ATOM   490  C  CB   . GLU A 1 62  ? 0.470   18.415  6.504   1.00 12.40 ? 62  GLU A CB   1 
ATOM   491  C  CG   . GLU A 1 62  ? 0.081   19.892  6.620   1.00 13.79 ? 62  GLU A CG   1 
ATOM   492  C  CD   . GLU A 1 62  ? 1.253   20.861  6.553   1.00 13.56 ? 62  GLU A CD   1 
ATOM   493  O  OE1  . GLU A 1 62  ? 2.402   20.463  6.808   1.00 14.28 ? 62  GLU A OE1  1 
ATOM   494  O  OE2  . GLU A 1 62  ? 0.998   22.058  6.284   1.00 16.26 ? 62  GLU A OE2  1 
ATOM   495  N  N    . ALA A 1 63  ? 0.429   15.326  7.270   1.00 11.73 ? 63  ALA A N    1 
ATOM   496  C  CA   . ALA A 1 63  ? 0.713   13.930  6.964   1.00 10.99 ? 63  ALA A CA   1 
ATOM   497  C  C    . ALA A 1 63  ? -0.566  13.107  6.935   1.00 12.10 ? 63  ALA A C    1 
ATOM   498  O  O    . ALA A 1 63  ? -0.744  12.250  6.062   1.00 11.06 ? 63  ALA A O    1 
ATOM   499  C  CB   . ALA A 1 63  ? 1.698   13.365  7.984   1.00 13.22 ? 63  ALA A CB   1 
ATOM   500  N  N    . GLU A 1 64  ? -1.476  13.358  7.875   1.00 11.79 ? 64  GLU A N    1 
ATOM   501  C  CA   . GLU A 1 64  ? -2.712  12.586  7.922   1.00 11.83 ? 64  GLU A CA   1 
ATOM   502  C  C    . GLU A 1 64  ? -3.639  12.929  6.764   1.00 11.26 ? 64  GLU A C    1 
ATOM   503  O  O    . GLU A 1 64  ? -4.349  12.052  6.252   1.00 11.42 ? 64  GLU A O    1 
ATOM   504  C  CB   . GLU A 1 64  ? -3.376  12.759  9.289   1.00 13.86 ? 64  GLU A CB   1 
ATOM   505  C  CG   . GLU A 1 64  ? -2.576  12.080  10.393  1.00 15.26 ? 64  GLU A CG   1 
ATOM   506  C  CD   . GLU A 1 64  ? -3.037  12.406  11.805  1.00 19.94 ? 64  GLU A CD   1 
ATOM   507  O  OE1  . GLU A 1 64  ? -3.808  13.371  11.991  1.00 21.08 ? 64  GLU A OE1  1 
ATOM   508  O  OE2  . GLU A 1 64  ? -2.616  11.679  12.733  1.00 24.40 ? 64  GLU A OE2  1 
ATOM   509  N  N    . LYS A 1 65  ? -3.636  14.190  6.329   1.00 11.40 ? 65  LYS A N    1 
ATOM   510  C  CA   . LYS A 1 65  ? -4.437  14.577  5.175   1.00 12.50 ? 65  LYS A CA   1 
ATOM   511  C  C    . LYS A 1 65  ? -3.920  13.927  3.899   1.00 11.10 ? 65  LYS A C    1 
ATOM   512  O  O    . LYS A 1 65  ? -4.702  13.390  3.107   1.00 11.36 ? 65  LYS A O    1 
ATOM   513  C  CB   . LYS A 1 65  ? -4.452  16.099  5.040   1.00 14.15 ? 65  LYS A CB   1 
ATOM   514  C  CG   . LYS A 1 65  ? -5.323  16.612  3.914   1.00 17.45 ? 65  LYS A CG   1 
ATOM   515  C  CD   . LYS A 1 65  ? -5.215  18.132  3.846   1.00 21.12 ? 65  LYS A CD   1 
ATOM   516  C  CE   . LYS A 1 65  ? -5.785  18.693  2.558   1.00 27.05 ? 65  LYS A CE   1 
ATOM   517  N  NZ   . LYS A 1 65  ? -7.215  19.077  2.716   1.00 26.06 ? 65  LYS A NZ   1 
ATOM   518  N  N    . LEU A 1 66  ? -2.604  13.975  3.678   1.00 11.06 ? 66  LEU A N    1 
ATOM   519  C  CA   . LEU A 1 66  ? -2.018  13.288  2.529   1.00 11.28 ? 66  LEU A CA   1 
ATOM   520  C  C    . LEU A 1 66  ? -2.358  11.805  2.562   1.00 11.33 ? 66  LEU A C    1 
ATOM   521  O  O    . LEU A 1 66  ? -2.683  11.209  1.529   1.00 11.17 ? 66  LEU A O    1 
ATOM   522  C  CB   . LEU A 1 66  ? -0.497  13.436  2.554   1.00 14.24 ? 66  LEU A CB   1 
ATOM   523  C  CG   . LEU A 1 66  ? 0.152   14.745  2.128   1.00 14.83 ? 66  LEU A CG   1 
ATOM   524  C  CD1  . LEU A 1 66  ? 1.665   14.591  2.199   1.00 19.76 ? 66  LEU A CD1  1 
ATOM   525  C  CD2  . LEU A 1 66  ? -0.285  15.132  0.728   1.00 20.74 ? 66  LEU A CD2  1 
ATOM   526  N  N    . PHE A 1 67  ? -2.282  11.197  3.749   1.00 10.16 ? 67  PHE A N    1 
ATOM   527  C  CA   . PHE A 1 67  ? -2.576  9.776   3.915   1.00 10.36 ? 67  PHE A CA   1 
ATOM   528  C  C    . PHE A 1 67  ? -4.008  9.452   3.508   1.00 11.20 ? 67  PHE A C    1 
ATOM   529  O  O    . PHE A 1 67  ? -4.254  8.474   2.791   1.00 10.85 ? 67  PHE A O    1 
ATOM   530  C  CB   . PHE A 1 67  ? -2.302  9.408   5.372   1.00 10.32 ? 67  PHE A CB   1 
ATOM   531  C  CG   . PHE A 1 67  ? -2.500  7.952   5.715   1.00 10.13 ? 67  PHE A CG   1 
ATOM   532  C  CD1  . PHE A 1 67  ? -2.018  6.918   4.906   1.00 10.94 ? 67  PHE A CD1  1 
ATOM   533  C  CD2  . PHE A 1 67  ? -3.159  7.624   6.885   1.00 11.30 ? 67  PHE A CD2  1 
ATOM   534  C  CE1  . PHE A 1 67  ? -2.196  5.587   5.278   1.00 10.76 ? 67  PHE A CE1  1 
ATOM   535  C  CE2  . PHE A 1 67  ? -3.335  6.297   7.255   1.00 11.80 ? 67  PHE A CE2  1 
ATOM   536  C  CZ   . PHE A 1 67  ? -2.851  5.282   6.445   1.00 11.42 ? 67  PHE A CZ   1 
ATOM   537  N  N    . ASN A 1 68  ? -4.974  10.267  3.944   1.00 10.93 ? 68  ASN A N    1 
ATOM   538  C  CA   . ASN A 1 68  ? -6.364  10.055  3.535   1.00 11.31 ? 68  ASN A CA   1 
ATOM   539  C  C    . ASN A 1 68  ? -6.504  10.111  2.019   1.00 10.89 ? 68  ASN A C    1 
ATOM   540  O  O    . ASN A 1 68  ? -7.189  9.278   1.410   1.00 11.43 ? 68  ASN A O    1 
ATOM   541  C  CB   . ASN A 1 68  ? -7.258  11.115  4.180   1.00 14.09 ? 68  ASN A CB   1 
ATOM   542  C  CG   . ASN A 1 68  ? -8.732  10.711  4.246   1.00 14.96 ? 68  ASN A CG   1 
ATOM   543  O  OD1  . ASN A 1 68  ? -9.440  11.102  5.174   1.00 18.17 ? 68  ASN A OD1  1 
ATOM   544  N  ND2  . ASN A 1 68  ? -9.201  9.943   3.267   1.00 16.33 ? 68  ASN A ND2  1 
ATOM   545  N  N    . GLN A 1 69  ? -5.881  11.114  1.390   1.00 11.49 ? 69  GLN A N    1 
ATOM   546  C  CA   . GLN A 1 69  ? -5.917  11.215  -0.065  1.00 11.16 ? 69  GLN A CA   1 
ATOM   547  C  C    . GLN A 1 69  ? -5.312  9.982   -0.721  1.00 10.46 ? 69  GLN A C    1 
ATOM   548  O  O    . GLN A 1 69  ? -5.846  9.476   -1.713  1.00 11.57 ? 69  GLN A O    1 
ATOM   549  C  CB   . GLN A 1 69  ? -5.171  12.475  -0.507  1.00 10.52 ? 69  GLN A CB   1 
ATOM   550  C  CG   . GLN A 1 69  ? -5.870  13.747  -0.099  1.00 11.64 ? 69  GLN A CG   1 
ATOM   551  C  CD   . GLN A 1 69  ? -5.096  15.005  -0.440  1.00 12.12 ? 69  GLN A CD   1 
ATOM   552  O  OE1  . GLN A 1 69  ? -3.944  14.957  -0.885  1.00 14.02 ? 69  GLN A OE1  1 
ATOM   553  N  NE2  . GLN A 1 69  ? -5.733  16.143  -0.241  1.00 11.10 ? 69  GLN A NE2  1 
ATOM   554  N  N    . ASP A 1 70  ? -4.186  9.501   -0.190  1.00 10.65 ? 70  ASP A N    1 
ATOM   555  C  CA   . ASP A 1 70  ? -3.503  8.361   -0.789  1.00 10.91 ? 70  ASP A CA   1 
ATOM   556  C  C    . ASP A 1 70  ? -4.322  7.080   -0.664  1.00 10.60 ? 70  ASP A C    1 
ATOM   557  O  O    . ASP A 1 70  ? -4.361  6.270   -1.597  1.00 12.38 ? 70  ASP A O    1 
ATOM   558  C  CB   . ASP A 1 70  ? -2.130  8.169   -0.140  1.00 11.49 ? 70  ASP A CB   1 
ATOM   559  C  CG   . ASP A 1 70  ? -1.157  9.301   -0.439  1.00 11.80 ? 70  ASP A CG   1 
ATOM   560  O  OD1  . ASP A 1 70  ? -1.371  10.079  -1.399  1.00 12.00 ? 70  ASP A OD1  1 
ATOM   561  O  OD2  . ASP A 1 70  ? -0.148  9.400   0.291   1.00 12.29 ? 70  ASP A OD2  1 
ATOM   562  N  N    . VAL A 1 71  ? -4.945  6.854   0.493   1.00 10.62 ? 71  VAL A N    1 
ATOM   563  C  CA   . VAL A 1 71  ? -5.797  5.675   0.649   1.00 11.59 ? 71  VAL A CA   1 
ATOM   564  C  C    . VAL A 1 71  ? -6.974  5.745   -0.315  1.00 10.73 ? 71  VAL A C    1 
ATOM   565  O  O    . VAL A 1 71  ? -7.303  4.768   -1.001  1.00 11.87 ? 71  VAL A O    1 
ATOM   566  C  CB   . VAL A 1 71  ? -6.268  5.529   2.107   1.00 10.39 ? 71  VAL A CB   1 
ATOM   567  C  CG1  . VAL A 1 71  ? -7.307  4.414   2.228   1.00 12.83 ? 71  VAL A CG1  1 
ATOM   568  C  CG2  . VAL A 1 71  ? -5.093  5.267   3.023   1.00 12.33 ? 71  VAL A CG2  1 
ATOM   569  N  N    . ASP A 1 72  ? -7.610  6.916   -0.397  1.00 11.70 ? 72  ASP A N    1 
ATOM   570  C  CA   . ASP A 1 72  ? -8.731  7.078   -1.317  1.00 12.13 ? 72  ASP A CA   1 
ATOM   571  C  C    . ASP A 1 72  ? -8.308  6.828   -2.755  1.00 13.52 ? 72  ASP A C    1 
ATOM   572  O  O    . ASP A 1 72  ? -9.038  6.191   -3.522  1.00 13.35 ? 72  ASP A O    1 
ATOM   573  C  CB   . ASP A 1 72  ? -9.324  8.476   -1.202  1.00 13.97 ? 72  ASP A CB   1 
ATOM   574  C  CG   . ASP A 1 72  ? -10.070 8.682   0.082   1.00 16.53 ? 72  ASP A CG   1 
ATOM   575  O  OD1  . ASP A 1 72  ? -10.248 9.858   0.464   1.00 18.29 ? 72  ASP A OD1  1 
ATOM   576  O  OD2  . ASP A 1 72  ? -10.462 7.680   0.718   1.00 20.19 ? 72  ASP A OD2  1 
ATOM   577  N  N    . ALA A 1 73  ? -7.129  7.322   -3.139  1.00 13.71 ? 73  ALA A N    1 
ATOM   578  C  CA   . ALA A 1 73  ? -6.652  7.127   -4.503  1.00 13.73 ? 73  ALA A CA   1 
ATOM   579  C  C    . ALA A 1 73  ? -6.435  5.652   -4.803  1.00 13.48 ? 73  ALA A C    1 
ATOM   580  O  O    . ALA A 1 73  ? -6.708  5.190   -5.916  1.00 15.28 ? 73  ALA A O    1 
ATOM   581  C  CB   . ALA A 1 73  ? -5.356  7.909   -4.722  1.00 17.46 ? 73  ALA A CB   1 
ATOM   582  N  N    . ALA A 1 74  ? -5.935  4.897   -3.829  1.00 13.04 ? 74  ALA A N    1 
ATOM   583  C  CA   . ALA A 1 74  ? -5.771  3.462   -4.024  1.00 13.36 ? 74  ALA A CA   1 
ATOM   584  C  C    . ALA A 1 74  ? -7.121  2.785   -4.247  1.00 12.50 ? 74  ALA A C    1 
ATOM   585  O  O    . ALA A 1 74  ? -7.274  1.965   -5.162  1.00 13.99 ? 74  ALA A O    1 
ATOM   586  C  CB   . ALA A 1 74  ? -5.033  2.861   -2.828  1.00 14.98 ? 74  ALA A CB   1 
ATOM   587  N  N    . VAL A 1 75  ? -8.118  3.127   -3.420  1.00 12.04 ? 75  VAL A N    1 
ATOM   588  C  CA   . VAL A 1 75  ? -9.452  2.537   -3.555  1.00 13.46 ? 75  VAL A CA   1 
ATOM   589  C  C    . VAL A 1 75  ? -10.052 2.871   -4.914  1.00 15.14 ? 75  VAL A C    1 
ATOM   590  O  O    . VAL A 1 75  ? -10.546 1.993   -5.634  1.00 14.85 ? 75  VAL A O    1 
ATOM   591  C  CB   . VAL A 1 75  ? -10.370 3.004   -2.412  1.00 11.68 ? 75  VAL A CB   1 
ATOM   592  C  CG1  . VAL A 1 75  ? -11.806 2.556   -2.669  1.00 16.49 ? 75  VAL A CG1  1 
ATOM   593  C  CG2  . VAL A 1 75  ? -9.871  2.495   -1.083  1.00 12.74 ? 75  VAL A CG2  1 
ATOM   594  N  N    . ARG A 1 76  ? -10.040 4.154   -5.280  1.00 15.65 ? 76  ARG A N    1 
ATOM   595  C  CA   . ARG A 1 76  ? -10.662 4.534   -6.544  1.00 17.48 ? 76  ARG A CA   1 
ATOM   596  C  C    . ARG A 1 76  ? -9.935  3.917   -7.734  1.00 20.21 ? 76  ARG A C    1 
ATOM   597  O  O    . ARG A 1 76  ? -10.569 3.599   -8.748  1.00 19.72 ? 76  ARG A O    1 
ATOM   598  C  CB   . ARG A 1 76  ? -10.777 6.057   -6.661  1.00 22.30 ? 76  ARG A CB   1 
ATOM   599  C  CG   . ARG A 1 76  ? -11.637 6.727   -5.581  1.00 22.65 ? 76  ARG A CG   1 
ATOM   600  C  CD   . ARG A 1 76  ? -13.070 6.177   -5.517  1.00 24.16 ? 76  ARG A CD   1 
ATOM   601  N  NE   . ARG A 1 76  ? -13.890 6.563   -6.669  1.00 23.79 ? 76  ARG A NE   1 
ATOM   602  C  CZ   . ARG A 1 76  ? -14.541 7.720   -6.787  1.00 24.63 ? 76  ARG A CZ   1 
ATOM   603  N  NH1  . ARG A 1 76  ? -14.473 8.632   -5.824  1.00 24.98 ? 76  ARG A NH1  1 
ATOM   604  N  NH2  . ARG A 1 76  ? -15.261 7.968   -7.877  1.00 23.38 ? 76  ARG A NH2  1 
ATOM   605  N  N    . GLY A 1 77  ? -8.623  3.706   -7.619  1.00 17.65 ? 77  GLY A N    1 
ATOM   606  C  CA   . GLY A 1 77  ? -7.891  3.036   -8.681  1.00 18.02 ? 77  GLY A CA   1 
ATOM   607  C  C    . GLY A 1 77  ? -8.281  1.577   -8.833  1.00 19.09 ? 77  GLY A C    1 
ATOM   608  O  O    . GLY A 1 77  ? -8.399  1.071   -9.954  1.00 20.51 ? 77  GLY A O    1 
ATOM   609  N  N    . ILE A 1 78  ? -8.461  0.873   -7.712  1.00 14.89 ? 78  ILE A N    1 
ATOM   610  C  CA   . ILE A 1 78  ? -9.008  -0.481  -7.761  1.00 14.94 ? 78  ILE A CA   1 
ATOM   611  C  C    . ILE A 1 78  ? -10.355 -0.480  -8.472  1.00 14.66 ? 78  ILE A C    1 
ATOM   612  O  O    . ILE A 1 78  ? -10.603 -1.286  -9.376  1.00 14.80 ? 78  ILE A O    1 
ATOM   613  C  CB   . ILE A 1 78  ? -9.120  -1.063  -6.341  1.00 13.83 ? 78  ILE A CB   1 
ATOM   614  C  CG1  . ILE A 1 78  ? -7.736  -1.411  -5.785  1.00 14.44 ? 78  ILE A CG1  1 
ATOM   615  C  CG2  . ILE A 1 78  ? -10.038 -2.289  -6.330  1.00 14.27 ? 78  ILE A CG2  1 
ATOM   616  C  CD1  . ILE A 1 78  ? -7.725  -1.638  -4.286  1.00 16.35 ? 78  ILE A CD1  1 
ATOM   617  N  N    . LEU A 1 79  ? -11.237 0.439   -8.084  1.00 14.16 ? 79  LEU A N    1 
ATOM   618  C  CA   . LEU A 1 79  ? -12.594 0.440   -8.621  1.00 15.36 ? 79  LEU A CA   1 
ATOM   619  C  C    . LEU A 1 79  ? -12.647 0.812   -10.098 1.00 17.37 ? 79  LEU A C    1 
ATOM   620  O  O    . LEU A 1 79  ? -13.619 0.459   -10.776 1.00 18.94 ? 79  LEU A O    1 
ATOM   621  C  CB   . LEU A 1 79  ? -13.502 1.352   -7.796  1.00 16.40 ? 79  LEU A CB   1 
ATOM   622  C  CG   . LEU A 1 79  ? -13.702 0.953   -6.330  1.00 16.08 ? 79  LEU A CG   1 
ATOM   623  C  CD1  . LEU A 1 79  ? -14.536 1.994   -5.592  1.00 18.80 ? 79  LEU A CD1  1 
ATOM   624  C  CD2  . LEU A 1 79  ? -14.328 -0.431  -6.210  1.00 18.73 ? 79  LEU A CD2  1 
ATOM   625  N  N    . ARG A 1 80  ? -11.636 1.507   -10.611 1.00 16.49 ? 80  ARG A N    1 
ATOM   626  C  CA   . ARG A 1 80  ? -11.588 1.858   -12.024 1.00 18.22 ? 80  ARG A CA   1 
ATOM   627  C  C    . ARG A 1 80  ? -10.895 0.802   -12.871 1.00 19.07 ? 80  ARG A C    1 
ATOM   628  O  O    . ARG A 1 80  ? -10.911 0.909   -14.104 1.00 22.99 ? 80  ARG A O    1 
ATOM   629  C  CB   . ARG A 1 80  ? -10.885 3.208   -12.215 1.00 20.13 ? 80  ARG A CB   1 
ATOM   630  C  CG   . ARG A 1 80  ? -11.723 4.414   -11.819 1.00 26.28 ? 80  ARG A CG   1 
ATOM   631  C  CD   . ARG A 1 80  ? -11.032 5.717   -12.203 1.00 31.16 ? 80  ARG A CD   1 
ATOM   632  N  NE   . ARG A 1 80  ? -10.862 6.617   -11.065 1.00 36.74 ? 80  ARG A NE   1 
ATOM   633  C  CZ   . ARG A 1 80  ? -9.713  6.806   -10.421 1.00 34.24 ? 80  ARG A CZ   1 
ATOM   634  N  NH1  . ARG A 1 80  ? -8.618  6.159   -10.800 1.00 34.75 ? 80  ARG A NH1  1 
ATOM   635  N  NH2  . ARG A 1 80  ? -9.656  7.646   -9.396  1.00 38.24 ? 80  ARG A NH2  1 
ATOM   636  N  N    . ASN A 1 81  ? -10.300 -0.210  -12.252 1.00 16.92 ? 81  ASN A N    1 
ATOM   637  C  CA   . ASN A 1 81  ? -9.471  -1.182  -12.949 1.00 17.65 ? 81  ASN A CA   1 
ATOM   638  C  C    . ASN A 1 81  ? -10.286 -2.443  -13.220 1.00 18.95 ? 81  ASN A C    1 
ATOM   639  O  O    . ASN A 1 81  ? -10.765 -3.093  -12.285 1.00 18.02 ? 81  ASN A O    1 
ATOM   640  C  CB   . ASN A 1 81  ? -8.236  -1.500  -12.107 1.00 18.61 ? 81  ASN A CB   1 
ATOM   641  C  CG   . ASN A 1 81  ? -7.244  -2.377  -12.833 1.00 20.25 ? 81  ASN A CG   1 
ATOM   642  O  OD1  . ASN A 1 81  ? -7.545  -3.519  -13.177 1.00 23.89 ? 81  ASN A OD1  1 
ATOM   643  N  ND2  . ASN A 1 81  ? -6.042  -1.856  -13.058 1.00 21.53 ? 81  ASN A ND2  1 
ATOM   644  N  N    . ALA A 1 82  ? -10.423 -2.801  -14.500 1.00 19.95 ? 82  ALA A N    1 
ATOM   645  C  CA   . ALA A 1 82  ? -11.255 -3.941  -14.872 1.00 20.56 ? 82  ALA A CA   1 
ATOM   646  C  C    . ALA A 1 82  ? -10.701 -5.272  -14.378 1.00 19.71 ? 82  ALA A C    1 
ATOM   647  O  O    . ALA A 1 82  ? -11.467 -6.233  -14.238 1.00 22.42 ? 82  ALA A O    1 
ATOM   648  C  CB   . ALA A 1 82  ? -11.455 -3.977  -16.389 1.00 24.20 ? 82  ALA A CB   1 
ATOM   649  N  N    . LYS A 1 83  ? -9.396  -5.358  -14.120 1.00 19.71 ? 83  LYS A N    1 
ATOM   650  C  CA   . LYS A 1 83  ? -8.836  -6.586  -13.570 1.00 21.93 ? 83  LYS A CA   1 
ATOM   651  C  C    . LYS A 1 83  ? -9.066  -6.676  -12.067 1.00 18.85 ? 83  LYS A C    1 
ATOM   652  O  O    . LYS A 1 83  ? -9.385  -7.751  -11.545 1.00 22.99 ? 83  LYS A O    1 
ATOM   653  C  CB   . LYS A 1 83  ? -7.335  -6.663  -13.864 1.00 26.50 ? 83  LYS A CB   1 
ATOM   654  C  CG   . LYS A 1 83  ? -6.949  -7.266  -15.214 1.00 31.27 ? 83  LYS A CG   1 
ATOM   655  C  CD   . LYS A 1 83  ? -7.447  -6.431  -16.384 1.00 33.44 ? 83  LYS A CD   1 
ATOM   656  C  CE   . LYS A 1 83  ? -6.539  -6.583  -17.595 1.00 37.13 ? 83  LYS A CE   1 
ATOM   657  N  NZ   . LYS A 1 83  ? -6.364  -8.006  -17.989 1.00 42.76 ? 83  LYS A NZ   1 
ATOM   658  N  N    . LEU A 1 84  ? -8.927  -5.555  -11.359 1.00 16.92 ? 84  LEU A N    1 
ATOM   659  C  CA   . LEU A 1 84  ? -8.924  -5.550  -9.902  1.00 15.06 ? 84  LEU A CA   1 
ATOM   660  C  C    . LEU A 1 84  ? -10.323 -5.487  -9.304  1.00 14.88 ? 84  LEU A C    1 
ATOM   661  O  O    . LEU A 1 84  ? -10.597 -6.160  -8.304  1.00 14.97 ? 84  LEU A O    1 
ATOM   662  C  CB   . LEU A 1 84  ? -8.079  -4.384  -9.383  1.00 16.53 ? 84  LEU A CB   1 
ATOM   663  C  CG   . LEU A 1 84  ? -6.607  -4.390  -9.801  1.00 16.60 ? 84  LEU A CG   1 
ATOM   664  C  CD1  . LEU A 1 84  ? -5.889  -3.149  -9.269  1.00 19.14 ? 84  LEU A CD1  1 
ATOM   665  C  CD2  . LEU A 1 84  ? -5.932  -5.663  -9.311  1.00 21.25 ? 84  LEU A CD2  1 
ATOM   666  N  N    . LYS A 1 85  ? -11.214 -4.700  -9.898  1.00 14.15 ? 85  LYS A N    1 
ATOM   667  C  CA   . LYS A 1 85  ? -12.541 -4.508  -9.315  1.00 13.57 ? 85  LYS A CA   1 
ATOM   668  C  C    . LYS A 1 85  ? -13.310 -5.801  -9.066  1.00 13.38 ? 85  LYS A C    1 
ATOM   669  O  O    . LYS A 1 85  ? -13.869 -5.952  -7.968  1.00 13.48 ? 85  LYS A O    1 
ATOM   670  C  CB   . LYS A 1 85  ? -13.364 -3.519  -10.149 1.00 14.12 ? 85  LYS A CB   1 
ATOM   671  C  CG   . LYS A 1 85  ? -14.716 -3.228  -9.522  1.00 16.07 ? 85  LYS A CG   1 
ATOM   672  C  CD   . LYS A 1 85  ? -15.467 -2.149  -10.281 1.00 19.31 ? 85  LYS A CD   1 
ATOM   673  C  CE   . LYS A 1 85  ? -16.752 -1.758  -9.569  1.00 21.98 ? 85  LYS A CE   1 
ATOM   674  N  NZ   . LYS A 1 85  ? -17.686 -2.902  -9.445  1.00 28.29 ? 85  LYS A NZ   1 
ATOM   675  N  N    . PRO A 1 86  ? -13.394 -6.751  -10.007 1.00 14.39 ? 86  PRO A N    1 
ATOM   676  C  CA   . PRO A 1 86  ? -14.159 -7.977  -9.710  1.00 15.67 ? 86  PRO A CA   1 
ATOM   677  C  C    . PRO A 1 86  ? -13.598 -8.755  -8.536  1.00 14.88 ? 86  PRO A C    1 
ATOM   678  O  O    . PRO A 1 86  ? -14.356 -9.348  -7.757  1.00 14.93 ? 86  PRO A O    1 
ATOM   679  C  CB   . PRO A 1 86  ? -14.083 -8.776  -11.021 1.00 16.18 ? 86  PRO A CB   1 
ATOM   680  C  CG   . PRO A 1 86  ? -13.753 -7.768  -12.067 1.00 20.34 ? 86  PRO A CG   1 
ATOM   681  C  CD   . PRO A 1 86  ? -12.902 -6.738  -11.397 1.00 15.66 ? 86  PRO A CD   1 
ATOM   682  N  N    . VAL A 1 87  ? -12.276 -8.779  -8.386  1.00 13.71 ? 87  VAL A N    1 
ATOM   683  C  CA   . VAL A 1 87  ? -11.679 -9.483  -7.256  1.00 14.07 ? 87  VAL A CA   1 
ATOM   684  C  C    . VAL A 1 87  ? -11.978 -8.748  -5.957  1.00 12.17 ? 87  VAL A C    1 
ATOM   685  O  O    . VAL A 1 87  ? -12.440 -9.343  -4.976  1.00 12.54 ? 87  VAL A O    1 
ATOM   686  C  CB   . VAL A 1 87  ? -10.169 -9.685  -7.486  1.00 14.56 ? 87  VAL A CB   1 
ATOM   687  C  CG1  . VAL A 1 87  ? -9.559  -10.485 -6.341  1.00 15.46 ? 87  VAL A CG1  1 
ATOM   688  C  CG2  . VAL A 1 87  ? -9.921  -10.371 -8.829  1.00 17.79 ? 87  VAL A CG2  1 
ATOM   689  N  N    . TYR A 1 88  ? -11.740 -7.437  -5.942  1.00 13.11 ? 88  TYR A N    1 
ATOM   690  C  CA   . TYR A 1 88  ? -12.040 -6.617  -4.773  1.00 12.50 ? 88  TYR A CA   1 
ATOM   691  C  C    . TYR A 1 88  ? -13.482 -6.797  -4.315  1.00 12.01 ? 88  TYR A C    1 
ATOM   692  O  O    . TYR A 1 88  ? -13.750 -6.988  -3.119  1.00 12.36 ? 88  TYR A O    1 
ATOM   693  C  CB   . TYR A 1 88  ? -11.791 -5.157  -5.130  1.00 13.32 ? 88  TYR A CB   1 
ATOM   694  C  CG   . TYR A 1 88  ? -11.900 -4.193  -3.984  1.00 12.77 ? 88  TYR A CG   1 
ATOM   695  C  CD1  . TYR A 1 88  ? -10.872 -4.062  -3.055  1.00 12.82 ? 88  TYR A CD1  1 
ATOM   696  C  CD2  . TYR A 1 88  ? -13.012 -3.385  -3.851  1.00 14.51 ? 88  TYR A CD2  1 
ATOM   697  C  CE1  . TYR A 1 88  ? -10.963 -3.160  -2.013  1.00 13.74 ? 88  TYR A CE1  1 
ATOM   698  C  CE2  . TYR A 1 88  ? -13.110 -2.475  -2.816  1.00 14.41 ? 88  TYR A CE2  1 
ATOM   699  C  CZ   . TYR A 1 88  ? -12.085 -2.375  -1.896  1.00 13.70 ? 88  TYR A CZ   1 
ATOM   700  O  OH   . TYR A 1 88  ? -12.174 -1.477  -0.861  1.00 17.59 ? 88  TYR A OH   1 
ATOM   701  N  N    . ASP A 1 89  ? -14.427 -6.733  -5.257  1.00 12.04 ? 89  ASP A N    1 
ATOM   702  C  CA   . ASP A 1 89  ? -15.838 -6.840  -4.908  1.00 13.51 ? 89  ASP A CA   1 
ATOM   703  C  C    . ASP A 1 89  ? -16.201 -8.221  -4.388  1.00 13.47 ? 89  ASP A C    1 
ATOM   704  O  O    . ASP A 1 89  ? -17.233 -8.367  -3.722  1.00 15.54 ? 89  ASP A O    1 
ATOM   705  C  CB   . ASP A 1 89  ? -16.701 -6.499  -6.122  1.00 15.42 ? 89  ASP A CB   1 
ATOM   706  C  CG   . ASP A 1 89  ? -16.793 -5.006  -6.376  1.00 20.21 ? 89  ASP A CG   1 
ATOM   707  O  OD1  . ASP A 1 89  ? -16.337 -4.224  -5.518  1.00 22.20 ? 89  ASP A OD1  1 
ATOM   708  O  OD2  . ASP A 1 89  ? -17.321 -4.627  -7.441  1.00 26.02 ? 89  ASP A OD2  1 
ATOM   709  N  N    . SER A 1 90  ? -15.390 -9.236  -4.672  1.00 11.75 ? 90  SER A N    1 
ATOM   710  C  CA   . SER A 1 90  ? -15.661 -10.573 -4.161  1.00 12.58 ? 90  SER A CA   1 
ATOM   711  C  C    . SER A 1 90  ? -15.212 -10.761 -2.719  1.00 11.13 ? 90  SER A C    1 
ATOM   712  O  O    . SER A 1 90  ? -15.631 -11.733 -2.084  1.00 12.30 ? 90  SER A O    1 
ATOM   713  C  CB   . SER A 1 90  ? -15.007 -11.634 -5.056  1.00 13.02 ? 90  SER A CB   1 
ATOM   714  O  OG   . SER A 1 90  ? -13.604 -11.726 -4.839  1.00 12.89 ? 90  SER A OG   1 
ATOM   715  N  N    . LEU A 1 91  ? -14.381 -9.859  -2.192  1.00 11.54 ? 91  LEU A N    1 
ATOM   716  C  CA   . LEU A 1 91  ? -13.763 -10.025 -0.887  1.00 12.13 ? 91  LEU A CA   1 
ATOM   717  C  C    . LEU A 1 91  ? -14.629 -9.439  0.222   1.00 12.67 ? 91  LEU A C    1 
ATOM   718  O  O    . LEU A 1 91  ? -15.397 -8.499  0.010   1.00 13.17 ? 91  LEU A O    1 
ATOM   719  C  CB   . LEU A 1 91  ? -12.410 -9.316  -0.859  1.00 11.73 ? 91  LEU A CB   1 
ATOM   720  C  CG   . LEU A 1 91  ? -11.330 -9.832  -1.810  1.00 12.61 ? 91  LEU A CG   1 
ATOM   721  C  CD1  . LEU A 1 91  ? -10.151 -8.869  -1.815  1.00 13.73 ? 91  LEU A CD1  1 
ATOM   722  C  CD2  . LEU A 1 91  ? -10.872 -11.222 -1.413  1.00 13.55 ? 91  LEU A CD2  1 
ATOM   723  N  N    . ASP A 1 92  ? -14.468 -9.992  1.419   1.00 12.31 ? 92  ASP A N    1 
ATOM   724  C  CA   . ASP A 1 92  ? -14.992 -9.409  2.645   1.00 11.91 ? 92  ASP A CA   1 
ATOM   725  C  C    . ASP A 1 92  ? -14.175 -8.168  3.022   1.00 12.37 ? 92  ASP A C    1 
ATOM   726  O  O    . ASP A 1 92  ? -13.105 -7.895  2.459   1.00 11.34 ? 92  ASP A O    1 
ATOM   727  C  CB   . ASP A 1 92  ? -14.875 -10.420 3.775   1.00 13.00 ? 92  ASP A CB   1 
ATOM   728  C  CG   . ASP A 1 92  ? -13.454 -10.881 3.962   1.00 13.30 ? 92  ASP A CG   1 
ATOM   729  O  OD1  . ASP A 1 92  ? -13.030 -11.816 3.248   1.00 12.96 ? 92  ASP A OD1  1 
ATOM   730  O  OD2  . ASP A 1 92  ? -12.742 -10.255 4.789   1.00 14.07 ? 92  ASP A OD2  1 
ATOM   731  N  N    . ALA A 1 93  ? -14.660 -7.434  4.031   1.00 13.45 ? 93  ALA A N    1 
ATOM   732  C  CA   . ALA A 1 93  ? -14.086 -6.126  4.343   1.00 13.27 ? 93  ALA A CA   1 
ATOM   733  C  C    . ALA A 1 93  ? -12.644 -6.229  4.839   1.00 13.46 ? 93  ALA A C    1 
ATOM   734  O  O    . ALA A 1 93  ? -11.815 -5.368  4.523   1.00 14.05 ? 93  ALA A O    1 
ATOM   735  C  CB   . ALA A 1 93  ? -14.960 -5.393  5.362   1.00 17.03 ? 93  ALA A CB   1 
ATOM   736  N  N    . VAL A 1 94  ? -12.321 -7.252  5.628   1.00 12.71 ? 94  VAL A N    1 
ATOM   737  C  CA   . VAL A 1 94  ? -10.957 -7.368  6.134   1.00 11.07 ? 94  VAL A CA   1 
ATOM   738  C  C    . VAL A 1 94  ? -9.992  -7.651  4.991   1.00 10.89 ? 94  VAL A C    1 
ATOM   739  O  O    . VAL A 1 94  ? -8.923  -7.034  4.877   1.00 11.59 ? 94  VAL A O    1 
ATOM   740  C  CB   . VAL A 1 94  ? -10.886 -8.433  7.242   1.00 13.10 ? 94  VAL A CB   1 
ATOM   741  C  CG1  . VAL A 1 94  ? -9.457  -8.602  7.723   1.00 14.27 ? 94  VAL A CG1  1 
ATOM   742  C  CG2  . VAL A 1 94  ? -11.810 -8.034  8.395   1.00 15.65 ? 94  VAL A CG2  1 
ATOM   743  N  N    . ARG A 1 95  ? -10.361 -8.576  4.109   1.00 10.53 ? 95  ARG A N    1 
ATOM   744  C  CA   . ARG A 1 95  ? -9.496  -8.871  2.977   1.00 10.38 ? 95  ARG A CA   1 
ATOM   745  C  C    . ARG A 1 95  ? -9.421  -7.710  1.987   1.00 9.49  ? 95  ARG A C    1 
ATOM   746  O  O    . ARG A 1 95  ? -8.383  -7.516  1.345   1.00 9.89  ? 95  ARG A O    1 
ATOM   747  C  CB   . ARG A 1 95  ? -9.946  -10.166 2.312   1.00 10.52 ? 95  ARG A CB   1 
ATOM   748  C  CG   . ARG A 1 95  ? -9.726  -11.390 3.194   1.00 10.65 ? 95  ARG A CG   1 
ATOM   749  C  CD   . ARG A 1 95  ? -10.006 -12.673 2.435   1.00 11.13 ? 95  ARG A CD   1 
ATOM   750  N  NE   . ARG A 1 95  ? -9.637  -13.890 3.161   1.00 10.83 ? 95  ARG A NE   1 
ATOM   751  C  CZ   . ARG A 1 95  ? -10.451 -14.578 3.954   1.00 11.24 ? 95  ARG A CZ   1 
ATOM   752  N  NH1  . ARG A 1 95  ? -11.696 -14.169 4.160   1.00 11.94 ? 95  ARG A NH1  1 
ATOM   753  N  NH2  . ARG A 1 95  ? -10.007 -15.688 4.536   1.00 12.03 ? 95  ARG A NH2  1 
ATOM   754  N  N    . ARG A 1 96  ? -10.486 -6.912  1.853   1.00 10.53 ? 96  ARG A N    1 
ATOM   755  C  CA   . ARG A 1 96  ? -10.386 -5.700  1.041   1.00 10.38 ? 96  ARG A CA   1 
ATOM   756  C  C    . ARG A 1 96  ? -9.309  -4.763  1.568   1.00 9.13  ? 96  ARG A C    1 
ATOM   757  O  O    . ARG A 1 96  ? -8.638  -4.084  0.782   1.00 9.96  ? 96  ARG A O    1 
ATOM   758  C  CB   . ARG A 1 96  ? -11.733 -4.977  0.978   1.00 11.23 ? 96  ARG A CB   1 
ATOM   759  C  CG   . ARG A 1 96  ? -12.736 -5.647  0.054   1.00 11.06 ? 96  ARG A CG   1 
ATOM   760  C  CD   . ARG A 1 96  ? -14.065 -4.888  0.027   1.00 13.66 ? 96  ARG A CD   1 
ATOM   761  N  NE   . ARG A 1 96  ? -15.044 -5.542  -0.839  1.00 18.40 ? 96  ARG A NE   1 
ATOM   762  C  CZ   . ARG A 1 96  ? -16.361 -5.371  -0.760  1.00 20.80 ? 96  ARG A CZ   1 
ATOM   763  N  NH1  . ARG A 1 96  ? -16.879 -4.562  0.154   1.00 23.20 ? 96  ARG A NH1  1 
ATOM   764  N  NH2  . ARG A 1 96  ? -17.164 -6.021  -1.592  1.00 20.57 ? 96  ARG A NH2  1 
ATOM   765  N  N    . CYS A 1 97  ? -9.119  -4.718  2.889   1.00 9.83  ? 97  CYS A N    1 
ATOM   766  C  CA   . CYS A 1 97  ? -8.042  -3.904  3.444   1.00 10.36 ? 97  CYS A CA   1 
ATOM   767  C  C    . CYS A 1 97  ? -6.680  -4.408  2.991   1.00 9.88  ? 97  CYS A C    1 
ATOM   768  O  O    . CYS A 1 97  ? -5.793  -3.611  2.659   1.00 9.93  ? 97  CYS A O    1 
ATOM   769  C  CB   . CYS A 1 97  ? -8.118  -3.891  4.967   1.00 10.57 ? 97  CYS A CB   1 
ATOM   770  S  SG   . CYS A 1 97  ? -9.495  -2.939  5.641   1.00 11.45 ? 97  CYS A SG   1 
ATOM   771  N  N    . ALA A 1 98  ? -6.499  -5.733  2.963   1.00 9.32  ? 98  ALA A N    1 
ATOM   772  C  CA   . ALA A 1 98  ? -5.250  -6.294  2.460   1.00 9.31  ? 98  ALA A CA   1 
ATOM   773  C  C    . ALA A 1 98  ? -5.014  -5.907  1.002   1.00 9.26  ? 98  ALA A C    1 
ATOM   774  O  O    . ALA A 1 98  ? -3.881  -5.595  0.609   1.00 9.79  ? 98  ALA A O    1 
ATOM   775  C  CB   . ALA A 1 98  ? -5.252  -7.811  2.652   1.00 9.99  ? 98  ALA A CB   1 
ATOM   776  N  N    . ALA A 1 99  ? -6.076  -5.909  0.193   1.00 8.84  ? 99  ALA A N    1 
ATOM   777  C  CA   . ALA A 1 99  ? -5.951  -5.501  -1.202  1.00 10.39 ? 99  ALA A CA   1 
ATOM   778  C  C    . ALA A 1 99  ? -5.539  -4.035  -1.327  1.00 9.88  ? 99  ALA A C    1 
ATOM   779  O  O    . ALA A 1 99  ? -4.659  -3.692  -2.128  1.00 10.42 ? 99  ALA A O    1 
ATOM   780  C  CB   . ALA A 1 99  ? -7.269  -5.742  -1.936  1.00 11.67 ? 99  ALA A CB   1 
ATOM   781  N  N    . ILE A 1 100 ? -6.193  -3.147  -0.571  1.00 9.37  ? 100 ILE A N    1 
ATOM   782  C  CA   . ILE A 1 100 ? -5.810  -1.734  -0.607  1.00 9.59  ? 100 ILE A CA   1 
ATOM   783  C  C    . ILE A 1 100 ? -4.363  -1.567  -0.176  1.00 10.13 ? 100 ILE A C    1 
ATOM   784  O  O    . ILE A 1 100 ? -3.619  -0.754  -0.739  1.00 10.43 ? 100 ILE A O    1 
ATOM   785  C  CB   . ILE A 1 100 ? -6.747  -0.882  0.270   1.00 10.15 ? 100 ILE A CB   1 
ATOM   786  C  CG1  . ILE A 1 100 ? -8.187  -0.950  -0.241  1.00 10.84 ? 100 ILE A CG1  1 
ATOM   787  C  CG2  . ILE A 1 100 ? -6.264  0.571   0.339   1.00 10.85 ? 100 ILE A CG2  1 
ATOM   788  C  CD1  . ILE A 1 100 ? -9.207  -0.496  0.784   1.00 12.01 ? 100 ILE A CD1  1 
ATOM   789  N  N    . ASN A 1 101 ? -3.950  -2.313  0.850   1.00 10.01 ? 101 ASN A N    1 
ATOM   790  C  CA   . ASN A 1 101 ? -2.580  -2.229  1.341   1.00 9.54  ? 101 ASN A CA   1 
ATOM   791  C  C    . ASN A 1 101 ? -1.585  -2.508  0.218   1.00 9.92  ? 101 ASN A C    1 
ATOM   792  O  O    . ASN A 1 101 ? -0.630  -1.744  0.006   1.00 10.23 ? 101 ASN A O    1 
ATOM   793  C  CB   . ASN A 1 101 ? -2.428  -3.222  2.498   1.00 9.73  ? 101 ASN A CB   1 
ATOM   794  C  CG   . ASN A 1 101 ? -1.174  -3.002  3.316   1.00 9.00  ? 101 ASN A CG   1 
ATOM   795  O  OD1  . ASN A 1 101 ? -0.064  -2.996  2.782   1.00 10.02 ? 101 ASN A OD1  1 
ATOM   796  N  ND2  . ASN A 1 101 ? -1.336  -2.876  4.633   1.00 10.25 ? 101 ASN A ND2  1 
ATOM   797  N  N    . MET A 1 102 ? -1.806  -3.596  -0.531  1.00 9.28  ? 102 MET A N    1 
ATOM   798  C  CA   . MET A 1 102 ? -0.919  -3.922  -1.647  1.00 10.11 ? 102 MET A CA   1 
ATOM   799  C  C    . MET A 1 102 ? -0.886  -2.823  -2.703  1.00 10.72 ? 102 MET A C    1 
ATOM   800  O  O    . MET A 1 102 ? 0.190   -2.493  -3.225  1.00 11.28 ? 102 MET A O    1 
ATOM   801  C  CB   . MET A 1 102 ? -1.344  -5.236  -2.294  1.00 10.57 ? 102 MET A CB   1 
ATOM   802  C  CG   . MET A 1 102 ? -1.122  -6.450  -1.425  1.00 11.19 ? 102 MET A CG   1 
ATOM   803  S  SD   . MET A 1 102 ? -1.358  -8.016  -2.260  1.00 14.44 ? 102 MET A SD   1 
ATOM   804  C  CE   . MET A 1 102 ? 0.080   -8.054  -3.336  1.00 15.93 ? 102 MET A CE   1 
ATOM   805  N  N    . VAL A 1 103 ? -2.048  -2.279  -3.075  1.00 10.37 ? 103 VAL A N    1 
ATOM   806  C  CA   . VAL A 1 103 ? -2.073  -1.228  -4.095  1.00 10.90 ? 103 VAL A CA   1 
ATOM   807  C  C    . VAL A 1 103 ? -1.389  0.030   -3.582  1.00 11.45 ? 103 VAL A C    1 
ATOM   808  O  O    . VAL A 1 103 ? -0.689  0.726   -4.331  1.00 12.32 ? 103 VAL A O    1 
ATOM   809  C  CB   . VAL A 1 103 ? -3.514  -0.967  -4.572  1.00 11.80 ? 103 VAL A CB   1 
ATOM   810  C  CG1  . VAL A 1 103 ? -3.594  0.270   -5.476  1.00 13.24 ? 103 VAL A CG1  1 
ATOM   811  C  CG2  . VAL A 1 103 ? -4.058  -2.181  -5.294  1.00 15.05 ? 103 VAL A CG2  1 
ATOM   812  N  N    . PHE A 1 104 ? -1.576  0.347   -2.302  1.00 10.38 ? 104 PHE A N    1 
ATOM   813  C  CA   . PHE A 1 104 ? -0.877  1.480   -1.708  1.00 10.65 ? 104 PHE A CA   1 
ATOM   814  C  C    . PHE A 1 104 ? 0.630   1.305   -1.820  1.00 11.39 ? 104 PHE A C    1 
ATOM   815  O  O    . PHE A 1 104 ? 1.347   2.250   -2.172  1.00 13.04 ? 104 PHE A O    1 
ATOM   816  C  CB   . PHE A 1 104 ? -1.325  1.600   -0.250  1.00 10.86 ? 104 PHE A CB   1 
ATOM   817  C  CG   . PHE A 1 104 ? -0.855  2.837   0.474   1.00 9.66  ? 104 PHE A CG   1 
ATOM   818  C  CD1  . PHE A 1 104 ? 0.411   2.901   1.029   1.00 11.96 ? 104 PHE A CD1  1 
ATOM   819  C  CD2  . PHE A 1 104 ? -1.721  3.901   0.691   1.00 11.22 ? 104 PHE A CD2  1 
ATOM   820  C  CE1  . PHE A 1 104 ? 0.830   4.017   1.744   1.00 12.82 ? 104 PHE A CE1  1 
ATOM   821  C  CE2  . PHE A 1 104 ? -1.312  5.019   1.411   1.00 11.97 ? 104 PHE A CE2  1 
ATOM   822  C  CZ   . PHE A 1 104 ? -0.036  5.081   1.929   1.00 12.82 ? 104 PHE A CZ   1 
ATOM   823  N  N    . GLN A 1 105 ? 1.128   0.100   -1.558  1.00 11.00 ? 105 GLN A N    1 
ATOM   824  C  CA   . GLN A 1 105 ? 2.566   -0.117  -1.551  1.00 11.80 ? 105 GLN A CA   1 
ATOM   825  C  C    . GLN A 1 105 ? 3.152   -0.191  -2.960  1.00 13.39 ? 105 GLN A C    1 
ATOM   826  O  O    . GLN A 1 105 ? 4.221   0.381   -3.216  1.00 14.72 ? 105 GLN A O    1 
ATOM   827  C  CB   . GLN A 1 105 ? 2.906   -1.388  -0.765  1.00 11.64 ? 105 GLN A CB   1 
ATOM   828  C  CG   . GLN A 1 105 ? 4.411   -1.623  -0.662  1.00 11.95 ? 105 GLN A CG   1 
ATOM   829  C  CD   . GLN A 1 105 ? 4.791   -2.891  0.089   1.00 11.26 ? 105 GLN A CD   1 
ATOM   830  O  OE1  . GLN A 1 105 ? 3.942   -3.647  0.551   1.00 11.29 ? 105 GLN A OE1  1 
ATOM   831  N  NE2  . GLN A 1 105 ? 6.091   -3.134  0.200   1.00 13.09 ? 105 GLN A NE2  1 
ATOM   832  N  N    . MET A 1 106 ? 2.485   -0.886  -3.891  1.00 13.13 ? 106 MET A N    1 
ATOM   833  C  CA   A MET A 1 106 ? 3.087   -1.151  -5.191  0.46 15.06 ? 106 MET A CA   1 
ATOM   834  C  CA   B MET A 1 106 ? 3.059   -1.191  -5.197  0.54 15.05 ? 106 MET A CA   1 
ATOM   835  C  C    . MET A 1 106 ? 2.357   -0.530  -6.374  1.00 15.41 ? 106 MET A C    1 
ATOM   836  O  O    . MET A 1 106 ? 2.877   -0.597  -7.495  1.00 16.97 ? 106 MET A O    1 
ATOM   837  C  CB   A MET A 1 106 ? 3.306   -2.661  -5.418  0.46 17.70 ? 106 MET A CB   1 
ATOM   838  C  CB   B MET A 1 106 ? 3.063   -2.702  -5.433  0.54 17.52 ? 106 MET A CB   1 
ATOM   839  C  CG   A MET A 1 106 ? 2.045   -3.516  -5.498  0.46 16.83 ? 106 MET A CG   1 
ATOM   840  C  CG   B MET A 1 106 ? 4.111   -3.421  -4.639  0.54 15.18 ? 106 MET A CG   1 
ATOM   841  S  SD   A MET A 1 106 ? 2.375   -5.291  -5.705  0.46 16.79 ? 106 MET A SD   1 
ATOM   842  S  SD   B MET A 1 106 ? 3.846   -5.188  -4.699  0.54 16.10 ? 106 MET A SD   1 
ATOM   843  C  CE   A MET A 1 106 ? 2.844   -5.764  -4.047  0.46 14.93 ? 106 MET A CE   1 
ATOM   844  C  CE   B MET A 1 106 ? 2.554   -5.344  -3.465  0.54 15.74 ? 106 MET A CE   1 
ATOM   845  N  N    . GLY A 1 107 ? 1.198   0.080   -6.164  1.00 14.66 ? 107 GLY A N    1 
ATOM   846  C  CA   . GLY A 1 107 ? 0.441   0.677   -7.245  1.00 17.03 ? 107 GLY A CA   1 
ATOM   847  C  C    . GLY A 1 107 ? -0.273  -0.364  -8.087  1.00 19.23 ? 107 GLY A C    1 
ATOM   848  O  O    . GLY A 1 107 ? -0.070  -1.567  -7.957  1.00 17.75 ? 107 GLY A O    1 
ATOM   849  N  N    . GLU A 1 108 ? -1.129  0.117   -8.988  1.00 21.93 ? 108 GLU A N    1 
ATOM   850  C  CA   . GLU A 1 108 ? -1.849  -0.810  -9.855  1.00 23.79 ? 108 GLU A CA   1 
ATOM   851  C  C    . GLU A 1 108 ? -0.913  -1.578  -10.779 1.00 25.66 ? 108 GLU A C    1 
ATOM   852  O  O    . GLU A 1 108 ? -1.160  -2.753  -11.068 1.00 26.40 ? 108 GLU A O    1 
ATOM   853  C  CB   . GLU A 1 108 ? -2.880  -0.063  -10.690 1.00 26.27 ? 108 GLU A CB   1 
ATOM   854  C  CG   . GLU A 1 108 ? -4.047  0.465   -9.900  1.00 24.76 ? 108 GLU A CG   1 
ATOM   855  C  CD   . GLU A 1 108 ? -4.976  1.292   -10.758 1.00 29.83 ? 108 GLU A CD   1 
ATOM   856  O  OE1  . GLU A 1 108 ? -5.290  0.856   -11.886 1.00 27.61 ? 108 GLU A OE1  1 
ATOM   857  O  OE2  . GLU A 1 108 ? -5.368  2.391   -10.318 1.00 35.19 ? 108 GLU A OE2  1 
ATOM   858  N  N    C GLY A 1 110 ? 1.843   -2.628  -10.206 0.44 25.49 ? 110 GLY A N    1 
ATOM   859  N  N    D GLY A 1 110 ? 2.256   -2.369  -10.216 0.56 25.11 ? 110 GLY A N    1 
ATOM   860  C  CA   C GLY A 1 110 ? 2.370   -3.740  -9.444  0.44 23.35 ? 110 GLY A CA   1 
ATOM   861  C  CA   D GLY A 1 110 ? 2.981   -3.336  -9.413  0.56 24.35 ? 110 GLY A CA   1 
ATOM   862  C  C    C GLY A 1 110 ? 1.365   -4.841  -9.181  0.44 22.21 ? 110 GLY A C    1 
ATOM   863  C  C    D GLY A 1 110 ? 2.195   -4.599  -9.133  0.56 22.22 ? 110 GLY A C    1 
ATOM   864  O  O    C GLY A 1 110 ? 1.700   -6.024  -9.289  0.44 22.59 ? 110 GLY A O    1 
ATOM   865  O  O    D GLY A 1 110 ? 2.764   -5.696  -9.102  0.56 22.95 ? 110 GLY A O    1 
ATOM   866  N  N    C VAL A 1 111 ? 0.128   -4.471  -8.856  0.44 21.21 ? 111 VAL A N    1 
ATOM   867  N  N    D VAL A 1 111 ? 0.880   -4.463  -8.925  0.56 21.94 ? 111 VAL A N    1 
ATOM   868  C  CA   C VAL A 1 111 ? -0.830  -5.433  -8.314  0.44 19.58 ? 111 VAL A CA   1 
ATOM   869  C  CA   D VAL A 1 111 ? 0.027   -5.634  -8.722  0.56 20.68 ? 111 VAL A CA   1 
ATOM   870  C  C    C VAL A 1 111 ? -1.693  -6.067  -9.401  0.44 19.96 ? 111 VAL A C    1 
ATOM   871  C  C    D VAL A 1 111 ? -0.333  -6.324  -10.026 0.56 20.54 ? 111 VAL A C    1 
ATOM   872  O  O    C VAL A 1 111 ? -1.988  -7.264  -9.342  0.44 20.05 ? 111 VAL A O    1 
ATOM   873  O  O    D VAL A 1 111 ? -0.975  -7.381  -9.998  0.56 19.90 ? 111 VAL A O    1 
ATOM   874  C  CB   C VAL A 1 111 ? -1.684  -4.781  -7.209  0.44 17.27 ? 111 VAL A CB   1 
ATOM   875  C  CB   D VAL A 1 111 ? -1.238  -5.311  -7.899  0.56 20.72 ? 111 VAL A CB   1 
ATOM   876  C  CG1  C VAL A 1 111 ? -2.611  -5.807  -6.595  0.44 20.91 ? 111 VAL A CG1  1 
ATOM   877  C  CG1  D VAL A 1 111 ? -0.878  -4.542  -6.628  0.56 19.79 ? 111 VAL A CG1  1 
ATOM   878  C  CG2  C VAL A 1 111 ? -0.795  -4.164  -6.142  0.44 17.42 ? 111 VAL A CG2  1 
ATOM   879  C  CG2  D VAL A 1 111 ? -2.247  -4.544  -8.737  0.56 21.23 ? 111 VAL A CG2  1 
ATOM   880  N  N    C ALA A 1 112 ? -2.123  -5.286  -10.397 0.44 20.24 ? 112 ALA A N    1 
ATOM   881  N  N    D ALA A 1 112 ? 0.072   -5.766  -11.171 0.56 21.19 ? 112 ALA A N    1 
ATOM   882  C  CA   C ALA A 1 112 ? -2.964  -5.832  -11.460 0.44 21.26 ? 112 ALA A CA   1 
ATOM   883  C  CA   D ALA A 1 112 ? -0.295  -6.350  -12.458 0.56 21.41 ? 112 ALA A CA   1 
ATOM   884  C  C    C ALA A 1 112 ? -2.277  -6.957  -12.222 0.44 20.13 ? 112 ALA A C    1 
ATOM   885  C  C    D ALA A 1 112 ? 0.271   -7.754  -12.631 0.56 20.06 ? 112 ALA A C    1 
ATOM   886  O  O    C ALA A 1 112 ? -2.958  -7.751  -12.880 0.44 21.77 ? 112 ALA A O    1 
ATOM   887  O  O    D ALA A 1 112 ? -0.316  -8.572  -13.347 0.56 19.42 ? 112 ALA A O    1 
ATOM   888  C  CB   C ALA A 1 112 ? -3.402  -4.720  -12.415 0.44 21.31 ? 112 ALA A CB   1 
ATOM   889  C  CB   D ALA A 1 112 ? 0.158   -5.439  -13.599 0.56 23.19 ? 112 ALA A CB   1 
ATOM   890  N  N    C GLY A 1 113 ? -0.948  -7.044  -12.142 0.44 19.87 ? 113 GLY A N    1 
ATOM   891  N  N    D GLY A 1 113 ? 1.399   -8.056  -11.990 0.56 19.29 ? 113 GLY A N    1 
ATOM   892  C  CA   C GLY A 1 113 ? -0.201  -8.136  -12.733 0.44 20.12 ? 113 GLY A CA   1 
ATOM   893  C  CA   D GLY A 1 113 ? 1.987   -9.377  -12.085 0.56 19.74 ? 113 GLY A CA   1 
ATOM   894  C  C    C GLY A 1 113 ? -0.100  -9.385  -11.885 0.44 19.56 ? 113 GLY A C    1 
ATOM   895  C  C    D GLY A 1 113 ? 1.340   -10.441 -11.230 0.56 18.07 ? 113 GLY A C    1 
ATOM   896  O  O    C GLY A 1 113 ? 0.329   -10.423 -12.398 0.44 20.40 ? 113 GLY A O    1 
ATOM   897  O  O    D GLY A 1 113 ? 1.751   -11.604 -11.282 0.56 18.55 ? 113 GLY A O    1 
ATOM   898  N  N    C PHE A 1 114 ? -0.495  -9.320  -10.609 0.44 19.90 ? 114 PHE A N    1 
ATOM   899  N  N    D PHE A 1 114 ? 0.325   -10.074 -10.446 0.56 16.76 ? 114 PHE A N    1 
ATOM   900  C  CA   C PHE A 1 114 ? -0.511  -10.482 -9.720  0.44 18.50 ? 114 PHE A CA   1 
ATOM   901  C  CA   D PHE A 1 114 ? -0.325  -10.985 -9.512  0.56 16.06 ? 114 PHE A CA   1 
ATOM   902  C  C    C PHE A 1 114 ? -1.635  -11.432 -10.129 0.44 17.35 ? 114 PHE A C    1 
ATOM   903  C  C    D PHE A 1 114 ? -1.589  -11.629 -10.089 0.56 17.37 ? 114 PHE A C    1 
ATOM   904  O  O    C PHE A 1 114 ? -2.399  -11.911 -9.285  0.44 17.16 ? 114 PHE A O    1 
ATOM   905  O  O    D PHE A 1 114 ? -2.466  -12.043 -9.323  0.56 17.04 ? 114 PHE A O    1 
ATOM   906  C  CB   C PHE A 1 114 ? -0.709  -10.033 -8.269  0.44 18.07 ? 114 PHE A CB   1 
ATOM   907  C  CB   D PHE A 1 114 ? -0.621  -10.270 -8.189  0.56 17.91 ? 114 PHE A CB   1 
ATOM   908  C  CG   C PHE A 1 114 ? 0.576   -9.826  -7.502  0.44 17.55 ? 114 PHE A CG   1 
ATOM   909  C  CG   D PHE A 1 114 ? 0.609   -9.995  -7.343  0.56 17.46 ? 114 PHE A CG   1 
ATOM   910  C  CD1  C PHE A 1 114 ? 1.451   -8.805  -7.841  0.44 20.26 ? 114 PHE A CD1  1 
ATOM   911  C  CD1  D PHE A 1 114 ? 1.416   -8.895  -7.595  0.56 20.31 ? 114 PHE A CD1  1 
ATOM   912  C  CD2  C PHE A 1 114 ? 0.894   -10.640 -6.427  0.44 17.13 ? 114 PHE A CD2  1 
ATOM   913  C  CD2  D PHE A 1 114 ? 0.942   -10.832 -6.288  0.56 17.00 ? 114 PHE A CD2  1 
ATOM   914  C  CE1  C PHE A 1 114 ? 2.626   -8.613  -7.128  0.44 19.37 ? 114 PHE A CE1  1 
ATOM   915  C  CE1  D PHE A 1 114 ? 2.540   -8.644  -6.815  0.56 19.02 ? 114 PHE A CE1  1 
ATOM   916  C  CE2  C PHE A 1 114 ? 2.064   -10.454 -5.710  0.44 17.70 ? 114 PHE A CE2  1 
ATOM   917  C  CE2  D PHE A 1 114 ? 2.064   -10.586 -5.504  0.56 17.36 ? 114 PHE A CE2  1 
ATOM   918  C  CZ   C PHE A 1 114 ? 2.932   -9.439  -6.062  0.44 18.19 ? 114 PHE A CZ   1 
ATOM   919  C  CZ   D PHE A 1 114 ? 2.862   -9.491  -5.771  0.56 18.11 ? 114 PHE A CZ   1 
ATOM   920  N  N    . THR A 1 115 ? -1.692  -11.744 -11.423 1.00 17.27 ? 115 THR A N    1 
ATOM   921  C  CA   . THR A 1 115 ? -2.885  -12.325 -12.045 1.00 17.74 ? 115 THR A CA   1 
ATOM   922  C  C    . THR A 1 115 ? -3.290  -13.659 -11.422 1.00 17.01 ? 115 THR A C    1 
ATOM   923  O  O    . THR A 1 115 ? -4.473  -13.894 -11.142 1.00 16.74 ? 115 THR A O    1 
ATOM   924  C  CB   . THR A 1 115 ? -2.636  -12.505 -13.542 1.00 19.89 ? 115 THR A CB   1 
ATOM   925  O  OG1  . THR A 1 115 ? -2.268  -11.248 -14.118 1.00 21.76 ? 115 THR A OG1  1 
ATOM   926  C  CG2  . THR A 1 115 ? -3.880  -13.047 -14.240 1.00 23.34 ? 115 THR A CG2  1 
ATOM   927  N  N    . ASN A 1 116 ? -2.329  -14.562 -11.224 1.00 16.43 ? 116 ASN A N    1 
ATOM   928  C  CA   . ASN A 1 116 ? -2.679  -15.866 -10.677 1.00 15.51 ? 116 ASN A CA   1 
ATOM   929  C  C    . ASN A 1 116 ? -3.111  -15.766 -9.217  1.00 14.12 ? 116 ASN A C    1 
ATOM   930  O  O    . ASN A 1 116 ? -4.034  -16.468 -8.794  1.00 14.18 ? 116 ASN A O    1 
ATOM   931  C  CB   . ASN A 1 116 ? -1.519  -16.843 -10.863 1.00 15.94 ? 116 ASN A CB   1 
ATOM   932  C  CG   . ASN A 1 116 ? -1.132  -16.998 -12.319 1.00 16.32 ? 116 ASN A CG   1 
ATOM   933  O  OD1  . ASN A 1 116 ? -1.999  -17.074 -13.199 1.00 20.53 ? 116 ASN A OD1  1 
ATOM   934  N  ND2  . ASN A 1 116 ? 0.169   -17.011 -12.588 1.00 15.67 ? 116 ASN A ND2  1 
ATOM   935  N  N    . SER A 1 117 ? -2.459  -14.897 -8.435  1.00 14.37 ? 117 SER A N    1 
ATOM   936  C  CA   . SER A 1 117 ? -2.882  -14.680 -7.052  1.00 14.62 ? 117 SER A CA   1 
ATOM   937  C  C    . SER A 1 117 ? -4.305  -14.142 -7.001  1.00 13.15 ? 117 SER A C    1 
ATOM   938  O  O    . SER A 1 117 ? -5.120  -14.587 -6.183  1.00 13.33 ? 117 SER A O    1 
ATOM   939  C  CB   . SER A 1 117 ? -1.944  -13.683 -6.361  1.00 15.48 ? 117 SER A CB   1 
ATOM   940  O  OG   . SER A 1 117 ? -0.573  -14.033 -6.496  1.00 20.67 ? 117 SER A OG   1 
ATOM   941  N  N    . LEU A 1 118 ? -4.608  -13.164 -7.859  1.00 13.97 ? 118 LEU A N    1 
ATOM   942  C  CA   . LEU A 1 118 ? -5.941  -12.573 -7.896  1.00 15.07 ? 118 LEU A CA   1 
ATOM   943  C  C    . LEU A 1 118 ? -6.998  -13.622 -8.197  1.00 14.38 ? 118 LEU A C    1 
ATOM   944  O  O    . LEU A 1 118 ? -8.083  -13.613 -7.600  1.00 14.15 ? 118 LEU A O    1 
ATOM   945  C  CB   . LEU A 1 118 ? -5.988  -11.474 -8.959  1.00 17.87 ? 118 LEU A CB   1 
ATOM   946  C  CG   . LEU A 1 118 ? -5.167  -10.210 -8.714  1.00 19.76 ? 118 LEU A CG   1 
ATOM   947  C  CD1  . LEU A 1 118 ? -5.037  -9.389  -9.988  1.00 20.00 ? 118 LEU A CD1  1 
ATOM   948  C  CD2  . LEU A 1 118 ? -5.816  -9.388  -7.617  1.00 19.43 ? 118 LEU A CD2  1 
ATOM   949  N  N    . ARG A 1 119 ? -6.705  -14.533 -9.129  1.00 14.44 ? 119 ARG A N    1 
ATOM   950  C  CA   . ARG A 1 119 ? -7.659  -15.588 -9.448  1.00 15.70 ? 119 ARG A CA   1 
ATOM   951  C  C    . ARG A 1 119 ? -7.906  -16.481 -8.243  1.00 13.26 ? 119 ARG A C    1 
ATOM   952  O  O    . ARG A 1 119 ? -9.055  -16.806 -7.929  1.00 13.77 ? 119 ARG A O    1 
ATOM   953  C  CB   . ARG A 1 119 ? -7.171  -16.410 -10.642 1.00 16.68 ? 119 ARG A CB   1 
ATOM   954  C  CG   . ARG A 1 119 ? -8.091  -17.570 -11.020 1.00 19.76 ? 119 ARG A CG   1 
ATOM   955  C  CD   . ARG A 1 119 ? -7.478  -18.410 -12.140 1.00 24.29 ? 119 ARG A CD   1 
ATOM   956  N  NE   . ARG A 1 119 ? -7.065  -17.582 -13.272 1.00 29.25 ? 119 ARG A NE   1 
ATOM   957  C  CZ   . ARG A 1 119 ? -5.801  -17.378 -13.636 1.00 27.69 ? 119 ARG A CZ   1 
ATOM   958  N  NH1  . ARG A 1 119 ? -4.808  -17.934 -12.953 1.00 24.78 ? 119 ARG A NH1  1 
ATOM   959  N  NH2  . ARG A 1 119 ? -5.529  -16.608 -14.682 1.00 31.02 ? 119 ARG A NH2  1 
ATOM   960  N  N    . MET A 1 120 ? -6.836  -16.887 -7.548  1.00 12.77 ? 120 MET A N    1 
ATOM   961  C  CA   . MET A 1 120 ? -7.011  -17.721 -6.364  1.00 13.72 ? 120 MET A CA   1 
ATOM   962  C  C    . MET A 1 120 ? -7.805  -16.997 -5.283  1.00 12.03 ? 120 MET A C    1 
ATOM   963  O  O    . MET A 1 120 ? -8.619  -17.616 -4.591  1.00 12.90 ? 120 MET A O    1 
ATOM   964  C  CB   . MET A 1 120 ? -5.661  -18.174 -5.819  1.00 12.59 ? 120 MET A CB   1 
ATOM   965  C  CG   . MET A 1 120 ? -4.858  -19.006 -6.806  1.00 13.47 ? 120 MET A CG   1 
ATOM   966  S  SD   . MET A 1 120 ? -3.257  -19.433 -6.121  1.00 15.58 ? 120 MET A SD   1 
ATOM   967  C  CE   . MET A 1 120 ? -2.467  -20.155 -7.556  1.00 15.86 ? 120 MET A CE   1 
ATOM   968  N  N    . LEU A 1 121 ? -7.563  -15.691 -5.106  1.00 12.18 ? 121 LEU A N    1 
ATOM   969  C  CA   . LEU A 1 121 ? -8.332  -14.914 -4.134  1.00 12.22 ? 121 LEU A CA   1 
ATOM   970  C  C    . LEU A 1 121 ? -9.802  -14.869 -4.516  1.00 12.13 ? 121 LEU A C    1 
ATOM   971  O  O    . LEU A 1 121 ? -10.675 -15.049 -3.665  1.00 12.26 ? 121 LEU A O    1 
ATOM   972  C  CB   . LEU A 1 121 ? -7.761  -13.500 -4.002  1.00 12.63 ? 121 LEU A CB   1 
ATOM   973  C  CG   . LEU A 1 121 ? -6.404  -13.404 -3.299  1.00 11.29 ? 121 LEU A CG   1 
ATOM   974  C  CD1  . LEU A 1 121 ? -5.831  -11.999 -3.450  1.00 13.96 ? 121 LEU A CD1  1 
ATOM   975  C  CD2  . LEU A 1 121 ? -6.499  -13.771 -1.832  1.00 12.93 ? 121 LEU A CD2  1 
ATOM   976  N  N    . GLN A 1 122 ? -10.099 -14.633 -5.794  1.00 13.33 ? 122 GLN A N    1 
ATOM   977  C  CA   . GLN A 1 122 ? -11.496 -14.582 -6.208  1.00 13.97 ? 122 GLN A CA   1 
ATOM   978  C  C    . GLN A 1 122 ? -12.173 -15.934 -6.033  1.00 14.66 ? 122 GLN A C    1 
ATOM   979  O  O    . GLN A 1 122 ? -13.370 -15.998 -5.726  1.00 16.24 ? 122 GLN A O    1 
ATOM   980  C  CB   . GLN A 1 122 ? -11.611 -14.100 -7.650  1.00 16.81 ? 122 GLN A CB   1 
ATOM   981  C  CG   . GLN A 1 122 ? -13.052 -13.907 -8.107  1.00 20.95 ? 122 GLN A CG   1 
ATOM   982  C  CD   . GLN A 1 122 ? -13.186 -13.008 -9.318  1.00 26.52 ? 122 GLN A CD   1 
ATOM   983  O  OE1  . GLN A 1 122 ? -12.193 -12.575 -9.899  1.00 31.85 ? 122 GLN A OE1  1 
ATOM   984  N  NE2  . GLN A 1 122 ? -14.425 -12.739 -9.719  1.00 29.33 ? 122 GLN A NE2  1 
ATOM   985  N  N    . GLN A 1 123 ? -11.422 -17.023 -6.206  1.00 14.34 ? 123 GLN A N    1 
ATOM   986  C  CA   . GLN A 1 123 ? -11.922 -18.372 -5.964  1.00 15.04 ? 123 GLN A CA   1 
ATOM   987  C  C    . GLN A 1 123 ? -11.994 -18.725 -4.485  1.00 13.78 ? 123 GLN A C    1 
ATOM   988  O  O    . GLN A 1 123 ? -12.459 -19.822 -4.151  1.00 15.13 ? 123 GLN A O    1 
ATOM   989  C  CB   . GLN A 1 123 ? -11.033 -19.403 -6.668  1.00 17.27 ? 123 GLN A CB   1 
ATOM   990  C  CG   . GLN A 1 123 ? -11.065 -19.341 -8.180  1.00 18.88 ? 123 GLN A CG   1 
ATOM   991  C  CD   . GLN A 1 123 ? -9.997  -20.216 -8.818  1.00 22.53 ? 123 GLN A CD   1 
ATOM   992  O  OE1  . GLN A 1 123 ? -8.872  -20.307 -8.323  1.00 22.68 ? 123 GLN A OE1  1 
ATOM   993  N  NE2  . GLN A 1 123 ? -10.348 -20.867 -9.920  1.00 31.84 ? 123 GLN A NE2  1 
ATOM   994  N  N    . LYS A 1 124 ? -11.521 -17.841 -3.602  1.00 12.84 ? 124 LYS A N    1 
ATOM   995  C  CA   . LYS A 1 124 ? -11.503 -18.062 -2.155  1.00 12.54 ? 124 LYS A CA   1 
ATOM   996  C  C    . LYS A 1 124 ? -10.664 -19.273 -1.761  1.00 12.73 ? 124 LYS A C    1 
ATOM   997  O  O    . LYS A 1 124 ? -10.942 -19.947 -0.774  1.00 13.71 ? 124 LYS A O    1 
ATOM   998  C  CB   . LYS A 1 124 ? -12.906 -18.074 -1.544  1.00 13.60 ? 124 LYS A CB   1 
ATOM   999  C  CG   . LYS A 1 124 ? -13.667 -16.786 -1.873  1.00 13.78 ? 124 LYS A CG   1 
ATOM   1000 C  CD   . LYS A 1 124 ? -14.972 -16.677 -1.097  1.00 14.64 ? 124 LYS A CD   1 
ATOM   1001 C  CE   . LYS A 1 124 ? -15.664 -15.346 -1.329  1.00 15.90 ? 124 LYS A CE   1 
ATOM   1002 N  NZ   . LYS A 1 124 ? -14.814 -14.183 -1.004  1.00 15.96 ? 124 LYS A NZ   1 
ATOM   1003 N  N    . ARG A 1 125 ? -9.603  -19.517 -2.521  1.00 12.06 ? 125 ARG A N    1 
ATOM   1004 C  CA   . ARG A 1 125 ? -8.637  -20.562 -2.194  1.00 13.66 ? 125 ARG A CA   1 
ATOM   1005 C  C    . ARG A 1 125 ? -7.518  -19.901 -1.398  1.00 11.74 ? 125 ARG A C    1 
ATOM   1006 O  O    . ARG A 1 125 ? -6.443  -19.600 -1.910  1.00 12.53 ? 125 ARG A O    1 
ATOM   1007 C  CB   . ARG A 1 125 ? -8.127  -21.222 -3.466  1.00 16.45 ? 125 ARG A CB   1 
ATOM   1008 C  CG   . ARG A 1 125 ? -9.237  -21.821 -4.325  1.00 17.73 ? 125 ARG A CG   1 
ATOM   1009 C  CD   . ARG A 1 125 ? -8.677  -22.576 -5.511  1.00 25.05 ? 125 ARG A CD   1 
ATOM   1010 N  NE   . ARG A 1 125 ? -9.730  -23.182 -6.321  1.00 29.43 ? 125 ARG A NE   1 
ATOM   1011 C  CZ   . ARG A 1 125 ? -9.563  -24.265 -7.072  1.00 33.24 ? 125 ARG A CZ   1 
ATOM   1012 N  NH1  . ARG A 1 125 ? -8.380  -24.865 -7.119  1.00 35.31 ? 125 ARG A NH1  1 
ATOM   1013 N  NH2  . ARG A 1 125 ? -10.578 -24.748 -7.776  1.00 32.45 ? 125 ARG A NH2  1 
ATOM   1014 N  N    . TRP A 1 126 ? -7.789  -19.691 -0.111  1.00 12.00 ? 126 TRP A N    1 
ATOM   1015 C  CA   . TRP A 1 126 ? -6.965  -18.771 0.672   1.00 11.53 ? 126 TRP A CA   1 
ATOM   1016 C  C    . TRP A 1 126 ? -5.552  -19.299 0.890   1.00 12.01 ? 126 TRP A C    1 
ATOM   1017 O  O    . TRP A 1 126 ? -4.576  -18.546 0.766   1.00 12.65 ? 126 TRP A O    1 
ATOM   1018 C  CB   . TRP A 1 126 ? -7.626  -18.468 2.011   1.00 12.23 ? 126 TRP A CB   1 
ATOM   1019 C  CG   . TRP A 1 126 ? -9.044  -17.988 1.922   1.00 11.72 ? 126 TRP A CG   1 
ATOM   1020 C  CD1  . TRP A 1 126 ? -10.134 -18.543 2.551   1.00 12.04 ? 126 TRP A CD1  1 
ATOM   1021 C  CD2  . TRP A 1 126 ? -9.542  -16.851 1.187   1.00 11.18 ? 126 TRP A CD2  1 
ATOM   1022 N  NE1  . TRP A 1 126 ? -11.262 -17.819 2.254   1.00 12.57 ? 126 TRP A NE1  1 
ATOM   1023 C  CE2  . TRP A 1 126 ? -10.929 -16.779 1.424   1.00 11.27 ? 126 TRP A CE2  1 
ATOM   1024 C  CE3  . TRP A 1 126 ? -8.952  -15.889 0.352   1.00 11.73 ? 126 TRP A CE3  1 
ATOM   1025 C  CZ2  . TRP A 1 126 ? -11.738 -15.792 0.855   1.00 12.36 ? 126 TRP A CZ2  1 
ATOM   1026 C  CZ3  . TRP A 1 126 ? -9.762  -14.910 -0.211  1.00 11.65 ? 126 TRP A CZ3  1 
ATOM   1027 C  CH2  . TRP A 1 126 ? -11.133 -14.863 0.046   1.00 12.01 ? 126 TRP A CH2  1 
ATOM   1028 N  N    . ASP A 1 127 ? -5.411  -20.581 1.253   1.00 12.01 ? 127 ASP A N    1 
ATOM   1029 C  CA   . ASP A 1 127 ? -4.069  -21.113 1.488   1.00 12.33 ? 127 ASP A CA   1 
ATOM   1030 C  C    . ASP A 1 127 ? -3.247  -21.108 0.205   1.00 11.84 ? 127 ASP A C    1 
ATOM   1031 O  O    . ASP A 1 127 ? -2.053  -20.775 0.219   1.00 12.38 ? 127 ASP A O    1 
ATOM   1032 C  CB   . ASP A 1 127 ? -4.138  -22.531 2.056   1.00 13.12 ? 127 ASP A CB   1 
ATOM   1033 C  CG   . ASP A 1 127 ? -4.496  -22.567 3.525   1.00 13.80 ? 127 ASP A CG   1 
ATOM   1034 O  OD1  . ASP A 1 127 ? -4.935  -21.536 4.079   1.00 16.88 ? 127 ASP A OD1  1 
ATOM   1035 O  OD2  . ASP A 1 127 ? -4.363  -23.656 4.125   1.00 18.15 ? 127 ASP A OD2  1 
ATOM   1036 N  N    . GLU A 1 128 ? -3.867  -21.472 -0.915  1.00 12.61 ? 128 GLU A N    1 
ATOM   1037 C  CA   . GLU A 1 128 ? -3.155  -21.468 -2.187  1.00 13.50 ? 128 GLU A CA   1 
ATOM   1038 C  C    . GLU A 1 128 ? -2.774  -20.052 -2.590  1.00 11.85 ? 128 GLU A C    1 
ATOM   1039 O  O    . GLU A 1 128 ? -1.660  -19.816 -3.073  1.00 12.08 ? 128 GLU A O    1 
ATOM   1040 C  CB   . GLU A 1 128 ? -4.024  -22.106 -3.265  1.00 15.14 ? 128 GLU A CB   1 
ATOM   1041 C  CG   . GLU A 1 128 ? -4.353  -23.569 -3.017  1.00 18.98 ? 128 GLU A CG   1 
ATOM   1042 C  CD   . GLU A 1 128 ? -5.291  -24.123 -4.068  1.00 26.63 ? 128 GLU A CD   1 
ATOM   1043 O  OE1  . GLU A 1 128 ? -4.885  -24.203 -5.247  1.00 34.36 ? 128 GLU A OE1  1 
ATOM   1044 O  OE2  . GLU A 1 128 ? -6.443  -24.453 -3.718  1.00 33.67 ? 128 GLU A OE2  1 
ATOM   1045 N  N    . ALA A 1 129 ? -3.689  -19.100 -2.404  1.00 11.95 ? 129 ALA A N    1 
ATOM   1046 C  CA   . ALA A 1 129 ? -3.364  -17.706 -2.686  1.00 11.29 ? 129 ALA A CA   1 
ATOM   1047 C  C    . ALA A 1 129 ? -2.187  -17.238 -1.843  1.00 11.86 ? 129 ALA A C    1 
ATOM   1048 O  O    . ALA A 1 129 ? -1.282  -16.563 -2.348  1.00 12.10 ? 129 ALA A O    1 
ATOM   1049 C  CB   . ALA A 1 129 ? -4.588  -16.824 -2.440  1.00 12.86 ? 129 ALA A CB   1 
ATOM   1050 N  N    . ALA A 1 130 ? -2.175  -17.597 -0.557  1.00 10.96 ? 130 ALA A N    1 
ATOM   1051 C  CA   . ALA A 1 130 ? -1.097  -17.162 0.326   1.00 12.32 ? 130 ALA A CA   1 
ATOM   1052 C  C    . ALA A 1 130 ? 0.246   -17.697 -0.146  1.00 12.20 ? 130 ALA A C    1 
ATOM   1053 O  O    . ALA A 1 130 ? 1.249   -16.973 -0.141  1.00 12.92 ? 130 ALA A O    1 
ATOM   1054 C  CB   . ALA A 1 130 ? -1.375  -17.613 1.760   1.00 13.57 ? 130 ALA A CB   1 
ATOM   1055 N  N    . VAL A 1 131 ? 0.292   -18.973 -0.534  1.00 12.45 ? 131 VAL A N    1 
ATOM   1056 C  CA   . VAL A 1 131 ? 1.518   -19.554 -1.082  1.00 12.91 ? 131 VAL A CA   1 
ATOM   1057 C  C    . VAL A 1 131 ? 1.953   -18.809 -2.342  1.00 12.37 ? 131 VAL A C    1 
ATOM   1058 O  O    . VAL A 1 131 ? 3.133   -18.483 -2.523  1.00 13.97 ? 131 VAL A O    1 
ATOM   1059 C  CB   . VAL A 1 131 ? 1.328   -21.059 -1.343  1.00 13.38 ? 131 VAL A CB   1 
ATOM   1060 C  CG1  . VAL A 1 131 ? 2.456   -21.608 -2.218  1.00 17.11 ? 131 VAL A CG1  1 
ATOM   1061 C  CG2  . VAL A 1 131 ? 1.255   -21.819 -0.027  1.00 15.97 ? 131 VAL A CG2  1 
ATOM   1062 N  N    . ASN A 1 132 ? 1.005   -18.531 -3.234  1.00 12.04 ? 132 ASN A N    1 
ATOM   1063 C  CA   . ASN A 1 132 ? 1.343   -17.876 -4.495  1.00 11.83 ? 132 ASN A CA   1 
ATOM   1064 C  C    . ASN A 1 132 ? 1.817   -16.440 -4.277  1.00 11.42 ? 132 ASN A C    1 
ATOM   1065 O  O    . ASN A 1 132 ? 2.749   -15.979 -4.949  1.00 12.03 ? 132 ASN A O    1 
ATOM   1066 C  CB   . ASN A 1 132 ? 0.134   -17.912 -5.424  1.00 12.83 ? 132 ASN A CB   1 
ATOM   1067 C  CG   . ASN A 1 132 ? 0.450   -17.420 -6.814  1.00 14.73 ? 132 ASN A CG   1 
ATOM   1068 O  OD1  . ASN A 1 132 ? 0.165   -16.275 -7.161  1.00 16.84 ? 132 ASN A OD1  1 
ATOM   1069 N  ND2  . ASN A 1 132 ? 1.027   -18.293 -7.629  1.00 16.78 ? 132 ASN A ND2  1 
ATOM   1070 N  N    . LEU A 1 133 ? 1.183   -15.716 -3.341  1.00 11.59 ? 133 LEU A N    1 
ATOM   1071 C  CA   . LEU A 1 133 ? 1.536   -14.325 -3.069  1.00 11.12 ? 133 LEU A CA   1 
ATOM   1072 C  C    . LEU A 1 133 ? 2.974   -14.199 -2.585  1.00 11.60 ? 133 LEU A C    1 
ATOM   1073 O  O    . LEU A 1 133 ? 3.632   -13.192 -2.861  1.00 12.65 ? 133 LEU A O    1 
ATOM   1074 C  CB   . LEU A 1 133 ? 0.575   -13.748 -2.026  1.00 12.37 ? 133 LEU A CB   1 
ATOM   1075 C  CG   . LEU A 1 133 ? -0.817  -13.327 -2.528  1.00 12.36 ? 133 LEU A CG   1 
ATOM   1076 C  CD1  . LEU A 1 133 ? -1.811  -13.219 -1.375  1.00 14.23 ? 133 LEU A CD1  1 
ATOM   1077 C  CD2  . LEU A 1 133 ? -0.758  -12.025 -3.306  1.00 14.28 ? 133 LEU A CD2  1 
ATOM   1078 N  N    . ALA A 1 134 ? 3.473   -15.206 -1.869  1.00 11.88 ? 134 ALA A N    1 
ATOM   1079 C  CA   . ALA A 1 134 ? 4.827   -15.168 -1.335  1.00 12.65 ? 134 ALA A CA   1 
ATOM   1080 C  C    . ALA A 1 134 ? 5.893   -15.423 -2.391  1.00 12.72 ? 134 ALA A C    1 
ATOM   1081 O  O    . ALA A 1 134 ? 7.070   -15.143 -2.137  1.00 13.92 ? 134 ALA A O    1 
ATOM   1082 C  CB   . ALA A 1 134 ? 4.975   -16.167 -0.183  1.00 13.85 ? 134 ALA A CB   1 
ATOM   1083 N  N    . LYS A 1 135 ? 5.516   -15.932 -3.563  1.00 12.08 ? 135 LYS A N    1 
ATOM   1084 C  CA   . LYS A 1 135 ? 6.472   -16.155 -4.645  1.00 12.74 ? 135 LYS A CA   1 
ATOM   1085 C  C    . LYS A 1 135 ? 6.603   -14.867 -5.452  1.00 12.24 ? 135 LYS A C    1 
ATOM   1086 O  O    . LYS A 1 135 ? 6.139   -14.756 -6.583  1.00 12.59 ? 135 LYS A O    1 
ATOM   1087 C  CB   . LYS A 1 135 ? 6.022   -17.333 -5.498  1.00 13.85 ? 135 LYS A CB   1 
ATOM   1088 C  CG   . LYS A 1 135 ? 5.949   -18.647 -4.717  1.00 14.13 ? 135 LYS A CG   1 
ATOM   1089 C  CD   . LYS A 1 135 ? 5.363   -19.780 -5.555  1.00 17.58 ? 135 LYS A CD   1 
ATOM   1090 C  CE   . LYS A 1 135 ? 5.290   -21.075 -4.750  1.00 18.40 ? 135 LYS A CE   1 
ATOM   1091 N  NZ   . LYS A 1 135 ? 4.468   -22.126 -5.423  1.00 20.95 ? 135 LYS A NZ   1 
ATOM   1092 N  N    . SER A 1 136 ? 7.228   -13.868 -4.830  1.00 11.47 ? 136 SER A N    1 
ATOM   1093 C  CA   . SER A 1 136 ? 7.196   -12.527 -5.397  1.00 11.72 ? 136 SER A CA   1 
ATOM   1094 C  C    . SER A 1 136 ? 8.397   -11.734 -4.912  1.00 12.02 ? 136 SER A C    1 
ATOM   1095 O  O    . SER A 1 136 ? 8.887   -11.940 -3.798  1.00 11.95 ? 136 SER A O    1 
ATOM   1096 C  CB   . SER A 1 136 ? 5.905   -11.799 -4.995  1.00 10.93 ? 136 SER A CB   1 
ATOM   1097 O  OG   . SER A 1 136 ? 5.802   -11.651 -3.584  1.00 11.76 ? 136 SER A OG   1 
ATOM   1098 N  N    . ARG A 1 137 ? 8.835   -10.787 -5.743  1.00 11.21 ? 137 ARG A N    1 
ATOM   1099 C  CA   . ARG A 1 137 ? 9.821   -9.821  -5.275  1.00 11.67 ? 137 ARG A CA   1 
ATOM   1100 C  C    . ARG A 1 137 ? 9.307   -9.083  -4.046  1.00 12.74 ? 137 ARG A C    1 
ATOM   1101 O  O    . ARG A 1 137 ? 10.065  -8.830  -3.099  1.00 13.25 ? 137 ARG A O    1 
ATOM   1102 C  CB   . ARG A 1 137 ? 10.179  -8.825  -6.378  1.00 11.80 ? 137 ARG A CB   1 
ATOM   1103 C  CG   . ARG A 1 137 ? 11.160  -7.757  -5.906  1.00 14.03 ? 137 ARG A CG   1 
ATOM   1104 C  CD   . ARG A 1 137 ? 11.583  -6.787  -6.999  1.00 15.28 ? 137 ARG A CD   1 
ATOM   1105 N  NE   . ARG A 1 137 ? 12.674  -5.934  -6.530  1.00 18.50 ? 137 ARG A NE   1 
ATOM   1106 C  CZ   . ARG A 1 137 ? 12.506  -4.840  -5.792  1.00 17.86 ? 137 ARG A CZ   1 
ATOM   1107 N  NH1  . ARG A 1 137 ? 11.288  -4.464  -5.420  1.00 17.59 ? 137 ARG A NH1  1 
ATOM   1108 N  NH2  . ARG A 1 137 ? 13.560  -4.128  -5.407  1.00 17.88 ? 137 ARG A NH2  1 
ATOM   1109 N  N    . TRP A 1 138 ? 8.011   -8.751  -4.039  1.00 11.54 ? 138 TRP A N    1 
ATOM   1110 C  CA   . TRP A 1 138 ? 7.383   -8.074  -2.902  1.00 11.52 ? 138 TRP A CA   1 
ATOM   1111 C  C    . TRP A 1 138 ? 7.682   -8.791  -1.592  1.00 12.40 ? 138 TRP A C    1 
ATOM   1112 O  O    . TRP A 1 138 ? 8.177   -8.187  -0.631  1.00 12.55 ? 138 TRP A O    1 
ATOM   1113 C  CB   . TRP A 1 138 ? 5.878   -8.046  -3.146  1.00 12.26 ? 138 TRP A CB   1 
ATOM   1114 C  CG   . TRP A 1 138 ? 5.022   -7.592  -2.005  1.00 10.89 ? 138 TRP A CG   1 
ATOM   1115 C  CD1  . TRP A 1 138 ? 5.097   -6.397  -1.350  1.00 11.77 ? 138 TRP A CD1  1 
ATOM   1116 C  CD2  . TRP A 1 138 ? 3.902   -8.287  -1.448  1.00 11.88 ? 138 TRP A CD2  1 
ATOM   1117 N  NE1  . TRP A 1 138 ? 4.107   -6.317  -0.399  1.00 11.92 ? 138 TRP A NE1  1 
ATOM   1118 C  CE2  . TRP A 1 138 ? 3.359   -7.464  -0.441  1.00 10.51 ? 138 TRP A CE2  1 
ATOM   1119 C  CE3  . TRP A 1 138 ? 3.308   -9.527  -1.699  1.00 11.75 ? 138 TRP A CE3  1 
ATOM   1120 C  CZ2  . TRP A 1 138 ? 2.246   -7.832  0.301   1.00 10.96 ? 138 TRP A CZ2  1 
ATOM   1121 C  CZ3  . TRP A 1 138 ? 2.216   -9.902  -0.952  1.00 12.33 ? 138 TRP A CZ3  1 
ATOM   1122 C  CH2  . TRP A 1 138 ? 1.702   -9.064  0.046   1.00 12.69 ? 138 TRP A CH2  1 
ATOM   1123 N  N    . TYR A 1 139 ? 7.402   -10.089 -1.545  1.00 11.47 ? 139 TYR A N    1 
ATOM   1124 C  CA   . TYR A 1 139 ? 7.627   -10.852 -0.326  1.00 12.28 ? 139 TYR A CA   1 
ATOM   1125 C  C    . TYR A 1 139 ? 9.108   -10.901 0.027   1.00 13.76 ? 139 TYR A C    1 
ATOM   1126 O  O    . TYR A 1 139 ? 9.483   -10.743 1.194   1.00 15.62 ? 139 TYR A O    1 
ATOM   1127 C  CB   . TYR A 1 139 ? 7.073   -12.261 -0.523  1.00 13.66 ? 139 TYR A CB   1 
ATOM   1128 C  CG   . TYR A 1 139 ? 7.265   -13.226 0.623   1.00 15.53 ? 139 TYR A CG   1 
ATOM   1129 C  CD1  . TYR A 1 139 ? 8.352   -14.097 0.646   1.00 19.02 ? 139 TYR A CD1  1 
ATOM   1130 C  CD2  . TYR A 1 139 ? 6.321   -13.331 1.634   1.00 16.69 ? 139 TYR A CD2  1 
ATOM   1131 C  CE1  . TYR A 1 139 ? 8.522   -15.008 1.675   1.00 23.40 ? 139 TYR A CE1  1 
ATOM   1132 C  CE2  . TYR A 1 139 ? 6.479   -14.243 2.667   1.00 21.63 ? 139 TYR A CE2  1 
ATOM   1133 C  CZ   . TYR A 1 139 ? 7.579   -15.077 2.680   1.00 22.18 ? 139 TYR A CZ   1 
ATOM   1134 O  OH   . TYR A 1 139 ? 7.743   -15.985 3.705   1.00 28.48 ? 139 TYR A OH   1 
ATOM   1135 N  N    . ASN A 1 140 ? 9.970   -11.109 -0.966  1.00 12.25 ? 140 ASN A N    1 
ATOM   1136 C  CA   . ASN A 1 140 ? 11.392  -11.221 -0.667  1.00 12.55 ? 140 ASN A CA   1 
ATOM   1137 C  C    . ASN A 1 140 ? 11.989  -9.907  -0.179  1.00 12.54 ? 140 ASN A C    1 
ATOM   1138 O  O    . ASN A 1 140 ? 12.875  -9.916  0.689   1.00 14.33 ? 140 ASN A O    1 
ATOM   1139 C  CB   . ASN A 1 140 ? 12.136  -11.746 -1.887  1.00 15.14 ? 140 ASN A CB   1 
ATOM   1140 C  CG   . ASN A 1 140 ? 11.931  -13.233 -2.082  1.00 13.55 ? 140 ASN A CG   1 
ATOM   1141 O  OD1  . ASN A 1 140 ? 11.106  -13.669 -2.895  1.00 15.79 ? 140 ASN A OD1  1 
ATOM   1142 N  ND2  . ASN A 1 140 ? 12.660  -14.027 -1.319  1.00 15.58 ? 140 ASN A ND2  1 
ATOM   1143 N  N    . GLN A 1 141 ? 11.521  -8.777  -0.693  1.00 11.85 ? 141 GLN A N    1 
ATOM   1144 C  CA   . GLN A 1 141 ? 12.127  -7.511  -0.309  1.00 11.75 ? 141 GLN A CA   1 
ATOM   1145 C  C    . GLN A 1 141 ? 11.541  -6.928  0.972   1.00 12.27 ? 141 GLN A C    1 
ATOM   1146 O  O    . GLN A 1 141 ? 12.270  -6.273  1.729   1.00 13.44 ? 141 GLN A O    1 
ATOM   1147 C  CB   . GLN A 1 141 ? 12.029  -6.501  -1.455  1.00 13.73 ? 141 GLN A CB   1 
ATOM   1148 C  CG   . GLN A 1 141 ? 12.702  -6.936  -2.772  1.00 14.78 ? 141 GLN A CG   1 
ATOM   1149 C  CD   . GLN A 1 141 ? 14.188  -7.269  -2.648  1.00 14.11 ? 141 GLN A CD   1 
ATOM   1150 O  OE1  . GLN A 1 141 ? 14.648  -8.310  -3.136  1.00 16.95 ? 141 GLN A OE1  1 
ATOM   1151 N  NE2  . GLN A 1 141 ? 14.946  -6.385  -2.004  1.00 16.17 ? 141 GLN A NE2  1 
ATOM   1152 N  N    . THR A 1 142 ? 10.248  -7.114  1.235   1.00 11.50 ? 142 THR A N    1 
ATOM   1153 C  CA   . THR A 1 142 ? 9.620   -6.666  2.480   1.00 11.19 ? 142 THR A CA   1 
ATOM   1154 C  C    . THR A 1 142 ? 8.875   -7.836  3.111   1.00 10.82 ? 142 THR A C    1 
ATOM   1155 O  O    . THR A 1 142 ? 7.639   -7.881  3.110   1.00 10.97 ? 142 THR A O    1 
ATOM   1156 C  CB   . THR A 1 142 ? 8.703   -5.452  2.276   1.00 10.76 ? 142 THR A CB   1 
ATOM   1157 O  OG1  . THR A 1 142 ? 7.726   -5.716  1.252   1.00 12.71 ? 142 THR A OG1  1 
ATOM   1158 C  CG2  . THR A 1 142 ? 9.511   -4.220  1.879   1.00 13.01 ? 142 THR A CG2  1 
ATOM   1159 N  N    . PRO A 1 143 ? 9.606   -8.814  3.658   1.00 10.50 ? 143 PRO A N    1 
ATOM   1160 C  CA   . PRO A 1 143 ? 8.938   -10.056 4.086   1.00 10.52 ? 143 PRO A CA   1 
ATOM   1161 C  C    . PRO A 1 143 ? 8.052   -9.903  5.300   1.00 10.50 ? 143 PRO A C    1 
ATOM   1162 O  O    . PRO A 1 143 ? 7.018   -10.570 5.376   1.00 11.10 ? 143 PRO A O    1 
ATOM   1163 C  CB   . PRO A 1 143 ? 10.108  -11.019 4.342   1.00 11.83 ? 143 PRO A CB   1 
ATOM   1164 C  CG   . PRO A 1 143 ? 11.263  -10.106 4.654   1.00 12.44 ? 143 PRO A CG   1 
ATOM   1165 C  CD   . PRO A 1 143 ? 11.074  -8.918  3.747   1.00 12.36 ? 143 PRO A CD   1 
ATOM   1166 N  N    . ASN A 1 144 ? 8.411   -9.066  6.269   1.00 11.11 ? 144 ASN A N    1 
ATOM   1167 C  CA   . ASN A 1 144 ? 7.553   -8.976  7.445   1.00 12.23 ? 144 ASN A CA   1 
ATOM   1168 C  C    . ASN A 1 144 ? 6.235   -8.298  7.116   1.00 11.47 ? 144 ASN A C    1 
ATOM   1169 O  O    . ASN A 1 144 ? 5.173   -8.738  7.566   1.00 11.69 ? 144 ASN A O    1 
ATOM   1170 C  CB   . ASN A 1 144 ? 8.276   -8.286  8.592   1.00 13.77 ? 144 ASN A CB   1 
ATOM   1171 C  CG   . ASN A 1 144 ? 9.249   -9.210  9.280   1.00 15.99 ? 144 ASN A CG   1 
ATOM   1172 O  OD1  . ASN A 1 144 ? 9.063   -10.428 9.288   1.00 19.75 ? 144 ASN A OD1  1 
ATOM   1173 N  ND2  . ASN A 1 144 ? 10.300  -8.644  9.851   1.00 22.30 ? 144 ASN A ND2  1 
ATOM   1174 N  N    . ARG A 1 145 ? 6.285   -7.232  6.328   1.00 11.05 ? 145 ARG A N    1 
ATOM   1175 C  CA   . ARG A 1 145 ? 5.054   -6.574  5.911   1.00 11.29 ? 145 ARG A CA   1 
ATOM   1176 C  C    . ARG A 1 145 ? 4.234   -7.474  4.992   1.00 10.75 ? 145 ARG A C    1 
ATOM   1177 O  O    . ARG A 1 145 ? 3.013   -7.589  5.158   1.00 11.61 ? 145 ARG A O    1 
ATOM   1178 C  CB   . ARG A 1 145 ? 5.385   -5.235  5.263   1.00 14.23 ? 145 ARG A CB   1 
ATOM   1179 C  CG   . ARG A 1 145 ? 4.189   -4.294  5.202   1.00 16.65 ? 145 ARG A CG   1 
ATOM   1180 C  CD   . ARG A 1 145 ? 3.809   -4.131  3.776   1.00 17.60 ? 145 ARG A CD   1 
ATOM   1181 N  NE   . ARG A 1 145 ? 2.796   -3.114  3.496   1.00 12.46 ? 145 ARG A NE   1 
ATOM   1182 C  CZ   . ARG A 1 145 ? 3.035   -1.820  3.323   1.00 12.43 ? 145 ARG A CZ   1 
ATOM   1183 N  NH1  . ARG A 1 145 ? 4.257   -1.326  3.473   1.00 15.71 ? 145 ARG A NH1  1 
ATOM   1184 N  NH2  . ARG A 1 145 ? 2.038   -1.018  2.988   1.00 11.29 ? 145 ARG A NH2  1 
ATOM   1185 N  N    . ALA A 1 146 ? 4.882   -8.133  4.032   1.00 11.18 ? 146 ALA A N    1 
ATOM   1186 C  CA   . ALA A 1 146 ? 4.154   -9.046  3.155   1.00 11.67 ? 146 ALA A CA   1 
ATOM   1187 C  C    . ALA A 1 146 ? 3.525   -10.189 3.942   1.00 11.80 ? 146 ALA A C    1 
ATOM   1188 O  O    . ALA A 1 146 ? 2.379   -10.577 3.674   1.00 11.58 ? 146 ALA A O    1 
ATOM   1189 C  CB   . ALA A 1 146 ? 5.071   -9.581  2.053   1.00 12.91 ? 146 ALA A CB   1 
ATOM   1190 N  N    . LYS A 1 147 ? 4.246   -10.733 4.927   1.00 11.26 ? 147 LYS A N    1 
ATOM   1191 C  CA   . LYS A 1 147 ? 3.665   -11.778 5.765   1.00 12.03 ? 147 LYS A CA   1 
ATOM   1192 C  C    . LYS A 1 147 ? 2.408   -11.295 6.482   1.00 10.60 ? 147 LYS A C    1 
ATOM   1193 O  O    . LYS A 1 147 ? 1.435   -12.049 6.607   1.00 11.19 ? 147 LYS A O    1 
ATOM   1194 C  CB   . LYS A 1 147 ? 4.697   -12.302 6.766   1.00 12.98 ? 147 LYS A CB   1 
ATOM   1195 C  CG   . LYS A 1 147 ? 5.721   -13.260 6.175   1.00 15.07 ? 147 LYS A CG   1 
ATOM   1196 C  CD   . LYS A 1 147 ? 6.878   -13.518 7.139   1.00 17.81 ? 147 LYS A CD   1 
ATOM   1197 C  CE   . LYS A 1 147 ? 7.967   -14.371 6.489   1.00 21.27 ? 147 LYS A CE   1 
ATOM   1198 N  NZ   . LYS A 1 147 ? 9.041   -14.765 7.450   1.00 24.70 ? 147 LYS A NZ   1 
ATOM   1199 N  N    . ARG A 1 148 ? 2.400   -10.052 6.969   1.00 10.45 ? 148 ARG A N    1 
ATOM   1200 C  CA   . ARG A 1 148 ? 1.196   -9.567  7.639   1.00 10.30 ? 148 ARG A CA   1 
ATOM   1201 C  C    . ARG A 1 148 ? 0.032   -9.466  6.667   1.00 9.57  ? 148 ARG A C    1 
ATOM   1202 O  O    . ARG A 1 148 ? -1.100  -9.857  6.982   1.00 10.17 ? 148 ARG A O    1 
ATOM   1203 C  CB   . ARG A 1 148 ? 1.444   -8.207  8.293   1.00 10.59 ? 148 ARG A CB   1 
ATOM   1204 C  CG   . ARG A 1 148 ? 2.341   -8.241  9.521   1.00 10.60 ? 148 ARG A CG   1 
ATOM   1205 C  CD   . ARG A 1 148 ? 2.299   -6.923  10.299  1.00 11.71 ? 148 ARG A CD   1 
ATOM   1206 N  NE   . ARG A 1 148 ? 2.942   -5.818  9.588   1.00 11.20 ? 148 ARG A NE   1 
ATOM   1207 C  CZ   . ARG A 1 148 ? 4.252   -5.588  9.571   1.00 10.97 ? 148 ARG A CZ   1 
ATOM   1208 N  NH1  . ARG A 1 148 ? 5.091   -6.380  10.227  1.00 12.78 ? 148 ARG A NH1  1 
ATOM   1209 N  NH2  . ARG A 1 148 ? 4.725   -4.553  8.897   1.00 12.64 ? 148 ARG A NH2  1 
ATOM   1210 N  N    . VAL A 1 149 ? 0.287   -8.906  5.487   1.00 9.48  ? 149 VAL A N    1 
ATOM   1211 C  CA   . VAL A 1 149 ? -0.764  -8.764  4.485   1.00 10.10 ? 149 VAL A CA   1 
ATOM   1212 C  C    . VAL A 1 149 ? -1.255  -10.134 4.033   1.00 9.71  ? 149 VAL A C    1 
ATOM   1213 O  O    . VAL A 1 149 ? -2.467  -10.369 3.911   1.00 10.34 ? 149 VAL A O    1 
ATOM   1214 C  CB   . VAL A 1 149 ? -0.243  -7.916  3.311   1.00 9.82  ? 149 VAL A CB   1 
ATOM   1215 C  CG1  . VAL A 1 149 ? -1.252  -7.892  2.174   1.00 11.56 ? 149 VAL A CG1  1 
ATOM   1216 C  CG2  . VAL A 1 149 ? 0.092   -6.496  3.785   1.00 10.32 ? 149 VAL A CG2  1 
ATOM   1217 N  N    . ILE A 1 150 ? -0.327  -11.062 3.785   1.00 10.28 ? 150 ILE A N    1 
ATOM   1218 C  CA   . ILE A 1 150 ? -0.701  -12.409 3.354   1.00 10.69 ? 150 ILE A CA   1 
ATOM   1219 C  C    . ILE A 1 150 ? -1.521  -13.121 4.423   1.00 11.29 ? 150 ILE A C    1 
ATOM   1220 O  O    . ILE A 1 150 ? -2.517  -13.788 4.112   1.00 11.62 ? 150 ILE A O    1 
ATOM   1221 C  CB   . ILE A 1 150 ? 0.548   -13.204 2.937   1.00 12.00 ? 150 ILE A CB   1 
ATOM   1222 C  CG1  . ILE A 1 150 ? 1.118   -12.611 1.649   1.00 12.46 ? 150 ILE A CG1  1 
ATOM   1223 C  CG2  . ILE A 1 150 ? 0.208   -14.673 2.749   1.00 13.21 ? 150 ILE A CG2  1 
ATOM   1224 C  CD1  . ILE A 1 150 ? 2.461   -13.197 1.247   1.00 13.52 ? 150 ILE A CD1  1 
ATOM   1225 N  N    . THR A 1 151 ? -1.129  -12.994 5.695   1.00 10.81 ? 151 THR A N    1 
ATOM   1226 C  CA   . THR A 1 151 ? -1.909  -13.604 6.772   1.00 11.58 ? 151 THR A CA   1 
ATOM   1227 C  C    . THR A 1 151 ? -3.320  -13.037 6.807   1.00 12.44 ? 151 THR A C    1 
ATOM   1228 O  O    . THR A 1 151 ? -4.288  -13.760 7.091   1.00 12.06 ? 151 THR A O    1 
ATOM   1229 C  CB   . THR A 1 151 ? -1.206  -13.380 8.112   1.00 13.32 ? 151 THR A CB   1 
ATOM   1230 O  OG1  . THR A 1 151 ? -0.007  -14.161 8.163   1.00 15.80 ? 151 THR A OG1  1 
ATOM   1231 C  CG2  . THR A 1 151 ? -2.108  -13.754 9.295   1.00 15.44 ? 151 THR A CG2  1 
ATOM   1232 N  N    . THR A 1 152 ? -3.455  -11.744 6.513   1.00 10.60 ? 152 THR A N    1 
ATOM   1233 C  CA   . THR A 1 152 ? -4.774  -11.128 6.447   1.00 10.71 ? 152 THR A CA   1 
ATOM   1234 C  C    . THR A 1 152 ? -5.615  -11.743 5.326   1.00 10.78 ? 152 THR A C    1 
ATOM   1235 O  O    . THR A 1 152 ? -6.798  -12.052 5.526   1.00 11.82 ? 152 THR A O    1 
ATOM   1236 C  CB   . THR A 1 152 ? -4.622  -9.606  6.307   1.00 10.67 ? 152 THR A CB   1 
ATOM   1237 O  OG1  . THR A 1 152 ? -3.761  -9.108  7.346   1.00 11.11 ? 152 THR A OG1  1 
ATOM   1238 C  CG2  . THR A 1 152 ? -5.960  -8.914  6.424   1.00 11.92 ? 152 THR A CG2  1 
ATOM   1239 N  N    . PHE A 1 153 ? -5.022  -11.939 4.142   1.00 11.28 ? 153 PHE A N    1 
ATOM   1240 C  CA   . PHE A 1 153 ? -5.721  -12.646 3.067   1.00 12.32 ? 153 PHE A CA   1 
ATOM   1241 C  C    . PHE A 1 153 ? -5.996  -14.102 3.437   1.00 12.21 ? 153 PHE A C    1 
ATOM   1242 O  O    . PHE A 1 153 ? -7.036  -14.659 3.059   1.00 14.06 ? 153 PHE A O    1 
ATOM   1243 C  CB   . PHE A 1 153 ? -4.880  -12.631 1.788   1.00 12.25 ? 153 PHE A CB   1 
ATOM   1244 C  CG   . PHE A 1 153 ? -5.010  -11.388 0.947   1.00 12.20 ? 153 PHE A CG   1 
ATOM   1245 C  CD1  . PHE A 1 153 ? -6.242  -10.910 0.529   1.00 12.49 ? 153 PHE A CD1  1 
ATOM   1246 C  CD2  . PHE A 1 153 ? -3.864  -10.729 0.537   1.00 11.90 ? 153 PHE A CD2  1 
ATOM   1247 C  CE1  . PHE A 1 153 ? -6.325  -9.789  -0.278  1.00 13.37 ? 153 PHE A CE1  1 
ATOM   1248 C  CE2  . PHE A 1 153 ? -3.940  -9.613  -0.260  1.00 12.80 ? 153 PHE A CE2  1 
ATOM   1249 C  CZ   . PHE A 1 153 ? -5.175  -9.141  -0.666  1.00 12.46 ? 153 PHE A CZ   1 
ATOM   1250 N  N    . ARG A 1 154 ? -5.062  -14.760 4.123   1.00 12.10 ? 154 ARG A N    1 
ATOM   1251 C  CA   . ARG A 1 154 ? -5.255  -16.178 4.407   1.00 13.23 ? 154 ARG A CA   1 
ATOM   1252 C  C    . ARG A 1 154 ? -6.392  -16.402 5.396   1.00 13.04 ? 154 ARG A C    1 
ATOM   1253 O  O    . ARG A 1 154 ? -7.200  -17.327 5.225   1.00 14.30 ? 154 ARG A O    1 
ATOM   1254 C  CB   . ARG A 1 154 ? -3.962  -16.799 4.930   1.00 14.15 ? 154 ARG A CB   1 
ATOM   1255 C  CG   . ARG A 1 154 ? -4.063  -18.308 5.127   1.00 16.51 ? 154 ARG A CG   1 
ATOM   1256 C  CD   . ARG A 1 154 ? -2.761  -18.942 5.582   1.00 18.13 ? 154 ARG A CD   1 
ATOM   1257 N  NE   . ARG A 1 154 ? -2.213  -18.336 6.792   1.00 21.04 ? 154 ARG A NE   1 
ATOM   1258 C  CZ   . ARG A 1 154 ? -2.591  -18.641 8.030   1.00 21.13 ? 154 ARG A CZ   1 
ATOM   1259 N  NH1  . ARG A 1 154 ? -3.544  -19.541 8.239   1.00 24.37 ? 154 ARG A NH1  1 
ATOM   1260 N  NH2  . ARG A 1 154 ? -2.026  -18.031 9.064   1.00 26.28 ? 154 ARG A NH2  1 
ATOM   1261 N  N    . THR A 1 155 ? -6.480  -15.560 6.431   1.00 14.09 ? 155 THR A N    1 
ATOM   1262 C  CA   . THR A 1 155 ? -7.393  -15.792 7.543   1.00 14.47 ? 155 THR A CA   1 
ATOM   1263 C  C    . THR A 1 155 ? -8.632  -14.912 7.539   1.00 14.27 ? 155 THR A C    1 
ATOM   1264 O  O    . THR A 1 155 ? -9.622  -15.277 8.181   1.00 15.16 ? 155 THR A O    1 
ATOM   1265 C  CB   . THR A 1 155 ? -6.679  -15.574 8.881   1.00 13.54 ? 155 THR A CB   1 
ATOM   1266 O  OG1  . THR A 1 155 ? -6.371  -14.175 9.019   1.00 13.19 ? 155 THR A OG1  1 
ATOM   1267 C  CG2  . THR A 1 155 ? -5.412  -16.406 8.959   1.00 15.80 ? 155 THR A CG2  1 
ATOM   1268 N  N    . GLY A 1 156 ? -8.604  -13.762 6.870   1.00 14.26 ? 156 GLY A N    1 
ATOM   1269 C  CA   . GLY A 1 156 ? -9.713  -12.842 6.983   1.00 13.65 ? 156 GLY A CA   1 
ATOM   1270 C  C    . GLY A 1 156 ? -9.854  -12.218 8.353   1.00 12.97 ? 156 GLY A C    1 
ATOM   1271 O  O    . GLY A 1 156 ? -10.941 -11.740 8.700   1.00 13.32 ? 156 GLY A O    1 
ATOM   1272 N  N    . THR A 1 157 ? -8.789  -12.239 9.154   1.00 12.89 ? 157 THR A N    1 
ATOM   1273 C  CA   . THR A 1 157 ? -8.761  -11.659 10.488  1.00 12.20 ? 157 THR A CA   1 
ATOM   1274 C  C    . THR A 1 157 ? -7.658  -10.618 10.563  1.00 11.66 ? 157 THR A C    1 
ATOM   1275 O  O    . THR A 1 157 ? -6.790  -10.525 9.689   1.00 12.05 ? 157 THR A O    1 
ATOM   1276 C  CB   . THR A 1 157 ? -8.475  -12.710 11.573  1.00 13.15 ? 157 THR A CB   1 
ATOM   1277 O  OG1  . THR A 1 157 ? -7.075  -13.033 11.570  1.00 13.75 ? 157 THR A OG1  1 
ATOM   1278 C  CG2  . THR A 1 157 ? -9.314  -13.970 11.374  1.00 16.05 ? 157 THR A CG2  1 
ATOM   1279 N  N    . TRP A 1 158 ? -7.677  -9.861  11.658  1.00 11.93 ? 158 TRP A N    1 
ATOM   1280 C  CA   . TRP A 1 158 ? -6.641  -8.889  11.966  1.00 11.87 ? 158 TRP A CA   1 
ATOM   1281 C  C    . TRP A 1 158 ? -5.512  -9.477  12.811  1.00 12.15 ? 158 TRP A C    1 
ATOM   1282 O  O    . TRP A 1 158 ? -4.734  -8.717  13.400  1.00 12.97 ? 158 TRP A O    1 
ATOM   1283 C  CB   . TRP A 1 158 ? -7.262  -7.688  12.679  1.00 13.08 ? 158 TRP A CB   1 
ATOM   1284 C  CG   . TRP A 1 158 ? -8.121  -6.850  11.797  1.00 11.95 ? 158 TRP A CG   1 
ATOM   1285 C  CD1  . TRP A 1 158 ? -9.473  -6.668  11.883  1.00 13.43 ? 158 TRP A CD1  1 
ATOM   1286 C  CD2  . TRP A 1 158 ? -7.678  -6.067  10.690  1.00 12.21 ? 158 TRP A CD2  1 
ATOM   1287 N  NE1  . TRP A 1 158 ? -9.894  -5.809  10.896  1.00 12.77 ? 158 TRP A NE1  1 
ATOM   1288 C  CE2  . TRP A 1 158 ? -8.809  -5.427  10.148  1.00 13.02 ? 158 TRP A CE2  1 
ATOM   1289 C  CE3  . TRP A 1 158 ? -6.428  -5.834  10.109  1.00 11.78 ? 158 TRP A CE3  1 
ATOM   1290 C  CZ2  . TRP A 1 158 ? -8.728  -4.568  9.057   1.00 12.97 ? 158 TRP A CZ2  1 
ATOM   1291 C  CZ3  . TRP A 1 158 ? -6.349  -4.994  9.021   1.00 12.81 ? 158 TRP A CZ3  1 
ATOM   1292 C  CH2  . TRP A 1 158 ? -7.491  -4.364  8.509   1.00 12.67 ? 158 TRP A CH2  1 
ATOM   1293 N  N    . ASP A 1 159 ? -5.394  -10.807 12.871  1.00 12.74 ? 159 ASP A N    1 
ATOM   1294 C  CA   . ASP A 1 159 ? -4.479  -11.428 13.829  1.00 14.90 ? 159 ASP A CA   1 
ATOM   1295 C  C    . ASP A 1 159 ? -3.037  -10.958 13.654  1.00 14.21 ? 159 ASP A C    1 
ATOM   1296 O  O    . ASP A 1 159 ? -2.302  -10.821 14.641  1.00 15.10 ? 159 ASP A O    1 
ATOM   1297 C  CB   . ASP A 1 159 ? -4.556  -12.952 13.734  1.00 17.76 ? 159 ASP A CB   1 
ATOM   1298 C  CG   . ASP A 1 159 ? -5.804  -13.518 14.379  1.00 18.28 ? 159 ASP A CG   1 
ATOM   1299 O  OD1  . ASP A 1 159 ? -6.595  -12.747 14.955  1.00 22.00 ? 159 ASP A OD1  1 
ATOM   1300 O  OD2  . ASP A 1 159 ? -5.974  -14.755 14.318  1.00 23.04 ? 159 ASP A OD2  1 
ATOM   1301 N  N    . ALA A 1 160 ? -2.602  -10.713 12.413  1.00 13.49 ? 160 ALA A N    1 
ATOM   1302 C  CA   . ALA A 1 160 ? -1.208  -10.321 12.197  1.00 14.49 ? 160 ALA A CA   1 
ATOM   1303 C  C    . ALA A 1 160 ? -0.912  -8.918  12.702  1.00 15.83 ? 160 ALA A C    1 
ATOM   1304 O  O    . ALA A 1 160 ? 0.258   -8.589  12.932  1.00 18.49 ? 160 ALA A O    1 
ATOM   1305 C  CB   . ALA A 1 160 ? -0.829  -10.424 10.719  1.00 14.51 ? 160 ALA A CB   1 
ATOM   1306 N  N    . TYR A 1 161 ? -1.932  -8.088  12.874  1.00 13.32 ? 161 TYR A N    1 
ATOM   1307 C  CA   . TYR A 1 161 ? -1.764  -6.714  13.322  1.00 13.82 ? 161 TYR A CA   1 
ATOM   1308 C  C    . TYR A 1 161 ? -2.049  -6.545  14.803  1.00 18.48 ? 161 TYR A C    1 
ATOM   1309 O  O    . TYR A 1 161 ? -1.562  -5.586  15.412  1.00 25.50 ? 161 TYR A O    1 
ATOM   1310 C  CB   . TYR A 1 161 ? -2.638  -5.774  12.481  1.00 13.59 ? 161 TYR A CB   1 
ATOM   1311 C  CG   . TYR A 1 161 ? -2.102  -5.648  11.067  1.00 11.46 ? 161 TYR A CG   1 
ATOM   1312 C  CD1  . TYR A 1 161 ? -2.440  -6.578  10.092  1.00 11.93 ? 161 TYR A CD1  1 
ATOM   1313 C  CD2  . TYR A 1 161 ? -1.209  -4.630  10.725  1.00 11.82 ? 161 TYR A CD2  1 
ATOM   1314 C  CE1  . TYR A 1 161 ? -1.932  -6.492  8.818   1.00 10.84 ? 161 TYR A CE1  1 
ATOM   1315 C  CE2  . TYR A 1 161 ? -0.689  -4.532  9.445   1.00 11.07 ? 161 TYR A CE2  1 
ATOM   1316 C  CZ   . TYR A 1 161 ? -1.053  -5.473  8.495   1.00 10.21 ? 161 TYR A CZ   1 
ATOM   1317 O  OH   . TYR A 1 161 ? -0.546  -5.415  7.213   1.00 11.25 ? 161 TYR A OH   1 
ATOM   1318 N  N    . LYS A 1 162 ? -2.820  -7.455  15.396  1.00 20.00 ? 162 LYS A N    1 
ATOM   1319 C  CA   . LYS A 1 162 ? -2.934  -7.488  16.849  1.00 23.11 ? 162 LYS A CA   1 
ATOM   1320 C  C    . LYS A 1 162 ? -1.697  -8.121  17.471  1.00 25.58 ? 162 LYS A C    1 
ATOM   1321 O  O    . LYS A 1 162 ? -1.244  -7.691  18.540  1.00 29.26 ? 162 LYS A O    1 
ATOM   1322 C  CB   . LYS A 1 162 ? -4.197  -8.248  17.257  1.00 26.22 ? 162 LYS A CB   1 
ATOM   1323 C  CG   . LYS A 1 162 ? -5.491  -7.558  16.854  1.00 26.43 ? 162 LYS A CG   1 
ATOM   1324 C  CD   . LYS A 1 162 ? -6.688  -8.496  16.962  1.00 30.75 ? 162 LYS A CD   1 
ATOM   1325 C  CE   . LYS A 1 162 ? -6.708  -9.222  18.300  1.00 36.29 ? 162 LYS A CE   1 
ATOM   1326 N  NZ   . LYS A 1 162 ? -8.057  -9.194  18.936  1.00 40.25 ? 162 LYS A NZ   1 
ATOM   1327 N  N    . ASN A 1 163 ? -1.132  -9.132  16.816  1.00 25.23 ? 163 ASN A N    1 
ATOM   1328 C  CA   . ASN A 1 163 ? 0.085   -9.781  17.290  1.00 28.79 ? 163 ASN A CA   1 
ATOM   1329 C  C    . ASN A 1 163 ? 1.256   -8.804  17.279  1.00 32.15 ? 163 ASN A C    1 
ATOM   1330 O  O    . ASN A 1 163 ? 2.097   -8.821  18.179  1.00 35.15 ? 163 ASN A O    1 
ATOM   1331 C  CB   . ASN A 1 163 ? 0.421   -11.002 16.427  1.00 30.21 ? 163 ASN A CB   1 
ATOM   1332 C  CG   . ASN A 1 163 ? -0.470  -12.194 16.724  1.00 33.98 ? 163 ASN A CG   1 
ATOM   1333 O  OD1  . ASN A 1 163 ? -1.313  -12.147 17.620  1.00 38.69 ? 163 ASN A OD1  1 
ATOM   1334 N  ND2  . ASN A 1 163 ? -0.289  -13.270 15.968  1.00 35.35 ? 163 ASN A ND2  1 
HETATM 1335 C  C1   . BME B 2 .   ? 2.439   7.199   -2.322  1.00 17.84 ? 201 BME A C1   1 
HETATM 1336 C  C2   . BME B 2 .   ? 1.166   6.927   -1.535  1.00 19.69 ? 201 BME A C2   1 
HETATM 1337 O  O1   . BME B 2 .   ? 3.290   6.122   -2.084  1.00 25.05 ? 201 BME A O1   1 
HETATM 1338 S  S2   . BME B 2 .   ? 0.479   5.351   -2.109  1.00 34.27 ? 201 BME A S2   1 
HETATM 1339 C  C1   . BME C 2 .   ? -13.065 9.972   1.267   1.00 18.01 ? 202 BME A C1   1 
HETATM 1340 C  C2   . BME C 2 .   ? -13.301 9.338   2.636   1.00 26.57 ? 202 BME A C2   1 
HETATM 1341 O  O1   . BME C 2 .   ? -11.977 10.843  1.422   1.00 28.01 ? 202 BME A O1   1 
HETATM 1342 S  S2   . BME C 2 .   ? -11.834 8.424   3.191   1.00 28.01 ? 202 BME A S2   1 
HETATM 1343 C  C    . TRS D 3 .   ? 5.460   3.404   -0.293  1.00 14.51 ? 203 TRS A C    1 
HETATM 1344 C  C1   . TRS D 3 .   ? 5.911   2.576   -1.495  1.00 17.12 ? 203 TRS A C1   1 
HETATM 1345 C  C2   . TRS D 3 .   ? 4.126   2.891   0.237   1.00 15.91 ? 203 TRS A C2   1 
HETATM 1346 C  C3   . TRS D 3 .   ? 6.554   3.280   0.762   1.00 16.44 ? 203 TRS A C3   1 
HETATM 1347 N  N    . TRS D 3 .   ? 5.249   4.797   -0.655  1.00 14.11 ? 203 TRS A N    1 
HETATM 1348 O  O1   . TRS D 3 .   ? 5.050   2.832   -2.565  1.00 20.42 ? 203 TRS A O1   1 
HETATM 1349 O  O2   . TRS D 3 .   ? 4.313   1.576   0.669   1.00 14.76 ? 203 TRS A O2   1 
HETATM 1350 O  O3   . TRS D 3 .   ? 6.251   4.093   1.857   1.00 16.79 ? 203 TRS A O3   1 
HETATM 1351 C  C02  . Y87 E 4 .   ? -8.006  -5.945  -5.688  1.00 20.43 ? 204 Y87 A C02  1 
HETATM 1352 C  C03  . Y87 E 4 .   ? -6.790  -5.285  -5.693  1.00 24.69 ? 204 Y87 A C03  1 
HETATM 1353 C  C04  . Y87 E 4 .   ? -5.668  -5.925  -5.213  1.00 25.85 ? 204 Y87 A C04  1 
HETATM 1354 C  C05  . Y87 E 4 .   ? -5.760  -7.218  -4.735  1.00 26.18 ? 204 Y87 A C05  1 
HETATM 1355 C  C07  . Y87 E 4 .   ? -6.979  -7.880  -4.733  1.00 24.57 ? 204 Y87 A C07  1 
HETATM 1356 C  C08  . Y87 E 4 .   ? -8.112  -7.241  -5.211  1.00 18.37 ? 204 Y87 A C08  1 
HETATM 1357 F  F01  . Y87 E 4 .   ? -9.087  -5.286  -6.173  1.00 32.55 ? 204 Y87 A F01  1 
HETATM 1358 BR BR06 . Y87 E 4 .   ? -4.169  -8.095  -4.069  1.00 76.51 ? 204 Y87 A BR06 1 
HETATM 1359 O  O    . HOH F 5 .   ? 5.794   -16.853 4.917   1.00 26.91 ? 301 HOH A O    1 
HETATM 1360 O  O    . HOH F 5 .   ? -5.624  14.993  11.286  1.00 26.04 ? 302 HOH A O    1 
HETATM 1361 O  O    . HOH F 5 .   ? 2.740   9.753   -4.118  1.00 27.37 ? 303 HOH A O    1 
HETATM 1362 O  O    . HOH F 5 .   ? -9.324  4.139   13.625  1.00 23.29 ? 304 HOH A O    1 
HETATM 1363 O  O    . HOH F 5 .   ? 4.871   13.111  -6.411  1.00 19.78 ? 305 HOH A O    1 
HETATM 1364 O  O    . HOH F 5 .   ? -16.876 -9.956  -8.238  1.00 22.19 ? 306 HOH A O    1 
HETATM 1365 O  O    . HOH F 5 .   ? 7.687   5.758   -1.179  1.00 16.59 ? 307 HOH A O    1 
HETATM 1366 O  O    . HOH F 5 .   ? 13.664  9.291   -4.835  1.00 16.62 ? 308 HOH A O    1 
HETATM 1367 O  O    . HOH F 5 .   ? 6.799   4.380   5.247   1.00 14.82 ? 309 HOH A O    1 
HETATM 1368 O  O    . HOH F 5 .   ? -1.380  22.924  5.469   1.00 21.89 ? 310 HOH A O    1 
HETATM 1369 O  O    . HOH F 5 .   ? 6.857   19.088  11.814  1.00 22.79 ? 311 HOH A O    1 
HETATM 1370 O  O    . HOH F 5 .   ? 17.672  20.212  -1.314  1.00 27.24 ? 312 HOH A O    1 
HETATM 1371 O  O    . HOH F 5 .   ? 4.559   -24.279 -3.830  1.00 29.33 ? 313 HOH A O    1 
HETATM 1372 O  O    . HOH F 5 .   ? 9.459   23.938  -6.437  1.00 24.06 ? 314 HOH A O    1 
HETATM 1373 O  O    . HOH F 5 .   ? -5.142  18.741  -0.608  1.00 14.87 ? 315 HOH A O    1 
HETATM 1374 O  O    . HOH F 5 .   ? -9.987  -17.435 9.757   1.00 22.53 ? 316 HOH A O    1 
HETATM 1375 O  O    . HOH F 5 .   ? 14.848  -5.596  2.141   1.00 17.18 ? 317 HOH A O    1 
HETATM 1376 O  O    . HOH F 5 .   ? 14.937  0.063   -5.675  1.00 29.01 ? 318 HOH A O    1 
HETATM 1377 O  O    . HOH F 5 .   ? -5.101  -21.296 6.768   1.00 23.36 ? 319 HOH A O    1 
HETATM 1378 O  O    . HOH F 5 .   ? 19.454  13.030  0.438   1.00 30.22 ? 320 HOH A O    1 
HETATM 1379 O  O    . HOH F 5 .   ? 6.349   -15.966 -8.996  1.00 17.78 ? 321 HOH A O    1 
HETATM 1380 O  O    . HOH F 5 .   ? 3.405   13.900  -4.111  1.00 23.28 ? 322 HOH A O    1 
HETATM 1381 O  O    . HOH F 5 .   ? 4.701   1.690   12.528  1.00 24.75 ? 323 HOH A O    1 
HETATM 1382 O  O    . HOH F 5 .   ? 6.249   -2.361  7.499   1.00 19.69 ? 324 HOH A O    1 
HETATM 1383 O  O    . HOH F 5 .   ? 2.570   -10.044 12.964  1.00 18.88 ? 325 HOH A O    1 
HETATM 1384 O  O    . HOH F 5 .   ? -13.301 -11.483 7.164   1.00 18.28 ? 326 HOH A O    1 
HETATM 1385 O  O    . HOH F 5 .   ? -12.496 -4.335  11.832  1.00 21.64 ? 327 HOH A O    1 
HETATM 1386 O  O    . HOH F 5 .   ? -0.826  21.850  10.035  1.00 23.65 ? 328 HOH A O    1 
HETATM 1387 O  O    . HOH F 5 .   ? -12.929 -13.618 -2.909  1.00 14.53 ? 329 HOH A O    1 
HETATM 1388 O  O    . HOH F 5 .   ? 9.687   20.999  0.418   1.00 16.47 ? 330 HOH A O    1 
HETATM 1389 O  O    . HOH F 5 .   ? 6.841   -2.211  3.700   1.00 24.19 ? 331 HOH A O    1 
HETATM 1390 O  O    . HOH F 5 .   ? -2.799  15.180  13.998  1.00 29.01 ? 332 HOH A O    1 
HETATM 1391 O  O    . HOH F 5 .   ? -4.072  -10.225 9.973   1.00 14.93 ? 333 HOH A O    1 
HETATM 1392 O  O    . HOH F 5 .   ? 5.326   27.299  4.734   1.00 21.22 ? 334 HOH A O    1 
HETATM 1393 O  O    . HOH F 5 .   ? 0.425   8.959   2.953   1.00 11.66 ? 335 HOH A O    1 
HETATM 1394 O  O    . HOH F 5 .   ? 20.829  10.599  -1.248  1.00 30.58 ? 336 HOH A O    1 
HETATM 1395 O  O    . HOH F 5 .   ? 8.866   2.279   -3.555  1.00 24.78 ? 337 HOH A O    1 
HETATM 1396 O  O    . HOH F 5 .   ? -2.893  -16.576 -15.764 1.00 25.12 ? 338 HOH A O    1 
HETATM 1397 O  O    . HOH F 5 .   ? 10.376  -12.348 7.739   1.00 22.27 ? 339 HOH A O    1 
HETATM 1398 O  O    . HOH F 5 .   ? 16.448  8.697   -4.035  1.00 25.54 ? 340 HOH A O    1 
HETATM 1399 O  O    . HOH F 5 .   ? -8.917  -19.391 5.954   1.00 17.20 ? 341 HOH A O    1 
HETATM 1400 O  O    . HOH F 5 .   ? -12.872 -10.998 10.573  1.00 22.22 ? 342 HOH A O    1 
HETATM 1401 O  O    . HOH F 5 .   ? 18.506  6.295   -2.557  1.00 22.36 ? 343 HOH A O    1 
HETATM 1402 O  O    . HOH F 5 .   ? 1.306   -4.561  0.806   1.00 11.49 ? 344 HOH A O    1 
HETATM 1403 O  O    . HOH F 5 .   ? 13.424  -12.051 2.422   1.00 19.36 ? 345 HOH A O    1 
HETATM 1404 O  O    . HOH F 5 .   ? -11.106 -0.131  6.602   1.00 13.95 ? 346 HOH A O    1 
HETATM 1405 O  O    . HOH F 5 .   ? -5.591  16.039  8.591   1.00 17.95 ? 347 HOH A O    1 
HETATM 1406 O  O    . HOH F 5 .   ? -6.537  6.820   -8.211  1.00 29.97 ? 348 HOH A O    1 
HETATM 1407 O  O    . HOH F 5 .   ? -2.302  21.300  3.088   1.00 23.25 ? 349 HOH A O    1 
HETATM 1408 O  O    . HOH F 5 .   ? -14.680 -0.175  -0.907  1.00 27.16 ? 350 HOH A O    1 
HETATM 1409 O  O    . HOH F 5 .   ? -5.979  10.273  7.721   1.00 17.34 ? 351 HOH A O    1 
HETATM 1410 O  O    . HOH F 5 .   ? -0.608  -22.012 -4.506  1.00 17.82 ? 352 HOH A O    1 
HETATM 1411 O  O    . HOH F 5 .   ? 1.342   10.942  4.651   1.00 10.71 ? 353 HOH A O    1 
HETATM 1412 O  O    . HOH F 5 .   ? -0.109  -16.756 5.758   1.00 24.12 ? 354 HOH A O    1 
HETATM 1413 O  O    . HOH F 5 .   ? 12.540  3.242   4.995   1.00 27.82 ? 355 HOH A O    1 
HETATM 1414 O  O    . HOH F 5 .   ? -7.642  11.019  -3.267  1.00 22.45 ? 356 HOH A O    1 
HETATM 1415 O  O    . HOH F 5 .   ? 2.672   -17.683 2.209   1.00 18.69 ? 357 HOH A O    1 
HETATM 1416 O  O    . HOH F 5 .   ? -12.498 1.554   12.913  1.00 19.75 ? 358 HOH A O    1 
HETATM 1417 O  O    . HOH F 5 .   ? 16.893  -0.508  -1.339  1.00 18.91 ? 359 HOH A O    1 
HETATM 1418 O  O    . HOH F 5 .   ? 15.050  -3.770  -0.891  1.00 23.03 ? 360 HOH A O    1 
HETATM 1419 O  O    . HOH F 5 .   ? -2.152  16.816  -2.355  1.00 12.97 ? 361 HOH A O    1 
HETATM 1420 O  O    . HOH F 5 .   ? -16.000 -14.961 -5.361  1.00 20.99 ? 362 HOH A O    1 
HETATM 1421 O  O    . HOH F 5 .   ? -2.214  5.899   -3.445  1.00 25.69 ? 363 HOH A O    1 
HETATM 1422 O  O    . HOH F 5 .   ? 5.230   -10.470 9.839   1.00 17.24 ? 364 HOH A O    1 
HETATM 1423 O  O    . HOH F 5 .   ? 9.761   -16.168 -3.252  1.00 22.58 ? 365 HOH A O    1 
HETATM 1424 O  O    . HOH F 5 .   ? 0.489   -14.112 -10.728 1.00 19.24 ? 366 HOH A O    1 
HETATM 1425 O  O    . HOH F 5 .   ? 17.231  19.615  3.517   1.00 36.62 ? 367 HOH A O    1 
HETATM 1426 O  O    . HOH F 5 .   ? -2.038  12.863  -1.547  1.00 17.86 ? 368 HOH A O    1 
HETATM 1427 O  O    . HOH F 5 .   ? -1.047  22.560  -5.197  1.00 12.74 ? 369 HOH A O    1 
HETATM 1428 O  O    . HOH F 5 .   ? -2.720  18.935  0.840   1.00 19.98 ? 370 HOH A O    1 
HETATM 1429 O  O    . HOH F 5 .   ? 13.322  21.174  -7.854  1.00 27.41 ? 371 HOH A O    1 
HETATM 1430 O  O    . HOH F 5 .   ? 6.914   6.919   8.069   1.00 16.58 ? 372 HOH A O    1 
HETATM 1431 O  O    . HOH F 5 .   ? 5.315   -19.694 -1.077  1.00 18.91 ? 373 HOH A O    1 
HETATM 1432 O  O    . HOH F 5 .   ? -9.008  -1.149  -16.411 1.00 29.71 ? 374 HOH A O    1 
HETATM 1433 O  O    . HOH F 5 .   ? 8.958   12.665  12.468  1.00 22.40 ? 375 HOH A O    1 
HETATM 1434 O  O    . HOH F 5 .   ? 7.489   23.381  7.020   1.00 19.50 ? 376 HOH A O    1 
HETATM 1435 O  O    . HOH F 5 .   ? -0.435  18.783  13.219  1.00 22.23 ? 377 HOH A O    1 
HETATM 1436 O  O    . HOH F 5 .   ? 8.641   -5.097  -1.449  1.00 19.26 ? 378 HOH A O    1 
HETATM 1437 O  O    . HOH F 5 .   ? 2.760   18.242  13.965  1.00 24.22 ? 379 HOH A O    1 
HETATM 1438 O  O    . HOH F 5 .   ? 3.149   4.975   -4.777  1.00 31.07 ? 380 HOH A O    1 
HETATM 1439 O  O    . HOH F 5 .   ? 9.329   9.902   -10.081 1.00 23.97 ? 381 HOH A O    1 
HETATM 1440 O  O    . HOH F 5 .   ? -0.868  -21.012 2.900   1.00 22.36 ? 382 HOH A O    1 
HETATM 1441 O  O    . HOH F 5 .   ? 2.028   -15.000 6.211   1.00 19.91 ? 383 HOH A O    1 
HETATM 1442 O  O    . HOH F 5 .   ? -14.354 -6.030  -14.848 1.00 33.04 ? 384 HOH A O    1 
HETATM 1443 O  O    . HOH F 5 .   ? 4.702   -8.773  11.938  1.00 15.29 ? 385 HOH A O    1 
HETATM 1444 O  O    . HOH F 5 .   ? -10.086 -10.126 13.382  1.00 18.57 ? 386 HOH A O    1 
HETATM 1445 O  O    . HOH F 5 .   ? 13.145  -3.567  0.847   1.00 23.51 ? 387 HOH A O    1 
HETATM 1446 O  O    . HOH F 5 .   ? 7.197   5.635   12.483  1.00 25.80 ? 388 HOH A O    1 
HETATM 1447 O  O    . HOH F 5 .   ? -1.335  8.985   12.568  1.00 29.15 ? 389 HOH A O    1 
HETATM 1448 O  O    . HOH F 5 .   ? -2.284  2.080   13.792  1.00 23.05 ? 390 HOH A O    1 
HETATM 1449 O  O    . HOH F 5 .   ? 7.840   -5.556  11.063  1.00 30.44 ? 391 HOH A O    1 
HETATM 1450 O  O    . HOH F 5 .   ? 18.870  18.209  -5.135  1.00 25.62 ? 392 HOH A O    1 
HETATM 1451 O  O    . HOH F 5 .   ? 4.661   29.105  1.726   1.00 24.82 ? 393 HOH A O    1 
HETATM 1452 O  O    . HOH F 5 .   ? 8.534   -5.467  -6.109  1.00 25.14 ? 394 HOH A O    1 
HETATM 1453 O  O    . HOH F 5 .   ? 8.072   -1.243  -1.106  1.00 26.94 ? 395 HOH A O    1 
HETATM 1454 O  O    . HOH F 5 .   ? -7.970  -21.590 4.481   1.00 18.10 ? 396 HOH A O    1 
HETATM 1455 O  O    . HOH F 5 .   ? 13.021  22.500  -4.604  1.00 28.36 ? 397 HOH A O    1 
HETATM 1456 O  O    . HOH F 5 .   ? 5.794   -22.372 -8.199  1.00 30.71 ? 398 HOH A O    1 
HETATM 1457 O  O    . HOH F 5 .   ? 1.636   -21.133 -6.235  1.00 11.82 ? 399 HOH A O    1 
HETATM 1458 O  O    . HOH F 5 .   ? 5.717   -1.838  -7.842  1.00 30.63 ? 400 HOH A O    1 
HETATM 1459 O  O    . HOH F 5 .   ? 14.127  15.143  -11.638 1.00 39.24 ? 401 HOH A O    1 
HETATM 1460 O  O    . HOH F 5 .   ? -0.201  -13.761 12.831  1.00 29.09 ? 402 HOH A O    1 
HETATM 1461 O  O    . HOH F 5 .   ? -15.890 -11.792 -12.386 1.00 37.24 ? 403 HOH A O    1 
HETATM 1462 O  O    . HOH F 5 .   ? 6.081   22.196  9.264   1.00 24.14 ? 404 HOH A O    1 
HETATM 1463 O  O    . HOH F 5 .   ? 9.242   -5.891  5.930   1.00 8.10  ? 405 HOH A O    1 
HETATM 1464 O  O    . HOH F 5 .   ? 5.820   -6.407  -8.067  1.00 26.78 ? 406 HOH A O    1 
HETATM 1465 O  O    . HOH F 5 .   ? 16.069  -2.180  -3.046  1.00 31.66 ? 407 HOH A O    1 
HETATM 1466 O  O    . HOH F 5 .   ? 9.279   5.105   7.954   1.00 29.35 ? 408 HOH A O    1 
HETATM 1467 O  O    . HOH F 5 .   ? -3.737  19.568  7.017   1.00 26.38 ? 409 HOH A O    1 
HETATM 1468 O  O    . HOH F 5 .   ? -1.696  -24.284 -0.271  1.00 24.48 ? 410 HOH A O    1 
HETATM 1469 O  O    . HOH F 5 .   ? 4.313   24.347  9.748   1.00 29.45 ? 411 HOH A O    1 
HETATM 1470 O  O    . HOH F 5 .   ? 2.574   -11.832 10.300  1.00 24.94 ? 412 HOH A O    1 
HETATM 1471 O  O    . HOH F 5 .   ? 9.768   -16.303 -6.392  1.00 10.54 ? 413 HOH A O    1 
HETATM 1472 O  O    . HOH F 5 .   ? 8.036   -18.836 -1.325  1.00 30.91 ? 414 HOH A O    1 
HETATM 1473 O  O    . HOH F 5 .   ? 6.414   -2.939  12.194  1.00 35.08 ? 415 HOH A O    1 
HETATM 1474 O  O    . HOH F 5 .   ? 3.514   -15.755 4.081   1.00 22.26 ? 416 HOH A O    1 
HETATM 1475 O  O    . HOH F 5 .   ? -6.437  18.526  7.579   1.00 19.41 ? 417 HOH A O    1 
HETATM 1476 O  O    . HOH F 5 .   ? 0.993   -19.019 4.011   1.00 24.39 ? 418 HOH A O    1 
HETATM 1477 O  O    . HOH F 5 .   ? 7.242   -4.481  -3.913  1.00 28.04 ? 419 HOH A O    1 
HETATM 1478 O  O    . HOH F 5 .   ? 7.223   21.681  11.599  1.00 24.86 ? 420 HOH A O    1 
HETATM 1479 O  O    . HOH F 5 .   ? -3.434  7.146   11.358  1.00 29.42 ? 421 HOH A O    1 
HETATM 1480 O  O    . HOH F 5 .   ? 4.662   -19.486 1.606   1.00 25.20 ? 422 HOH A O    1 
HETATM 1481 O  O    . HOH F 5 .   ? -0.215  -24.244 -2.862  1.00 23.81 ? 423 HOH A O    1 
HETATM 1482 O  O    . HOH F 5 .   ? 8.344   -2.924  5.763   1.00 21.54 ? 424 HOH A O    1 
# 
loop_
_pdbx_poly_seq_scheme.asym_id 
_pdbx_poly_seq_scheme.entity_id 
_pdbx_poly_seq_scheme.seq_id 
_pdbx_poly_seq_scheme.mon_id 
_pdbx_poly_seq_scheme.ndb_seq_num 
_pdbx_poly_seq_scheme.pdb_seq_num 
_pdbx_poly_seq_scheme.auth_seq_num 
_pdbx_poly_seq_scheme.pdb_mon_id 
_pdbx_poly_seq_scheme.auth_mon_id 
_pdbx_poly_seq_scheme.pdb_strand_id 
_pdbx_poly_seq_scheme.pdb_ins_code 
_pdbx_poly_seq_scheme.hetero 
A 1 1   MET 1   1   1   MET MET A . n 
A 1 2   ASN 2   2   2   ASN ASN A . n 
A 1 3   ILE 3   3   3   ILE ILE A . n 
A 1 4   PHE 4   4   4   PHE PHE A . n 
A 1 5   GLU 5   5   5   GLU GLU A . n 
A 1 6   MET 6   6   6   MET MET A . n 
A 1 7   LEU 7   7   7   LEU LEU A . n 
A 1 8   ARG 8   8   8   ARG ARG A . n 
A 1 9   ILE 9   9   9   ILE ILE A . n 
A 1 10  ASP 10  10  10  ASP ASP A . n 
A 1 11  GLU 11  11  11  GLU GLU A . n 
A 1 12  GLY 12  12  12  GLY GLY A . n 
A 1 13  LEU 13  13  13  LEU LEU A . n 
A 1 14  ARG 14  14  14  ARG ARG A . n 
A 1 15  LEU 15  15  15  LEU LEU A . n 
A 1 16  LYS 16  16  16  LYS LYS A . n 
A 1 17  ILE 17  17  17  ILE ILE A . n 
A 1 18  TYR 18  18  18  TYR TYR A . n 
A 1 19  LYS 19  19  19  LYS LYS A . n 
A 1 20  ASP 20  20  20  ASP ASP A . n 
A 1 21  THR 21  21  21  THR THR A . n 
A 1 22  GLU 22  22  22  GLU GLU A . n 
A 1 23  GLY 23  23  23  GLY GLY A . n 
A 1 24  TYR 24  24  24  TYR TYR A . n 
A 1 25  TYR 25  25  25  TYR TYR A . n 
A 1 26  THR 26  26  26  THR THR A . n 
A 1 27  ILE 27  27  27  ILE ILE A . n 
A 1 28  GLY 28  28  28  GLY GLY A . n 
A 1 29  ILE 29  29  29  ILE ILE A . n 
A 1 30  GLY 30  30  30  GLY GLY A . n 
A 1 31  HIS 31  31  31  HIS HIS A . n 
A 1 32  LEU 32  32  32  LEU LEU A . n 
A 1 33  LEU 33  33  33  LEU LEU A . n 
A 1 34  THR 34  34  34  THR THR A . n 
A 1 35  LYS 35  35  35  LYS LYS A . n 
A 1 36  SER 36  36  36  SER SER A . n 
A 1 37  PRO 37  37  37  PRO PRO A . n 
A 1 38  SER 38  38  38  SER SER A . n 
A 1 39  LEU 39  39  39  LEU LEU A . n 
A 1 40  ASN 40  40  40  ASN ASN A . n 
A 1 41  ALA 41  41  41  ALA ALA A . n 
A 1 42  ALA 42  42  42  ALA ALA A . n 
A 1 43  LYS 43  43  43  LYS LYS A . n 
A 1 44  SER 44  44  44  SER SER A . n 
A 1 45  GLU 45  45  45  GLU GLU A . n 
A 1 46  LEU 46  46  46  LEU LEU A . n 
A 1 47  ASP 47  47  47  ASP ASP A . n 
A 1 48  LYS 48  48  48  LYS LYS A . n 
A 1 49  ALA 49  49  49  ALA ALA A . n 
A 1 50  ILE 50  50  50  ILE ILE A . n 
A 1 51  GLY 51  51  51  GLY GLY A . n 
A 1 52  ARG 52  52  52  ARG ARG A . n 
A 1 53  ASN 53  53  53  ASN ASN A . n 
A 1 54  CYS 54  54  54  CYS CYS A . n 
A 1 55  ASN 55  55  55  ASN ASN A . n 
A 1 56  GLY 56  56  56  GLY GLY A . n 
A 1 57  VAL 57  57  57  VAL VAL A . n 
A 1 58  ILE 58  58  58  ILE ILE A . n 
A 1 59  THR 59  59  59  THR THR A . n 
A 1 60  LYS 60  60  60  LYS LYS A . n 
A 1 61  ASP 61  61  61  ASP ASP A . n 
A 1 62  GLU 62  62  62  GLU GLU A . n 
A 1 63  ALA 63  63  63  ALA ALA A . n 
A 1 64  GLU 64  64  64  GLU GLU A . n 
A 1 65  LYS 65  65  65  LYS LYS A . n 
A 1 66  LEU 66  66  66  LEU LEU A . n 
A 1 67  PHE 67  67  67  PHE PHE A . n 
A 1 68  ASN 68  68  68  ASN ASN A . n 
A 1 69  GLN 69  69  69  GLN GLN A . n 
A 1 70  ASP 70  70  70  ASP ASP A . n 
A 1 71  VAL 71  71  71  VAL VAL A . n 
A 1 72  ASP 72  72  72  ASP ASP A . n 
A 1 73  ALA 73  73  73  ALA ALA A . n 
A 1 74  ALA 74  74  74  ALA ALA A . n 
A 1 75  VAL 75  75  75  VAL VAL A . n 
A 1 76  ARG 76  76  76  ARG ARG A . n 
A 1 77  GLY 77  77  77  GLY GLY A . n 
A 1 78  ILE 78  78  78  ILE ILE A . n 
A 1 79  LEU 79  79  79  LEU LEU A . n 
A 1 80  ARG 80  80  80  ARG ARG A . n 
A 1 81  ASN 81  81  81  ASN ASN A . n 
A 1 82  ALA 82  82  82  ALA ALA A . n 
A 1 83  LYS 83  83  83  LYS LYS A . n 
A 1 84  LEU 84  84  84  LEU LEU A . n 
A 1 85  LYS 85  85  85  LYS LYS A . n 
A 1 86  PRO 86  86  86  PRO PRO A . n 
A 1 87  VAL 87  87  87  VAL VAL A . n 
A 1 88  TYR 88  88  88  TYR TYR A . n 
A 1 89  ASP 89  89  89  ASP ASP A . n 
A 1 90  SER 90  90  90  SER SER A . n 
A 1 91  LEU 91  91  91  LEU LEU A . n 
A 1 92  ASP 92  92  92  ASP ASP A . n 
A 1 93  ALA 93  93  93  ALA ALA A . n 
A 1 94  VAL 94  94  94  VAL VAL A . n 
A 1 95  ARG 95  95  95  ARG ARG A . n 
A 1 96  ARG 96  96  96  ARG ARG A . n 
A 1 97  CYS 97  97  97  CYS CYS A . n 
A 1 98  ALA 98  98  98  ALA ALA A . n 
A 1 99  ALA 99  99  99  ALA ALA A . n 
A 1 100 ILE 100 100 100 ILE ILE A . n 
A 1 101 ASN 101 101 101 ASN ASN A . n 
A 1 102 MET 102 102 102 MET MET A . n 
A 1 103 VAL 103 103 103 VAL VAL A . n 
A 1 104 PHE 104 104 104 PHE PHE A . n 
A 1 105 GLN 105 105 105 GLN GLN A . n 
A 1 106 MET 106 106 106 MET MET A . n 
A 1 107 GLY 107 107 107 GLY GLY A . n 
A 1 108 GLU 108 108 108 GLU GLU A . n 
A 1 109 THR 109 109 ?   ?   ?   A . n 
A 1 110 GLY 110 110 110 GLY GLY A . n 
A 1 111 VAL 111 111 111 VAL VAL A . n 
A 1 112 ALA 112 112 112 ALA ALA A . n 
A 1 113 GLY 113 113 113 GLY GLY A . n 
A 1 114 PHE 114 114 114 PHE PHE A . n 
A 1 115 THR 115 115 115 THR THR A . n 
A 1 116 ASN 116 116 116 ASN ASN A . n 
A 1 117 SER 117 117 117 SER SER A . n 
A 1 118 LEU 118 118 118 LEU LEU A . n 
A 1 119 ARG 119 119 119 ARG ARG A . n 
A 1 120 MET 120 120 120 MET MET A . n 
A 1 121 LEU 121 121 121 LEU LEU A . n 
A 1 122 GLN 122 122 122 GLN GLN A . n 
A 1 123 GLN 123 123 123 GLN GLN A . n 
A 1 124 LYS 124 124 124 LYS LYS A . n 
A 1 125 ARG 125 125 125 ARG ARG A . n 
A 1 126 TRP 126 126 126 TRP TRP A . n 
A 1 127 ASP 127 127 127 ASP ASP A . n 
A 1 128 GLU 128 128 128 GLU GLU A . n 
A 1 129 ALA 129 129 129 ALA ALA A . n 
A 1 130 ALA 130 130 130 ALA ALA A . n 
A 1 131 VAL 131 131 131 VAL VAL A . n 
A 1 132 ASN 132 132 132 ASN ASN A . n 
A 1 133 LEU 133 133 133 LEU LEU A . n 
A 1 134 ALA 134 134 134 ALA ALA A . n 
A 1 135 LYS 135 135 135 LYS LYS A . n 
A 1 136 SER 136 136 136 SER SER A . n 
A 1 137 ARG 137 137 137 ARG ARG A . n 
A 1 138 TRP 138 138 138 TRP TRP A . n 
A 1 139 TYR 139 139 139 TYR TYR A . n 
A 1 140 ASN 140 140 140 ASN ASN A . n 
A 1 141 GLN 141 141 141 GLN GLN A . n 
A 1 142 THR 142 142 142 THR THR A . n 
A 1 143 PRO 143 143 143 PRO PRO A . n 
A 1 144 ASN 144 144 144 ASN ASN A . n 
A 1 145 ARG 145 145 145 ARG ARG A . n 
A 1 146 ALA 146 146 146 ALA ALA A . n 
A 1 147 LYS 147 147 147 LYS LYS A . n 
A 1 148 ARG 148 148 148 ARG ARG A . n 
A 1 149 VAL 149 149 149 VAL VAL A . n 
A 1 150 ILE 150 150 150 ILE ILE A . n 
A 1 151 THR 151 151 151 THR THR A . n 
A 1 152 THR 152 152 152 THR THR A . n 
A 1 153 PHE 153 153 153 PHE PHE A . n 
A 1 154 ARG 154 154 154 ARG ARG A . n 
A 1 155 THR 155 155 155 THR THR A . n 
A 1 156 GLY 156 156 156 GLY GLY A . n 
A 1 157 THR 157 157 157 THR THR A . n 
A 1 158 TRP 158 158 158 TRP TRP A . n 
A 1 159 ASP 159 159 159 ASP ASP A . n 
A 1 160 ALA 160 160 160 ALA ALA A . n 
A 1 161 TYR 161 161 161 TYR TYR A . n 
A 1 162 LYS 162 162 162 LYS LYS A . n 
A 1 163 ASN 163 163 163 ASN ASN A . n 
A 1 164 LEU 164 164 ?   ?   ?   A . n 
A 1 165 LEU 165 165 ?   ?   ?   A . n 
A 1 166 GLU 166 166 ?   ?   ?   A . n 
A 1 167 HIS 167 167 ?   ?   ?   A . n 
A 1 168 HIS 168 168 ?   ?   ?   A . n 
A 1 169 HIS 169 169 ?   ?   ?   A . n 
A 1 170 HIS 170 170 ?   ?   ?   A . n 
A 1 171 HIS 171 171 ?   ?   ?   A . n 
A 1 172 HIS 172 172 ?   ?   ?   A . n 
# 
loop_
_pdbx_nonpoly_scheme.asym_id 
_pdbx_nonpoly_scheme.entity_id 
_pdbx_nonpoly_scheme.mon_id 
_pdbx_nonpoly_scheme.ndb_seq_num 
_pdbx_nonpoly_scheme.pdb_seq_num 
_pdbx_nonpoly_scheme.auth_seq_num 
_pdbx_nonpoly_scheme.pdb_mon_id 
_pdbx_nonpoly_scheme.auth_mon_id 
_pdbx_nonpoly_scheme.pdb_strand_id 
_pdbx_nonpoly_scheme.pdb_ins_code 
B 2 BME 1   201 202 BME BME A . 
C 2 BME 1   202 204 BME BME A . 
D 3 TRS 1   203 210 TRS TRS A . 
E 4 Y87 1   204 211 Y87 LIG A . 
F 5 HOH 1   301 100 HOH HOH A . 
F 5 HOH 2   302 76  HOH HOH A . 
F 5 HOH 3   303 115 HOH HOH A . 
F 5 HOH 4   304 125 HOH HOH A . 
F 5 HOH 5   305 34  HOH HOH A . 
F 5 HOH 6   306 40  HOH HOH A . 
F 5 HOH 7   307 41  HOH HOH A . 
F 5 HOH 8   308 30  HOH HOH A . 
F 5 HOH 9   309 16  HOH HOH A . 
F 5 HOH 10  310 36  HOH HOH A . 
F 5 HOH 11  311 42  HOH HOH A . 
F 5 HOH 12  312 106 HOH HOH A . 
F 5 HOH 13  313 117 HOH HOH A . 
F 5 HOH 14  314 102 HOH HOH A . 
F 5 HOH 15  315 35  HOH HOH A . 
F 5 HOH 16  316 44  HOH HOH A . 
F 5 HOH 17  317 13  HOH HOH A . 
F 5 HOH 18  318 98  HOH HOH A . 
F 5 HOH 19  319 68  HOH HOH A . 
F 5 HOH 20  320 110 HOH HOH A . 
F 5 HOH 21  321 66  HOH HOH A . 
F 5 HOH 22  322 107 HOH HOH A . 
F 5 HOH 23  323 91  HOH HOH A . 
F 5 HOH 24  324 27  HOH HOH A . 
F 5 HOH 25  325 21  HOH HOH A . 
F 5 HOH 26  326 29  HOH HOH A . 
F 5 HOH 27  327 93  HOH HOH A . 
F 5 HOH 28  328 43  HOH HOH A . 
F 5 HOH 29  329 7   HOH HOH A . 
F 5 HOH 30  330 15  HOH HOH A . 
F 5 HOH 31  331 37  HOH HOH A . 
F 5 HOH 32  332 101 HOH HOH A . 
F 5 HOH 33  333 11  HOH HOH A . 
F 5 HOH 34  334 51  HOH HOH A . 
F 5 HOH 35  335 4   HOH HOH A . 
F 5 HOH 36  336 126 HOH HOH A . 
F 5 HOH 37  337 61  HOH HOH A . 
F 5 HOH 38  338 136 HOH HOH A . 
F 5 HOH 39  339 81  HOH HOH A . 
F 5 HOH 40  340 97  HOH HOH A . 
F 5 HOH 41  341 19  HOH HOH A . 
F 5 HOH 42  342 134 HOH HOH A . 
F 5 HOH 43  343 59  HOH HOH A . 
F 5 HOH 44  344 12  HOH HOH A . 
F 5 HOH 45  345 46  HOH HOH A . 
F 5 HOH 46  346 6   HOH HOH A . 
F 5 HOH 47  347 49  HOH HOH A . 
F 5 HOH 48  348 114 HOH HOH A . 
F 5 HOH 49  349 73  HOH HOH A . 
F 5 HOH 50  350 84  HOH HOH A . 
F 5 HOH 51  351 38  HOH HOH A . 
F 5 HOH 52  352 18  HOH HOH A . 
F 5 HOH 53  353 3   HOH HOH A . 
F 5 HOH 54  354 78  HOH HOH A . 
F 5 HOH 55  355 64  HOH HOH A . 
F 5 HOH 56  356 39  HOH HOH A . 
F 5 HOH 57  357 20  HOH HOH A . 
F 5 HOH 58  358 58  HOH HOH A . 
F 5 HOH 59  359 14  HOH HOH A . 
F 5 HOH 60  360 79  HOH HOH A . 
F 5 HOH 61  361 2   HOH HOH A . 
F 5 HOH 62  362 52  HOH HOH A . 
F 5 HOH 63  363 71  HOH HOH A . 
F 5 HOH 64  364 25  HOH HOH A . 
F 5 HOH 65  365 85  HOH HOH A . 
F 5 HOH 66  366 22  HOH HOH A . 
F 5 HOH 67  367 103 HOH HOH A . 
F 5 HOH 68  368 17  HOH HOH A . 
F 5 HOH 69  369 9   HOH HOH A . 
F 5 HOH 70  370 8   HOH HOH A . 
F 5 HOH 71  371 104 HOH HOH A . 
F 5 HOH 72  372 32  HOH HOH A . 
F 5 HOH 73  373 23  HOH HOH A . 
F 5 HOH 74  374 116 HOH HOH A . 
F 5 HOH 75  375 31  HOH HOH A . 
F 5 HOH 76  376 26  HOH HOH A . 
F 5 HOH 77  377 54  HOH HOH A . 
F 5 HOH 78  378 67  HOH HOH A . 
F 5 HOH 79  379 80  HOH HOH A . 
F 5 HOH 80  380 92  HOH HOH A . 
F 5 HOH 81  381 72  HOH HOH A . 
F 5 HOH 82  382 28  HOH HOH A . 
F 5 HOH 83  383 88  HOH HOH A . 
F 5 HOH 84  384 56  HOH HOH A . 
F 5 HOH 85  385 10  HOH HOH A . 
F 5 HOH 86  386 5   HOH HOH A . 
F 5 HOH 87  387 120 HOH HOH A . 
F 5 HOH 88  388 55  HOH HOH A . 
F 5 HOH 89  389 124 HOH HOH A . 
F 5 HOH 90  390 112 HOH HOH A . 
F 5 HOH 91  391 95  HOH HOH A . 
F 5 HOH 92  392 90  HOH HOH A . 
F 5 HOH 93  393 45  HOH HOH A . 
F 5 HOH 94  394 53  HOH HOH A . 
F 5 HOH 95  395 119 HOH HOH A . 
F 5 HOH 96  396 33  HOH HOH A . 
F 5 HOH 97  397 109 HOH HOH A . 
F 5 HOH 98  398 77  HOH HOH A . 
F 5 HOH 99  399 1   HOH HOH A . 
F 5 HOH 100 400 94  HOH HOH A . 
F 5 HOH 101 401 127 HOH HOH A . 
F 5 HOH 102 402 129 HOH HOH A . 
F 5 HOH 103 403 122 HOH HOH A . 
F 5 HOH 104 404 63  HOH HOH A . 
F 5 HOH 105 405 130 HOH HOH A . 
F 5 HOH 106 406 62  HOH HOH A . 
F 5 HOH 107 407 121 HOH HOH A . 
F 5 HOH 108 408 96  HOH HOH A . 
F 5 HOH 109 409 111 HOH HOH A . 
F 5 HOH 110 410 135 HOH HOH A . 
F 5 HOH 111 411 105 HOH HOH A . 
F 5 HOH 112 412 74  HOH HOH A . 
F 5 HOH 113 413 131 HOH HOH A . 
F 5 HOH 114 414 123 HOH HOH A . 
F 5 HOH 115 415 133 HOH HOH A . 
F 5 HOH 116 416 60  HOH HOH A . 
F 5 HOH 117 417 50  HOH HOH A . 
F 5 HOH 118 418 86  HOH HOH A . 
F 5 HOH 119 419 113 HOH HOH A . 
F 5 HOH 120 420 47  HOH HOH A . 
F 5 HOH 121 421 132 HOH HOH A . 
F 5 HOH 122 422 87  HOH HOH A . 
F 5 HOH 123 423 65  HOH HOH A . 
F 5 HOH 124 424 57  HOH HOH A . 
# 
_pdbx_struct_assembly.id                   1 
_pdbx_struct_assembly.details              author_and_software_defined_assembly 
_pdbx_struct_assembly.method_details       PISA 
_pdbx_struct_assembly.oligomeric_details   monomeric 
_pdbx_struct_assembly.oligomeric_count     1 
# 
_pdbx_struct_assembly_gen.assembly_id       1 
_pdbx_struct_assembly_gen.oper_expression   1 
_pdbx_struct_assembly_gen.asym_id_list      A,B,C,D,E,F 
# 
_pdbx_struct_oper_list.id                   1 
_pdbx_struct_oper_list.type                 'identity operation' 
_pdbx_struct_oper_list.name                 1_555 
_pdbx_struct_oper_list.symmetry_operation   x,y,z 
_pdbx_struct_oper_list.matrix[1][1]         1.0000000000 
_pdbx_struct_oper_list.matrix[1][2]         0.0000000000 
_pdbx_struct_oper_list.matrix[1][3]         0.0000000000 
_pdbx_struct_oper_list.vector[1]            0.0000000000 
_pdbx_struct_oper_list.matrix[2][1]         0.0000000000 
_pdbx_struct_oper_list.matrix[2][2]         1.0000000000 
_pdbx_struct_oper_list.matrix[2][3]         0.0000000000 
_pdbx_struct_oper_list.vector[2]            0.0000000000 
_pdbx_struct_oper_list.matrix[3][1]         0.0000000000 
_pdbx_struct_oper_list.matrix[3][2]         0.0000000000 
_pdbx_struct_oper_list.matrix[3][3]         1.0000000000 
_pdbx_struct_oper_list.vector[3]            0.0000000000 
# 
loop_
_pdbx_audit_revision_history.ordinal 
_pdbx_audit_revision_history.data_content_type 
_pdbx_audit_revision_history.major_revision 
_pdbx_audit_revision_history.minor_revision 
_pdbx_audit_revision_history.revision_date 
1 'Structure model' 1 0 2021-05-19 
2 'Structure model' 1 1 2021-12-08 
3 'Structure model' 1 2 2023-10-18 
# 
_pdbx_audit_revision_details.ordinal             1 
_pdbx_audit_revision_details.revision_ordinal    1 
_pdbx_audit_revision_details.data_content_type   'Structure model' 
_pdbx_audit_revision_details.provider            repository 
_pdbx_audit_revision_details.type                'Initial release' 
_pdbx_audit_revision_details.description         ? 
_pdbx_audit_revision_details.details             ? 
# 
loop_
_pdbx_audit_revision_group.ordinal 
_pdbx_audit_revision_group.revision_ordinal 
_pdbx_audit_revision_group.data_content_type 
_pdbx_audit_revision_group.group 
1 2 'Structure model' 'Database references'    
2 3 'Structure model' 'Data collection'        
3 3 'Structure model' 'Refinement description' 
# 
loop_
_pdbx_audit_revision_category.ordinal 
_pdbx_audit_revision_category.revision_ordinal 
_pdbx_audit_revision_category.data_content_type 
_pdbx_audit_revision_category.category 
1 2 'Structure model' citation                      
2 2 'Structure model' citation_author               
3 2 'Structure model' database_2                    
4 3 'Structure model' chem_comp_atom                
5 3 'Structure model' chem_comp_bond                
6 3 'Structure model' pdbx_initial_refinement_model 
# 
loop_
_pdbx_audit_revision_item.ordinal 
_pdbx_audit_revision_item.revision_ordinal 
_pdbx_audit_revision_item.data_content_type 
_pdbx_audit_revision_item.item 
1  2 'Structure model' '_citation.country'                   
2  2 'Structure model' '_citation.journal_abbrev'            
3  2 'Structure model' '_citation.journal_id_ASTM'           
4  2 'Structure model' '_citation.journal_id_CSD'            
5  2 'Structure model' '_citation.journal_id_ISSN'           
6  2 'Structure model' '_citation.journal_volume'            
7  2 'Structure model' '_citation.pdbx_database_id_DOI'      
8  2 'Structure model' '_citation.pdbx_database_id_PubMed'   
9  2 'Structure model' '_citation.title'                     
10 2 'Structure model' '_citation.year'                      
11 2 'Structure model' '_citation_author.identifier_ORCID'   
12 2 'Structure model' '_database_2.pdbx_DOI'                
13 2 'Structure model' '_database_2.pdbx_database_accession' 
# 
_phasing.method   MR 
# 
loop_
_software.citation_id 
_software.classification 
_software.compiler_name 
_software.compiler_version 
_software.contact_author 
_software.contact_author_email 
_software.date 
_software.description 
_software.dependencies 
_software.hardware 
_software.language 
_software.location 
_software.mods 
_software.name 
_software.os 
_software.os_version 
_software.type 
_software.version 
_software.pdbx_ordinal 
? 'data reduction'  ? ? 'Wolfgang Kabsch' Wolfgang.Kabsch@mpimf-heidelberg.mpg.de ?               ? ? ? ?          
http://www.mpimf-heidelberg.mpg.de/~kabsch/xds/     ? XDS         ? ? package .           1 
? 'data scaling'    ? ? 'Phil Evans'      ?                                       29/03/17        ? ? ? ?          
http://www.mrc-lmb.cam.ac.uk/harry/pre/aimless.html ? Aimless     ? ? program 0.5.32      2 
? phasing           ? ? 'Alexei Vaguine'  alexei@ysbl.york.ac.uk                  ?               ? ? ? Fortran_77 
http://www.ccp4.ac.uk/dist/html/molrep.html         ? MOLREP      ? ? program .           3 
? refinement        ? ? 'Paul D. Adams'   PDAdams@lbl.gov                         ?               ? ? ? C++        
http://www.phenix-online.org/                       ? PHENIX      ? ? package 1.11.1_2575 4 
? 'data extraction' ? ? PDB               deposit@deposit.rcsb.org                'Oct. 31, 2020' ? ? ? C++        
http://sw-tools.pdb.org/apps/PDB_EXTRACT/           ? PDB_EXTRACT ? ? package 3.27        5 
# 
_pdbx_entry_details.entry_id                 7LOC 
_pdbx_entry_details.has_ligand_of_interest   Y 
_pdbx_entry_details.compound_details         ? 
_pdbx_entry_details.source_details           ? 
_pdbx_entry_details.nonpolymer_details       ? 
_pdbx_entry_details.sequence_details         ? 
# 
_pdbx_validate_torsion.id              1 
_pdbx_validate_torsion.PDB_model_num   1 
_pdbx_validate_torsion.auth_comp_id    PHE 
_pdbx_validate_torsion.auth_asym_id    A 
_pdbx_validate_torsion.auth_seq_id     114 
_pdbx_validate_torsion.PDB_ins_code    ? 
_pdbx_validate_torsion.label_alt_id    C 
_pdbx_validate_torsion.phi             -71.27 
_pdbx_validate_torsion.psi             49.26 
# 
loop_
_pdbx_unobs_or_zero_occ_residues.id 
_pdbx_unobs_or_zero_occ_residues.PDB_model_num 
_pdbx_unobs_or_zero_occ_residues.polymer_flag 
_pdbx_unobs_or_zero_occ_residues.occupancy_flag 
_pdbx_unobs_or_zero_occ_residues.auth_asym_id 
_pdbx_unobs_or_zero_occ_residues.auth_comp_id 
_pdbx_unobs_or_zero_occ_residues.auth_seq_id 
_pdbx_unobs_or_zero_occ_residues.PDB_ins_code 
_pdbx_unobs_or_zero_occ_residues.label_asym_id 
_pdbx_unobs_or_zero_occ_residues.label_comp_id 
_pdbx_unobs_or_zero_occ_residues.label_seq_id 
1  1 Y 1 A THR 109 ? A THR 109 
2  1 Y 1 A LEU 164 ? A LEU 164 
3  1 Y 1 A LEU 165 ? A LEU 165 
4  1 Y 1 A GLU 166 ? A GLU 166 
5  1 Y 1 A HIS 167 ? A HIS 167 
6  1 Y 1 A HIS 168 ? A HIS 168 
7  1 Y 1 A HIS 169 ? A HIS 169 
8  1 Y 1 A HIS 170 ? A HIS 170 
9  1 Y 1 A HIS 171 ? A HIS 171 
10 1 Y 1 A HIS 172 ? A HIS 172 
# 
loop_
_chem_comp_atom.comp_id 
_chem_comp_atom.atom_id 
_chem_comp_atom.type_symbol 
_chem_comp_atom.pdbx_aromatic_flag 
_chem_comp_atom.pdbx_stereo_config 
_chem_comp_atom.pdbx_ordinal 
ALA N    N  N N 1   
ALA CA   C  N S 2   
ALA C    C  N N 3   
ALA O    O  N N 4   
ALA CB   C  N N 5   
ALA OXT  O  N N 6   
ALA H    H  N N 7   
ALA H2   H  N N 8   
ALA HA   H  N N 9   
ALA HB1  H  N N 10  
ALA HB2  H  N N 11  
ALA HB3  H  N N 12  
ALA HXT  H  N N 13  
ARG N    N  N N 14  
ARG CA   C  N S 15  
ARG C    C  N N 16  
ARG O    O  N N 17  
ARG CB   C  N N 18  
ARG CG   C  N N 19  
ARG CD   C  N N 20  
ARG NE   N  N N 21  
ARG CZ   C  N N 22  
ARG NH1  N  N N 23  
ARG NH2  N  N N 24  
ARG OXT  O  N N 25  
ARG H    H  N N 26  
ARG H2   H  N N 27  
ARG HA   H  N N 28  
ARG HB2  H  N N 29  
ARG HB3  H  N N 30  
ARG HG2  H  N N 31  
ARG HG3  H  N N 32  
ARG HD2  H  N N 33  
ARG HD3  H  N N 34  
ARG HE   H  N N 35  
ARG HH11 H  N N 36  
ARG HH12 H  N N 37  
ARG HH21 H  N N 38  
ARG HH22 H  N N 39  
ARG HXT  H  N N 40  
ASN N    N  N N 41  
ASN CA   C  N S 42  
ASN C    C  N N 43  
ASN O    O  N N 44  
ASN CB   C  N N 45  
ASN CG   C  N N 46  
ASN OD1  O  N N 47  
ASN ND2  N  N N 48  
ASN OXT  O  N N 49  
ASN H    H  N N 50  
ASN H2   H  N N 51  
ASN HA   H  N N 52  
ASN HB2  H  N N 53  
ASN HB3  H  N N 54  
ASN HD21 H  N N 55  
ASN HD22 H  N N 56  
ASN HXT  H  N N 57  
ASP N    N  N N 58  
ASP CA   C  N S 59  
ASP C    C  N N 60  
ASP O    O  N N 61  
ASP CB   C  N N 62  
ASP CG   C  N N 63  
ASP OD1  O  N N 64  
ASP OD2  O  N N 65  
ASP OXT  O  N N 66  
ASP H    H  N N 67  
ASP H2   H  N N 68  
ASP HA   H  N N 69  
ASP HB2  H  N N 70  
ASP HB3  H  N N 71  
ASP HD2  H  N N 72  
ASP HXT  H  N N 73  
BME C1   C  N N 74  
BME C2   C  N N 75  
BME O1   O  N N 76  
BME S2   S  N N 77  
BME H11  H  N N 78  
BME H12  H  N N 79  
BME H21  H  N N 80  
BME H22  H  N N 81  
BME HO1  H  N N 82  
BME HS2  H  N N 83  
CYS N    N  N N 84  
CYS CA   C  N R 85  
CYS C    C  N N 86  
CYS O    O  N N 87  
CYS CB   C  N N 88  
CYS SG   S  N N 89  
CYS OXT  O  N N 90  
CYS H    H  N N 91  
CYS H2   H  N N 92  
CYS HA   H  N N 93  
CYS HB2  H  N N 94  
CYS HB3  H  N N 95  
CYS HG   H  N N 96  
CYS HXT  H  N N 97  
GLN N    N  N N 98  
GLN CA   C  N S 99  
GLN C    C  N N 100 
GLN O    O  N N 101 
GLN CB   C  N N 102 
GLN CG   C  N N 103 
GLN CD   C  N N 104 
GLN OE1  O  N N 105 
GLN NE2  N  N N 106 
GLN OXT  O  N N 107 
GLN H    H  N N 108 
GLN H2   H  N N 109 
GLN HA   H  N N 110 
GLN HB2  H  N N 111 
GLN HB3  H  N N 112 
GLN HG2  H  N N 113 
GLN HG3  H  N N 114 
GLN HE21 H  N N 115 
GLN HE22 H  N N 116 
GLN HXT  H  N N 117 
GLU N    N  N N 118 
GLU CA   C  N S 119 
GLU C    C  N N 120 
GLU O    O  N N 121 
GLU CB   C  N N 122 
GLU CG   C  N N 123 
GLU CD   C  N N 124 
GLU OE1  O  N N 125 
GLU OE2  O  N N 126 
GLU OXT  O  N N 127 
GLU H    H  N N 128 
GLU H2   H  N N 129 
GLU HA   H  N N 130 
GLU HB2  H  N N 131 
GLU HB3  H  N N 132 
GLU HG2  H  N N 133 
GLU HG3  H  N N 134 
GLU HE2  H  N N 135 
GLU HXT  H  N N 136 
GLY N    N  N N 137 
GLY CA   C  N N 138 
GLY C    C  N N 139 
GLY O    O  N N 140 
GLY OXT  O  N N 141 
GLY H    H  N N 142 
GLY H2   H  N N 143 
GLY HA2  H  N N 144 
GLY HA3  H  N N 145 
GLY HXT  H  N N 146 
HIS N    N  N N 147 
HIS CA   C  N S 148 
HIS C    C  N N 149 
HIS O    O  N N 150 
HIS CB   C  N N 151 
HIS CG   C  Y N 152 
HIS ND1  N  Y N 153 
HIS CD2  C  Y N 154 
HIS CE1  C  Y N 155 
HIS NE2  N  Y N 156 
HIS OXT  O  N N 157 
HIS H    H  N N 158 
HIS H2   H  N N 159 
HIS HA   H  N N 160 
HIS HB2  H  N N 161 
HIS HB3  H  N N 162 
HIS HD1  H  N N 163 
HIS HD2  H  N N 164 
HIS HE1  H  N N 165 
HIS HE2  H  N N 166 
HIS HXT  H  N N 167 
HOH O    O  N N 168 
HOH H1   H  N N 169 
HOH H2   H  N N 170 
ILE N    N  N N 171 
ILE CA   C  N S 172 
ILE C    C  N N 173 
ILE O    O  N N 174 
ILE CB   C  N S 175 
ILE CG1  C  N N 176 
ILE CG2  C  N N 177 
ILE CD1  C  N N 178 
ILE OXT  O  N N 179 
ILE H    H  N N 180 
ILE H2   H  N N 181 
ILE HA   H  N N 182 
ILE HB   H  N N 183 
ILE HG12 H  N N 184 
ILE HG13 H  N N 185 
ILE HG21 H  N N 186 
ILE HG22 H  N N 187 
ILE HG23 H  N N 188 
ILE HD11 H  N N 189 
ILE HD12 H  N N 190 
ILE HD13 H  N N 191 
ILE HXT  H  N N 192 
LEU N    N  N N 193 
LEU CA   C  N S 194 
LEU C    C  N N 195 
LEU O    O  N N 196 
LEU CB   C  N N 197 
LEU CG   C  N N 198 
LEU CD1  C  N N 199 
LEU CD2  C  N N 200 
LEU OXT  O  N N 201 
LEU H    H  N N 202 
LEU H2   H  N N 203 
LEU HA   H  N N 204 
LEU HB2  H  N N 205 
LEU HB3  H  N N 206 
LEU HG   H  N N 207 
LEU HD11 H  N N 208 
LEU HD12 H  N N 209 
LEU HD13 H  N N 210 
LEU HD21 H  N N 211 
LEU HD22 H  N N 212 
LEU HD23 H  N N 213 
LEU HXT  H  N N 214 
LYS N    N  N N 215 
LYS CA   C  N S 216 
LYS C    C  N N 217 
LYS O    O  N N 218 
LYS CB   C  N N 219 
LYS CG   C  N N 220 
LYS CD   C  N N 221 
LYS CE   C  N N 222 
LYS NZ   N  N N 223 
LYS OXT  O  N N 224 
LYS H    H  N N 225 
LYS H2   H  N N 226 
LYS HA   H  N N 227 
LYS HB2  H  N N 228 
LYS HB3  H  N N 229 
LYS HG2  H  N N 230 
LYS HG3  H  N N 231 
LYS HD2  H  N N 232 
LYS HD3  H  N N 233 
LYS HE2  H  N N 234 
LYS HE3  H  N N 235 
LYS HZ1  H  N N 236 
LYS HZ2  H  N N 237 
LYS HZ3  H  N N 238 
LYS HXT  H  N N 239 
MET N    N  N N 240 
MET CA   C  N S 241 
MET C    C  N N 242 
MET O    O  N N 243 
MET CB   C  N N 244 
MET CG   C  N N 245 
MET SD   S  N N 246 
MET CE   C  N N 247 
MET OXT  O  N N 248 
MET H    H  N N 249 
MET H2   H  N N 250 
MET HA   H  N N 251 
MET HB2  H  N N 252 
MET HB3  H  N N 253 
MET HG2  H  N N 254 
MET HG3  H  N N 255 
MET HE1  H  N N 256 
MET HE2  H  N N 257 
MET HE3  H  N N 258 
MET HXT  H  N N 259 
PHE N    N  N N 260 
PHE CA   C  N S 261 
PHE C    C  N N 262 
PHE O    O  N N 263 
PHE CB   C  N N 264 
PHE CG   C  Y N 265 
PHE CD1  C  Y N 266 
PHE CD2  C  Y N 267 
PHE CE1  C  Y N 268 
PHE CE2  C  Y N 269 
PHE CZ   C  Y N 270 
PHE OXT  O  N N 271 
PHE H    H  N N 272 
PHE H2   H  N N 273 
PHE HA   H  N N 274 
PHE HB2  H  N N 275 
PHE HB3  H  N N 276 
PHE HD1  H  N N 277 
PHE HD2  H  N N 278 
PHE HE1  H  N N 279 
PHE HE2  H  N N 280 
PHE HZ   H  N N 281 
PHE HXT  H  N N 282 
PRO N    N  N N 283 
PRO CA   C  N S 284 
PRO C    C  N N 285 
PRO O    O  N N 286 
PRO CB   C  N N 287 
PRO CG   C  N N 288 
PRO CD   C  N N 289 
PRO OXT  O  N N 290 
PRO H    H  N N 291 
PRO HA   H  N N 292 
PRO HB2  H  N N 293 
PRO HB3  H  N N 294 
PRO HG2  H  N N 295 
PRO HG3  H  N N 296 
PRO HD2  H  N N 297 
PRO HD3  H  N N 298 
PRO HXT  H  N N 299 
SER N    N  N N 300 
SER CA   C  N S 301 
SER C    C  N N 302 
SER O    O  N N 303 
SER CB   C  N N 304 
SER OG   O  N N 305 
SER OXT  O  N N 306 
SER H    H  N N 307 
SER H2   H  N N 308 
SER HA   H  N N 309 
SER HB2  H  N N 310 
SER HB3  H  N N 311 
SER HG   H  N N 312 
SER HXT  H  N N 313 
THR N    N  N N 314 
THR CA   C  N S 315 
THR C    C  N N 316 
THR O    O  N N 317 
THR CB   C  N R 318 
THR OG1  O  N N 319 
THR CG2  C  N N 320 
THR OXT  O  N N 321 
THR H    H  N N 322 
THR H2   H  N N 323 
THR HA   H  N N 324 
THR HB   H  N N 325 
THR HG1  H  N N 326 
THR HG21 H  N N 327 
THR HG22 H  N N 328 
THR HG23 H  N N 329 
THR HXT  H  N N 330 
TRP N    N  N N 331 
TRP CA   C  N S 332 
TRP C    C  N N 333 
TRP O    O  N N 334 
TRP CB   C  N N 335 
TRP CG   C  Y N 336 
TRP CD1  C  Y N 337 
TRP CD2  C  Y N 338 
TRP NE1  N  Y N 339 
TRP CE2  C  Y N 340 
TRP CE3  C  Y N 341 
TRP CZ2  C  Y N 342 
TRP CZ3  C  Y N 343 
TRP CH2  C  Y N 344 
TRP OXT  O  N N 345 
TRP H    H  N N 346 
TRP H2   H  N N 347 
TRP HA   H  N N 348 
TRP HB2  H  N N 349 
TRP HB3  H  N N 350 
TRP HD1  H  N N 351 
TRP HE1  H  N N 352 
TRP HE3  H  N N 353 
TRP HZ2  H  N N 354 
TRP HZ3  H  N N 355 
TRP HH2  H  N N 356 
TRP HXT  H  N N 357 
TRS C    C  N N 358 
TRS C1   C  N N 359 
TRS C2   C  N N 360 
TRS C3   C  N N 361 
TRS N    N  N N 362 
TRS O1   O  N N 363 
TRS O2   O  N N 364 
TRS O3   O  N N 365 
TRS H11  H  N N 366 
TRS H12  H  N N 367 
TRS H21  H  N N 368 
TRS H22  H  N N 369 
TRS H31  H  N N 370 
TRS H32  H  N N 371 
TRS HN1  H  N N 372 
TRS HN2  H  N N 373 
TRS HN3  H  N N 374 
TRS HO1  H  N N 375 
TRS HO2  H  N N 376 
TRS HO3  H  N N 377 
TYR N    N  N N 378 
TYR CA   C  N S 379 
TYR C    C  N N 380 
TYR O    O  N N 381 
TYR CB   C  N N 382 
TYR CG   C  Y N 383 
TYR CD1  C  Y N 384 
TYR CD2  C  Y N 385 
TYR CE1  C  Y N 386 
TYR CE2  C  Y N 387 
TYR CZ   C  Y N 388 
TYR OH   O  N N 389 
TYR OXT  O  N N 390 
TYR H    H  N N 391 
TYR H2   H  N N 392 
TYR HA   H  N N 393 
TYR HB2  H  N N 394 
TYR HB3  H  N N 395 
TYR HD1  H  N N 396 
TYR HD2  H  N N 397 
TYR HE1  H  N N 398 
TYR HE2  H  N N 399 
TYR HH   H  N N 400 
TYR HXT  H  N N 401 
VAL N    N  N N 402 
VAL CA   C  N S 403 
VAL C    C  N N 404 
VAL O    O  N N 405 
VAL CB   C  N N 406 
VAL CG1  C  N N 407 
VAL CG2  C  N N 408 
VAL OXT  O  N N 409 
VAL H    H  N N 410 
VAL H2   H  N N 411 
VAL HA   H  N N 412 
VAL HB   H  N N 413 
VAL HG11 H  N N 414 
VAL HG12 H  N N 415 
VAL HG13 H  N N 416 
VAL HG21 H  N N 417 
VAL HG22 H  N N 418 
VAL HG23 H  N N 419 
VAL HXT  H  N N 420 
Y87 C02  C  Y N 421 
Y87 C03  C  Y N 422 
Y87 C04  C  Y N 423 
Y87 C05  C  Y N 424 
Y87 C07  C  Y N 425 
Y87 C08  C  Y N 426 
Y87 F01  F  N N 427 
Y87 BR06 BR N N 428 
Y87 H1   H  N N 429 
Y87 H2   H  N N 430 
Y87 H3   H  N N 431 
Y87 H4   H  N N 432 
# 
loop_
_chem_comp_bond.comp_id 
_chem_comp_bond.atom_id_1 
_chem_comp_bond.atom_id_2 
_chem_comp_bond.value_order 
_chem_comp_bond.pdbx_aromatic_flag 
_chem_comp_bond.pdbx_stereo_config 
_chem_comp_bond.pdbx_ordinal 
ALA N   CA   sing N N 1   
ALA N   H    sing N N 2   
ALA N   H2   sing N N 3   
ALA CA  C    sing N N 4   
ALA CA  CB   sing N N 5   
ALA CA  HA   sing N N 6   
ALA C   O    doub N N 7   
ALA C   OXT  sing N N 8   
ALA CB  HB1  sing N N 9   
ALA CB  HB2  sing N N 10  
ALA CB  HB3  sing N N 11  
ALA OXT HXT  sing N N 12  
ARG N   CA   sing N N 13  
ARG N   H    sing N N 14  
ARG N   H2   sing N N 15  
ARG CA  C    sing N N 16  
ARG CA  CB   sing N N 17  
ARG CA  HA   sing N N 18  
ARG C   O    doub N N 19  
ARG C   OXT  sing N N 20  
ARG CB  CG   sing N N 21  
ARG CB  HB2  sing N N 22  
ARG CB  HB3  sing N N 23  
ARG CG  CD   sing N N 24  
ARG CG  HG2  sing N N 25  
ARG CG  HG3  sing N N 26  
ARG CD  NE   sing N N 27  
ARG CD  HD2  sing N N 28  
ARG CD  HD3  sing N N 29  
ARG NE  CZ   sing N N 30  
ARG NE  HE   sing N N 31  
ARG CZ  NH1  sing N N 32  
ARG CZ  NH2  doub N N 33  
ARG NH1 HH11 sing N N 34  
ARG NH1 HH12 sing N N 35  
ARG NH2 HH21 sing N N 36  
ARG NH2 HH22 sing N N 37  
ARG OXT HXT  sing N N 38  
ASN N   CA   sing N N 39  
ASN N   H    sing N N 40  
ASN N   H2   sing N N 41  
ASN CA  C    sing N N 42  
ASN CA  CB   sing N N 43  
ASN CA  HA   sing N N 44  
ASN C   O    doub N N 45  
ASN C   OXT  sing N N 46  
ASN CB  CG   sing N N 47  
ASN CB  HB2  sing N N 48  
ASN CB  HB3  sing N N 49  
ASN CG  OD1  doub N N 50  
ASN CG  ND2  sing N N 51  
ASN ND2 HD21 sing N N 52  
ASN ND2 HD22 sing N N 53  
ASN OXT HXT  sing N N 54  
ASP N   CA   sing N N 55  
ASP N   H    sing N N 56  
ASP N   H2   sing N N 57  
ASP CA  C    sing N N 58  
ASP CA  CB   sing N N 59  
ASP CA  HA   sing N N 60  
ASP C   O    doub N N 61  
ASP C   OXT  sing N N 62  
ASP CB  CG   sing N N 63  
ASP CB  HB2  sing N N 64  
ASP CB  HB3  sing N N 65  
ASP CG  OD1  doub N N 66  
ASP CG  OD2  sing N N 67  
ASP OD2 HD2  sing N N 68  
ASP OXT HXT  sing N N 69  
BME C1  C2   sing N N 70  
BME C1  O1   sing N N 71  
BME C1  H11  sing N N 72  
BME C1  H12  sing N N 73  
BME C2  S2   sing N N 74  
BME C2  H21  sing N N 75  
BME C2  H22  sing N N 76  
BME O1  HO1  sing N N 77  
BME S2  HS2  sing N N 78  
CYS N   CA   sing N N 79  
CYS N   H    sing N N 80  
CYS N   H2   sing N N 81  
CYS CA  C    sing N N 82  
CYS CA  CB   sing N N 83  
CYS CA  HA   sing N N 84  
CYS C   O    doub N N 85  
CYS C   OXT  sing N N 86  
CYS CB  SG   sing N N 87  
CYS CB  HB2  sing N N 88  
CYS CB  HB3  sing N N 89  
CYS SG  HG   sing N N 90  
CYS OXT HXT  sing N N 91  
GLN N   CA   sing N N 92  
GLN N   H    sing N N 93  
GLN N   H2   sing N N 94  
GLN CA  C    sing N N 95  
GLN CA  CB   sing N N 96  
GLN CA  HA   sing N N 97  
GLN C   O    doub N N 98  
GLN C   OXT  sing N N 99  
GLN CB  CG   sing N N 100 
GLN CB  HB2  sing N N 101 
GLN CB  HB3  sing N N 102 
GLN CG  CD   sing N N 103 
GLN CG  HG2  sing N N 104 
GLN CG  HG3  sing N N 105 
GLN CD  OE1  doub N N 106 
GLN CD  NE2  sing N N 107 
GLN NE2 HE21 sing N N 108 
GLN NE2 HE22 sing N N 109 
GLN OXT HXT  sing N N 110 
GLU N   CA   sing N N 111 
GLU N   H    sing N N 112 
GLU N   H2   sing N N 113 
GLU CA  C    sing N N 114 
GLU CA  CB   sing N N 115 
GLU CA  HA   sing N N 116 
GLU C   O    doub N N 117 
GLU C   OXT  sing N N 118 
GLU CB  CG   sing N N 119 
GLU CB  HB2  sing N N 120 
GLU CB  HB3  sing N N 121 
GLU CG  CD   sing N N 122 
GLU CG  HG2  sing N N 123 
GLU CG  HG3  sing N N 124 
GLU CD  OE1  doub N N 125 
GLU CD  OE2  sing N N 126 
GLU OE2 HE2  sing N N 127 
GLU OXT HXT  sing N N 128 
GLY N   CA   sing N N 129 
GLY N   H    sing N N 130 
GLY N   H2   sing N N 131 
GLY CA  C    sing N N 132 
GLY CA  HA2  sing N N 133 
GLY CA  HA3  sing N N 134 
GLY C   O    doub N N 135 
GLY C   OXT  sing N N 136 
GLY OXT HXT  sing N N 137 
HIS N   CA   sing N N 138 
HIS N   H    sing N N 139 
HIS N   H2   sing N N 140 
HIS CA  C    sing N N 141 
HIS CA  CB   sing N N 142 
HIS CA  HA   sing N N 143 
HIS C   O    doub N N 144 
HIS C   OXT  sing N N 145 
HIS CB  CG   sing N N 146 
HIS CB  HB2  sing N N 147 
HIS CB  HB3  sing N N 148 
HIS CG  ND1  sing Y N 149 
HIS CG  CD2  doub Y N 150 
HIS ND1 CE1  doub Y N 151 
HIS ND1 HD1  sing N N 152 
HIS CD2 NE2  sing Y N 153 
HIS CD2 HD2  sing N N 154 
HIS CE1 NE2  sing Y N 155 
HIS CE1 HE1  sing N N 156 
HIS NE2 HE2  sing N N 157 
HIS OXT HXT  sing N N 158 
HOH O   H1   sing N N 159 
HOH O   H2   sing N N 160 
ILE N   CA   sing N N 161 
ILE N   H    sing N N 162 
ILE N   H2   sing N N 163 
ILE CA  C    sing N N 164 
ILE CA  CB   sing N N 165 
ILE CA  HA   sing N N 166 
ILE C   O    doub N N 167 
ILE C   OXT  sing N N 168 
ILE CB  CG1  sing N N 169 
ILE CB  CG2  sing N N 170 
ILE CB  HB   sing N N 171 
ILE CG1 CD1  sing N N 172 
ILE CG1 HG12 sing N N 173 
ILE CG1 HG13 sing N N 174 
ILE CG2 HG21 sing N N 175 
ILE CG2 HG22 sing N N 176 
ILE CG2 HG23 sing N N 177 
ILE CD1 HD11 sing N N 178 
ILE CD1 HD12 sing N N 179 
ILE CD1 HD13 sing N N 180 
ILE OXT HXT  sing N N 181 
LEU N   CA   sing N N 182 
LEU N   H    sing N N 183 
LEU N   H2   sing N N 184 
LEU CA  C    sing N N 185 
LEU CA  CB   sing N N 186 
LEU CA  HA   sing N N 187 
LEU C   O    doub N N 188 
LEU C   OXT  sing N N 189 
LEU CB  CG   sing N N 190 
LEU CB  HB2  sing N N 191 
LEU CB  HB3  sing N N 192 
LEU CG  CD1  sing N N 193 
LEU CG  CD2  sing N N 194 
LEU CG  HG   sing N N 195 
LEU CD1 HD11 sing N N 196 
LEU CD1 HD12 sing N N 197 
LEU CD1 HD13 sing N N 198 
LEU CD2 HD21 sing N N 199 
LEU CD2 HD22 sing N N 200 
LEU CD2 HD23 sing N N 201 
LEU OXT HXT  sing N N 202 
LYS N   CA   sing N N 203 
LYS N   H    sing N N 204 
LYS N   H2   sing N N 205 
LYS CA  C    sing N N 206 
LYS CA  CB   sing N N 207 
LYS CA  HA   sing N N 208 
LYS C   O    doub N N 209 
LYS C   OXT  sing N N 210 
LYS CB  CG   sing N N 211 
LYS CB  HB2  sing N N 212 
LYS CB  HB3  sing N N 213 
LYS CG  CD   sing N N 214 
LYS CG  HG2  sing N N 215 
LYS CG  HG3  sing N N 216 
LYS CD  CE   sing N N 217 
LYS CD  HD2  sing N N 218 
LYS CD  HD3  sing N N 219 
LYS CE  NZ   sing N N 220 
LYS CE  HE2  sing N N 221 
LYS CE  HE3  sing N N 222 
LYS NZ  HZ1  sing N N 223 
LYS NZ  HZ2  sing N N 224 
LYS NZ  HZ3  sing N N 225 
LYS OXT HXT  sing N N 226 
MET N   CA   sing N N 227 
MET N   H    sing N N 228 
MET N   H2   sing N N 229 
MET CA  C    sing N N 230 
MET CA  CB   sing N N 231 
MET CA  HA   sing N N 232 
MET C   O    doub N N 233 
MET C   OXT  sing N N 234 
MET CB  CG   sing N N 235 
MET CB  HB2  sing N N 236 
MET CB  HB3  sing N N 237 
MET CG  SD   sing N N 238 
MET CG  HG2  sing N N 239 
MET CG  HG3  sing N N 240 
MET SD  CE   sing N N 241 
MET CE  HE1  sing N N 242 
MET CE  HE2  sing N N 243 
MET CE  HE3  sing N N 244 
MET OXT HXT  sing N N 245 
PHE N   CA   sing N N 246 
PHE N   H    sing N N 247 
PHE N   H2   sing N N 248 
PHE CA  C    sing N N 249 
PHE CA  CB   sing N N 250 
PHE CA  HA   sing N N 251 
PHE C   O    doub N N 252 
PHE C   OXT  sing N N 253 
PHE CB  CG   sing N N 254 
PHE CB  HB2  sing N N 255 
PHE CB  HB3  sing N N 256 
PHE CG  CD1  doub Y N 257 
PHE CG  CD2  sing Y N 258 
PHE CD1 CE1  sing Y N 259 
PHE CD1 HD1  sing N N 260 
PHE CD2 CE2  doub Y N 261 
PHE CD2 HD2  sing N N 262 
PHE CE1 CZ   doub Y N 263 
PHE CE1 HE1  sing N N 264 
PHE CE2 CZ   sing Y N 265 
PHE CE2 HE2  sing N N 266 
PHE CZ  HZ   sing N N 267 
PHE OXT HXT  sing N N 268 
PRO N   CA   sing N N 269 
PRO N   CD   sing N N 270 
PRO N   H    sing N N 271 
PRO CA  C    sing N N 272 
PRO CA  CB   sing N N 273 
PRO CA  HA   sing N N 274 
PRO C   O    doub N N 275 
PRO C   OXT  sing N N 276 
PRO CB  CG   sing N N 277 
PRO CB  HB2  sing N N 278 
PRO CB  HB3  sing N N 279 
PRO CG  CD   sing N N 280 
PRO CG  HG2  sing N N 281 
PRO CG  HG3  sing N N 282 
PRO CD  HD2  sing N N 283 
PRO CD  HD3  sing N N 284 
PRO OXT HXT  sing N N 285 
SER N   CA   sing N N 286 
SER N   H    sing N N 287 
SER N   H2   sing N N 288 
SER CA  C    sing N N 289 
SER CA  CB   sing N N 290 
SER CA  HA   sing N N 291 
SER C   O    doub N N 292 
SER C   OXT  sing N N 293 
SER CB  OG   sing N N 294 
SER CB  HB2  sing N N 295 
SER CB  HB3  sing N N 296 
SER OG  HG   sing N N 297 
SER OXT HXT  sing N N 298 
THR N   CA   sing N N 299 
THR N   H    sing N N 300 
THR N   H2   sing N N 301 
THR CA  C    sing N N 302 
THR CA  CB   sing N N 303 
THR CA  HA   sing N N 304 
THR C   O    doub N N 305 
THR C   OXT  sing N N 306 
THR CB  OG1  sing N N 307 
THR CB  CG2  sing N N 308 
THR CB  HB   sing N N 309 
THR OG1 HG1  sing N N 310 
THR CG2 HG21 sing N N 311 
THR CG2 HG22 sing N N 312 
THR CG2 HG23 sing N N 313 
THR OXT HXT  sing N N 314 
TRP N   CA   sing N N 315 
TRP N   H    sing N N 316 
TRP N   H2   sing N N 317 
TRP CA  C    sing N N 318 
TRP CA  CB   sing N N 319 
TRP CA  HA   sing N N 320 
TRP C   O    doub N N 321 
TRP C   OXT  sing N N 322 
TRP CB  CG   sing N N 323 
TRP CB  HB2  sing N N 324 
TRP CB  HB3  sing N N 325 
TRP CG  CD1  doub Y N 326 
TRP CG  CD2  sing Y N 327 
TRP CD1 NE1  sing Y N 328 
TRP CD1 HD1  sing N N 329 
TRP CD2 CE2  doub Y N 330 
TRP CD2 CE3  sing Y N 331 
TRP NE1 CE2  sing Y N 332 
TRP NE1 HE1  sing N N 333 
TRP CE2 CZ2  sing Y N 334 
TRP CE3 CZ3  doub Y N 335 
TRP CE3 HE3  sing N N 336 
TRP CZ2 CH2  doub Y N 337 
TRP CZ2 HZ2  sing N N 338 
TRP CZ3 CH2  sing Y N 339 
TRP CZ3 HZ3  sing N N 340 
TRP CH2 HH2  sing N N 341 
TRP OXT HXT  sing N N 342 
TRS C   C1   sing N N 343 
TRS C   C2   sing N N 344 
TRS C   C3   sing N N 345 
TRS C   N    sing N N 346 
TRS C1  O1   sing N N 347 
TRS C1  H11  sing N N 348 
TRS C1  H12  sing N N 349 
TRS C2  O2   sing N N 350 
TRS C2  H21  sing N N 351 
TRS C2  H22  sing N N 352 
TRS C3  O3   sing N N 353 
TRS C3  H31  sing N N 354 
TRS C3  H32  sing N N 355 
TRS N   HN1  sing N N 356 
TRS N   HN2  sing N N 357 
TRS N   HN3  sing N N 358 
TRS O1  HO1  sing N N 359 
TRS O2  HO2  sing N N 360 
TRS O3  HO3  sing N N 361 
TYR N   CA   sing N N 362 
TYR N   H    sing N N 363 
TYR N   H2   sing N N 364 
TYR CA  C    sing N N 365 
TYR CA  CB   sing N N 366 
TYR CA  HA   sing N N 367 
TYR C   O    doub N N 368 
TYR C   OXT  sing N N 369 
TYR CB  CG   sing N N 370 
TYR CB  HB2  sing N N 371 
TYR CB  HB3  sing N N 372 
TYR CG  CD1  doub Y N 373 
TYR CG  CD2  sing Y N 374 
TYR CD1 CE1  sing Y N 375 
TYR CD1 HD1  sing N N 376 
TYR CD2 CE2  doub Y N 377 
TYR CD2 HD2  sing N N 378 
TYR CE1 CZ   doub Y N 379 
TYR CE1 HE1  sing N N 380 
TYR CE2 CZ   sing Y N 381 
TYR CE2 HE2  sing N N 382 
TYR CZ  OH   sing N N 383 
TYR OH  HH   sing N N 384 
TYR OXT HXT  sing N N 385 
VAL N   CA   sing N N 386 
VAL N   H    sing N N 387 
VAL N   H2   sing N N 388 
VAL CA  C    sing N N 389 
VAL CA  CB   sing N N 390 
VAL CA  HA   sing N N 391 
VAL C   O    doub N N 392 
VAL C   OXT  sing N N 393 
VAL CB  CG1  sing N N 394 
VAL CB  CG2  sing N N 395 
VAL CB  HB   sing N N 396 
VAL CG1 HG11 sing N N 397 
VAL CG1 HG12 sing N N 398 
VAL CG1 HG13 sing N N 399 
VAL CG2 HG21 sing N N 400 
VAL CG2 HG22 sing N N 401 
VAL CG2 HG23 sing N N 402 
VAL OXT HXT  sing N N 403 
Y87 F01 C02  sing N N 404 
Y87 C03 C02  doub Y N 405 
Y87 C03 C04  sing Y N 406 
Y87 C02 C08  sing Y N 407 
Y87 C04 C05  doub Y N 408 
Y87 C08 C07  doub Y N 409 
Y87 C05 C07  sing Y N 410 
Y87 C05 BR06 sing N N 411 
Y87 C03 H1   sing N N 412 
Y87 C04 H2   sing N N 413 
Y87 C07 H3   sing N N 414 
Y87 C08 H4   sing N N 415 
# 
_pdbx_audit_support.funding_organization   
'National Institutes of Health/National Institute of General Medical Sciences (NIH/NIGMS)' 
_pdbx_audit_support.country                'United States' 
_pdbx_audit_support.grant_number           ? 
_pdbx_audit_support.ordinal                1 
# 
_pdbx_entity_instance_feature.ordinal        1 
_pdbx_entity_instance_feature.comp_id        Y87 
_pdbx_entity_instance_feature.asym_id        ? 
_pdbx_entity_instance_feature.seq_num        ? 
_pdbx_entity_instance_feature.auth_comp_id   Y87 
_pdbx_entity_instance_feature.auth_asym_id   ? 
_pdbx_entity_instance_feature.auth_seq_num   ? 
_pdbx_entity_instance_feature.feature_type   'SUBJECT OF INVESTIGATION' 
_pdbx_entity_instance_feature.details        ? 
# 
loop_
_pdbx_entity_nonpoly.entity_id 
_pdbx_entity_nonpoly.name 
_pdbx_entity_nonpoly.comp_id 
2 BETA-MERCAPTOETHANOL                     BME 
3 2-AMINO-2-HYDROXYMETHYL-PROPANE-1,3-DIOL TRS 
4 1-bromanyl-4-fluoranyl-benzene           Y87 
5 water                                    HOH 
# 
_pdbx_initial_refinement_model.id               1 
_pdbx_initial_refinement_model.entity_id_list   ? 
_pdbx_initial_refinement_model.type             'experimental model' 
_pdbx_initial_refinement_model.source_name      PDB 
_pdbx_initial_refinement_model.accession_code   4W57 
_pdbx_initial_refinement_model.details          ? 
# 
_pdbx_struct_assembly_auth_evidence.id                     1 
_pdbx_struct_assembly_auth_evidence.assembly_id            1 
_pdbx_struct_assembly_auth_evidence.experimental_support   none 
_pdbx_struct_assembly_auth_evidence.details                ? 
# 
